data_8V34
#
_entry.id   8V34
#
_cell.length_a   89.885
_cell.length_b   93.674
_cell.length_c   136.760
_cell.angle_alpha   90.00
_cell.angle_beta   91.48
_cell.angle_gamma   90.00
#
_symmetry.space_group_name_H-M   'P 1 21 1'
#
_entity_poly.entity_id   1
_entity_poly.type   'polypeptide(L)'
_entity_poly.pdbx_seq_one_letter_code
;MTKTKQAIHIDNIYWERVQLYIEGHSEGVDLTSGQFVLRNLTETKTLEANEMKIDGNTFICRFNVAILDDGYYLPMDKYL
FVYHDQLEYIGQLNPNIIDQAYAALNEEQIEEYNELTTQNGKVNYLLAYDAKVFRKGGVSQHTVYTITPEIASDVNEFVF
DIEITLPQEKSGGSLVPR
;
_entity_poly.pdbx_strand_id   B,A,C,D,E,F,G,H,I,J
#
# COMPACT_ATOMS: atom_id res chain seq x y z
N LYS A 5 27.74 -1.12 15.38
CA LYS A 5 27.69 -2.57 15.49
C LYS A 5 26.63 -3.14 14.56
N GLN A 6 26.45 -4.46 14.61
CA GLN A 6 25.38 -5.14 13.88
C GLN A 6 24.54 -5.91 14.90
N ALA A 7 23.30 -5.47 15.11
CA ALA A 7 22.43 -6.07 16.10
C ALA A 7 20.99 -5.71 15.75
N ILE A 8 20.06 -6.24 16.55
CA ILE A 8 18.63 -5.97 16.41
C ILE A 8 18.26 -4.89 17.41
N HIS A 9 17.55 -3.86 16.95
CA HIS A 9 17.19 -2.72 17.79
C HIS A 9 15.68 -2.69 17.98
N ILE A 10 15.25 -2.40 19.20
CA ILE A 10 13.83 -2.27 19.54
C ILE A 10 13.50 -0.78 19.60
N ASP A 11 12.60 -0.33 18.73
CA ASP A 11 12.27 1.08 18.61
C ASP A 11 10.97 1.46 19.33
N ASN A 12 9.98 0.58 19.36
CA ASN A 12 8.70 0.91 19.95
C ASN A 12 8.03 -0.34 20.50
N ILE A 13 7.31 -0.18 21.60
CA ILE A 13 6.58 -1.26 22.26
C ILE A 13 5.19 -0.76 22.61
N TYR A 14 4.16 -1.51 22.21
CA TYR A 14 2.79 -1.16 22.54
C TYR A 14 1.94 -2.42 22.59
N TRP A 15 0.69 -2.25 23.04
CA TRP A 15 -0.21 -3.37 23.27
C TRP A 15 -1.55 -3.10 22.59
N GLU A 16 -2.16 -4.17 22.09
CA GLU A 16 -3.56 -4.18 21.64
C GLU A 16 -4.26 -5.35 22.31
N ARG A 17 -5.07 -5.06 23.33
CA ARG A 17 -5.70 -6.07 24.19
C ARG A 17 -4.59 -6.87 24.86
N VAL A 18 -4.45 -8.17 24.60
CA VAL A 18 -3.41 -8.98 25.24
C VAL A 18 -2.17 -9.11 24.36
N GLN A 19 -2.23 -8.67 23.11
CA GLN A 19 -1.14 -8.88 22.16
C GLN A 19 -0.06 -7.83 22.34
N LEU A 20 1.18 -8.28 22.41
CA LEU A 20 2.34 -7.40 22.57
C LEU A 20 2.99 -7.19 21.20
N TYR A 21 3.06 -5.94 20.78
CA TYR A 21 3.68 -5.56 19.51
C TYR A 21 5.07 -5.01 19.78
N ILE A 22 6.05 -5.46 19.02
CA ILE A 22 7.42 -4.99 19.12
C ILE A 22 7.87 -4.51 17.75
N GLU A 23 8.19 -3.23 17.64
CA GLU A 23 8.66 -2.62 16.40
C GLU A 23 10.15 -2.31 16.52
N GLY A 24 10.89 -2.57 15.45
CA GLY A 24 12.30 -2.29 15.46
C GLY A 24 12.89 -2.36 14.07
N HIS A 25 14.22 -2.28 14.01
CA HIS A 25 14.95 -2.34 12.76
C HIS A 25 16.24 -3.11 12.97
N SER A 26 16.88 -3.47 11.86
CA SER A 26 18.13 -4.22 11.88
C SER A 26 19.28 -3.30 11.44
N GLU A 27 20.43 -3.44 12.09
CA GLU A 27 21.63 -2.69 11.76
C GLU A 27 22.70 -3.59 11.13
N GLY A 28 22.29 -4.61 10.40
CA GLY A 28 23.26 -5.46 9.72
C GLY A 28 22.83 -6.90 9.57
N VAL A 29 21.72 -7.27 10.19
CA VAL A 29 21.22 -8.64 10.16
C VAL A 29 20.21 -8.79 9.03
N ASP A 30 20.28 -9.92 8.32
CA ASP A 30 19.34 -10.21 7.25
C ASP A 30 18.08 -10.81 7.86
N LEU A 31 16.94 -10.14 7.69
CA LEU A 31 15.72 -10.46 8.39
C LEU A 31 14.81 -11.43 7.64
N THR A 32 15.20 -11.89 6.45
CA THR A 32 14.29 -12.67 5.63
C THR A 32 14.27 -14.15 5.97
N SER A 33 15.28 -14.66 6.68
CA SER A 33 15.39 -16.10 6.95
C SER A 33 15.18 -16.46 8.40
N GLY A 34 15.20 -15.49 9.31
CA GLY A 34 15.24 -15.73 10.74
C GLY A 34 13.88 -15.67 11.42
N GLN A 35 13.79 -16.35 12.55
CA GLN A 35 12.57 -16.44 13.35
C GLN A 35 12.69 -15.54 14.57
N PHE A 36 11.78 -14.58 14.71
CA PHE A 36 11.73 -13.75 15.91
C PHE A 36 11.00 -14.52 17.02
N VAL A 37 11.55 -14.47 18.23
CA VAL A 37 11.01 -15.21 19.36
C VAL A 37 11.24 -14.42 20.64
N LEU A 38 10.44 -14.74 21.66
CA LEU A 38 10.70 -14.32 23.03
C LEU A 38 11.22 -15.53 23.79
N ARG A 39 12.45 -15.42 24.30
CA ARG A 39 13.11 -16.53 24.99
C ARG A 39 13.54 -16.08 26.37
N ASN A 40 13.24 -16.89 27.38
CA ASN A 40 13.66 -16.55 28.73
C ASN A 40 15.16 -16.78 28.91
N LEU A 41 15.68 -16.21 29.99
CA LEU A 41 17.13 -16.26 30.23
C LEU A 41 17.63 -17.69 30.41
N THR A 42 16.77 -18.57 30.92
CA THR A 42 17.15 -19.97 31.18
C THR A 42 17.03 -20.86 29.95
N GLU A 43 16.56 -20.33 28.81
CA GLU A 43 16.42 -21.09 27.57
C GLU A 43 15.49 -22.30 27.74
N THR A 44 14.56 -22.23 28.69
CA THR A 44 13.64 -23.33 28.92
C THR A 44 12.25 -23.08 28.35
N LYS A 45 11.89 -21.83 28.07
CA LYS A 45 10.62 -21.50 27.43
C LYS A 45 10.86 -20.51 26.31
N THR A 46 10.28 -20.80 25.15
CA THR A 46 10.41 -19.94 23.97
C THR A 46 9.02 -19.70 23.39
N LEU A 47 8.75 -18.44 23.03
CA LEU A 47 7.45 -18.04 22.53
C LEU A 47 7.59 -17.47 21.13
N GLU A 48 6.96 -18.13 20.16
CA GLU A 48 7.04 -17.70 18.77
C GLU A 48 6.06 -16.56 18.49
N ALA A 49 6.41 -15.72 17.51
CA ALA A 49 5.55 -14.65 17.08
C ALA A 49 4.43 -15.16 16.20
N ASN A 50 3.22 -14.67 16.44
CA ASN A 50 2.07 -15.03 15.62
C ASN A 50 1.93 -14.14 14.39
N GLU A 51 2.62 -12.99 14.36
CA GLU A 51 2.66 -12.11 13.21
C GLU A 51 4.05 -11.52 13.08
N MET A 52 4.56 -11.48 11.85
CA MET A 52 5.90 -10.99 11.57
C MET A 52 5.87 -10.27 10.23
N LYS A 53 5.89 -8.93 10.29
CA LYS A 53 5.88 -8.09 9.09
C LYS A 53 7.26 -7.49 8.91
N ILE A 54 7.90 -7.79 7.78
CA ILE A 54 9.22 -7.26 7.45
C ILE A 54 9.04 -6.26 6.33
N ASP A 55 9.69 -5.10 6.47
CA ASP A 55 9.67 -4.04 5.45
C ASP A 55 11.09 -3.48 5.35
N GLY A 56 11.88 -4.03 4.44
CA GLY A 56 13.27 -3.65 4.32
C GLY A 56 14.08 -4.07 5.52
N ASN A 57 14.64 -3.11 6.24
CA ASN A 57 15.38 -3.38 7.48
C ASN A 57 14.52 -3.20 8.73
N THR A 58 13.23 -2.93 8.56
CA THR A 58 12.30 -2.71 9.67
C THR A 58 11.40 -3.92 9.86
N PHE A 59 10.96 -4.14 11.10
CA PHE A 59 10.14 -5.28 11.42
C PHE A 59 9.13 -4.92 12.49
N ILE A 60 7.99 -5.61 12.48
CA ILE A 60 7.01 -5.56 13.55
C ILE A 60 6.61 -6.99 13.89
N CYS A 61 6.56 -7.31 15.19
CA CYS A 61 6.26 -8.65 15.65
C CYS A 61 5.17 -8.59 16.70
N ARG A 62 4.34 -9.64 16.73
CA ARG A 62 3.22 -9.74 17.67
C ARG A 62 3.35 -11.04 18.46
N PHE A 63 3.19 -10.94 19.78
CA PHE A 63 3.28 -12.09 20.66
C PHE A 63 2.07 -12.16 21.56
N ASN A 64 1.53 -13.37 21.74
CA ASN A 64 0.43 -13.62 22.67
C ASN A 64 1.05 -14.26 23.92
N VAL A 65 1.38 -13.42 24.90
CA VAL A 65 2.05 -13.89 26.11
C VAL A 65 1.12 -14.63 27.05
N ALA A 66 -0.19 -14.53 26.85
CA ALA A 66 -1.15 -15.10 27.80
C ALA A 66 -1.16 -16.62 27.81
N ILE A 67 -0.47 -17.29 26.89
CA ILE A 67 -0.42 -18.74 26.87
C ILE A 67 0.59 -19.33 27.85
N LEU A 68 1.42 -18.49 28.48
CA LEU A 68 2.51 -19.00 29.32
C LEU A 68 2.02 -19.68 30.60
N ASP A 69 0.77 -19.48 31.00
CA ASP A 69 0.24 -20.16 32.18
C ASP A 69 -0.54 -21.41 31.84
N ASP A 70 -0.66 -21.75 30.55
CA ASP A 70 -1.35 -22.97 30.15
C ASP A 70 -0.57 -24.21 30.53
N GLY A 71 0.73 -24.09 30.78
CA GLY A 71 1.53 -25.22 31.20
C GLY A 71 2.23 -24.96 32.51
N TYR A 72 3.49 -25.40 32.62
CA TYR A 72 4.29 -25.17 33.82
C TYR A 72 5.02 -23.84 33.69
N TYR A 73 4.94 -23.01 34.72
CA TYR A 73 5.39 -21.63 34.63
C TYR A 73 6.01 -21.17 35.94
N LEU A 74 7.01 -20.29 35.83
CA LEU A 74 7.67 -19.65 36.96
C LEU A 74 7.03 -18.29 37.21
N PRO A 75 6.69 -17.93 38.46
CA PRO A 75 6.02 -16.65 38.70
C PRO A 75 6.92 -15.43 38.61
N MET A 76 8.19 -15.59 38.23
CA MET A 76 9.11 -14.45 38.10
C MET A 76 10.15 -14.83 37.05
N ASP A 77 9.87 -14.45 35.80
CA ASP A 77 10.64 -14.92 34.66
C ASP A 77 10.84 -13.78 33.67
N LYS A 78 12.09 -13.58 33.24
CA LYS A 78 12.47 -12.51 32.33
C LYS A 78 12.73 -13.09 30.96
N TYR A 79 12.18 -12.44 29.93
CA TYR A 79 12.22 -12.93 28.56
C TYR A 79 12.97 -11.96 27.67
N LEU A 80 13.93 -12.47 26.91
CA LEU A 80 14.62 -11.68 25.91
C LEU A 80 13.87 -11.68 24.60
N PHE A 81 13.97 -10.57 23.87
CA PHE A 81 13.47 -10.49 22.51
C PHE A 81 14.64 -10.76 21.57
N VAL A 82 14.55 -11.86 20.82
CA VAL A 82 15.69 -12.38 20.10
C VAL A 82 15.31 -12.68 18.65
N TYR A 83 16.26 -12.48 17.75
CA TYR A 83 16.13 -12.85 16.35
C TYR A 83 17.06 -14.03 16.10
N HIS A 84 16.49 -15.20 15.82
CA HIS A 84 17.24 -16.43 15.66
C HIS A 84 17.37 -16.75 14.18
N ASP A 85 18.59 -16.65 13.66
CA ASP A 85 18.89 -17.08 12.30
C ASP A 85 19.94 -18.19 12.36
N GLN A 86 21.17 -17.89 11.93
CA GLN A 86 22.30 -18.76 12.22
C GLN A 86 22.93 -18.44 13.56
N LEU A 87 22.80 -17.19 14.01
CA LEU A 87 23.22 -16.77 15.33
C LEU A 87 22.07 -16.03 16.00
N GLU A 88 21.89 -16.26 17.30
CA GLU A 88 20.88 -15.53 18.06
C GLU A 88 21.33 -14.08 18.27
N TYR A 89 20.41 -13.15 17.99
CA TYR A 89 20.67 -11.72 18.14
C TYR A 89 19.67 -11.19 19.17
N ILE A 90 20.19 -10.58 20.24
CA ILE A 90 19.36 -10.06 21.30
C ILE A 90 19.02 -8.61 20.97
N GLY A 91 17.74 -8.28 21.10
CA GLY A 91 17.31 -6.92 20.77
C GLY A 91 17.86 -5.90 21.75
N GLN A 92 18.26 -4.76 21.21
CA GLN A 92 18.80 -3.67 22.01
C GLN A 92 17.78 -2.53 22.05
N LEU A 93 17.64 -1.94 23.24
CA LEU A 93 16.64 -0.90 23.44
C LEU A 93 17.13 0.43 22.88
N ASN A 94 16.25 1.13 22.17
CA ASN A 94 16.61 2.42 21.62
C ASN A 94 16.68 3.47 22.73
N PRO A 95 17.78 4.20 22.86
CA PRO A 95 17.86 5.23 23.92
C PRO A 95 16.82 6.32 23.78
N ASN A 96 16.21 6.48 22.60
CA ASN A 96 15.15 7.47 22.44
C ASN A 96 13.97 7.15 23.34
N ILE A 97 13.68 5.87 23.59
CA ILE A 97 12.58 5.51 24.46
C ILE A 97 12.86 5.96 25.89
N ILE A 98 14.08 5.74 26.39
CA ILE A 98 14.38 6.17 27.75
C ILE A 98 14.42 7.69 27.84
N ASP A 99 14.87 8.37 26.77
CA ASP A 99 14.87 9.83 26.80
C ASP A 99 13.45 10.40 26.80
N GLN A 100 12.54 9.78 26.03
CA GLN A 100 11.15 10.20 26.07
C GLN A 100 10.50 9.87 27.40
N ALA A 101 10.88 8.76 28.02
CA ALA A 101 10.39 8.44 29.36
C ALA A 101 10.88 9.44 30.39
N TYR A 102 12.08 10.01 30.18
CA TYR A 102 12.57 11.04 31.08
C TYR A 102 11.67 12.27 31.10
N ALA A 103 10.95 12.52 30.01
CA ALA A 103 10.01 13.65 29.94
C ALA A 103 8.84 13.36 30.88
N ALA A 104 9.07 13.60 32.16
CA ALA A 104 8.10 13.28 33.21
C ALA A 104 7.74 14.55 33.99
N LEU A 105 7.05 14.36 35.10
CA LEU A 105 6.63 15.46 35.96
C LEU A 105 7.80 15.92 36.84
N ASN A 106 7.54 16.93 37.66
CA ASN A 106 8.53 17.37 38.63
C ASN A 106 8.62 16.39 39.80
N GLU A 107 7.46 15.98 40.32
CA GLU A 107 7.43 14.94 41.34
C GLU A 107 8.12 13.67 40.86
N GLU A 108 7.80 13.25 39.62
CA GLU A 108 8.45 12.08 39.05
C GLU A 108 9.93 12.33 38.78
N GLN A 109 10.30 13.59 38.52
CA GLN A 109 11.70 13.92 38.29
C GLN A 109 12.51 13.68 39.57
N ILE A 110 12.08 14.27 40.68
CA ILE A 110 12.78 14.08 41.95
C ILE A 110 12.64 12.64 42.44
N GLU A 111 11.57 11.95 42.05
CA GLU A 111 11.42 10.53 42.39
C GLU A 111 12.48 9.70 41.67
N GLU A 112 12.72 10.00 40.40
CA GLU A 112 13.73 9.29 39.64
C GLU A 112 15.14 9.64 40.13
N TYR A 113 15.34 10.86 40.63
CA TYR A 113 16.67 11.18 41.17
C TYR A 113 16.90 10.58 42.55
N ASN A 114 15.85 10.10 43.23
CA ASN A 114 16.04 9.35 44.46
C ASN A 114 16.59 7.96 44.21
N GLU A 115 16.61 7.51 42.95
CA GLU A 115 17.23 6.22 42.64
C GLU A 115 18.72 6.24 42.97
N LEU A 116 19.42 7.26 42.46
CA LEU A 116 20.82 7.51 42.79
C LEU A 116 21.69 6.28 42.58
N THR A 117 21.78 5.44 43.63
CA THR A 117 22.59 4.25 43.71
C THR A 117 23.04 3.67 42.38
N THR A 118 22.12 3.10 41.61
CA THR A 118 22.45 2.39 40.39
C THR A 118 21.78 3.04 39.19
N GLN A 119 22.54 3.13 38.09
CA GLN A 119 21.96 3.54 36.81
C GLN A 119 20.87 2.59 36.36
N ASN A 120 21.04 1.30 36.65
CA ASN A 120 20.04 0.30 36.28
C ASN A 120 18.68 0.66 36.85
N GLY A 121 18.61 0.92 38.16
CA GLY A 121 17.33 1.23 38.77
C GLY A 121 16.70 2.46 38.17
N LYS A 122 17.53 3.42 37.73
CA LYS A 122 17.00 4.61 37.05
C LYS A 122 16.34 4.24 35.73
N VAL A 123 17.01 3.43 34.91
CA VAL A 123 16.42 3.09 33.61
C VAL A 123 15.21 2.17 33.78
N ASN A 124 15.24 1.30 34.78
CA ASN A 124 14.10 0.42 35.04
C ASN A 124 12.90 1.22 35.54
N TYR A 125 13.13 2.24 36.36
CA TYR A 125 12.04 3.11 36.78
C TYR A 125 11.47 3.86 35.59
N LEU A 126 12.32 4.32 34.68
CA LEU A 126 11.83 5.01 33.49
C LEU A 126 11.02 4.07 32.59
N LEU A 127 11.46 2.81 32.48
CA LEU A 127 10.78 1.84 31.62
C LEU A 127 9.47 1.33 32.22
N ALA A 128 9.38 1.28 33.55
CA ALA A 128 8.19 0.76 34.21
C ALA A 128 6.92 1.51 33.83
N TYR A 129 7.03 2.74 33.32
CA TYR A 129 5.85 3.49 32.91
C TYR A 129 5.12 2.86 31.73
N ASP A 130 5.70 1.84 31.08
CA ASP A 130 5.07 1.16 29.97
C ASP A 130 4.72 -0.30 30.30
N ALA A 131 4.54 -0.60 31.59
CA ALA A 131 4.17 -1.95 31.97
C ALA A 131 2.70 -2.20 31.65
N LYS A 132 2.36 -3.48 31.49
CA LYS A 132 1.00 -3.89 31.15
C LYS A 132 0.51 -4.90 32.17
N VAL A 133 -0.72 -4.70 32.64
CA VAL A 133 -1.35 -5.61 33.59
C VAL A 133 -2.74 -5.98 33.09
N PHE A 134 -3.06 -7.26 33.12
CA PHE A 134 -4.39 -7.72 32.76
C PHE A 134 -4.64 -9.06 33.43
N ARG A 135 -5.89 -9.50 33.39
CA ARG A 135 -6.30 -10.76 34.01
C ARG A 135 -6.87 -11.70 32.96
N LYS A 136 -6.73 -13.00 33.23
CA LYS A 136 -7.23 -14.06 32.35
C LYS A 136 -8.43 -14.72 33.02
N GLY A 137 -9.61 -14.54 32.42
CA GLY A 137 -10.85 -15.08 32.95
C GLY A 137 -11.44 -16.17 32.07
N GLY A 138 -12.71 -16.46 32.33
CA GLY A 138 -13.39 -17.55 31.67
C GLY A 138 -12.82 -18.94 31.91
N VAL A 139 -11.88 -19.09 32.85
CA VAL A 139 -11.25 -20.38 33.12
C VAL A 139 -11.51 -20.81 34.57
N SER A 140 -10.83 -21.87 35.01
CA SER A 140 -11.00 -22.34 36.37
C SER A 140 -10.25 -21.49 37.39
N GLN A 141 -9.07 -20.99 37.03
CA GLN A 141 -8.30 -20.11 37.90
C GLN A 141 -8.04 -18.79 37.18
N HIS A 142 -8.47 -17.69 37.79
CA HIS A 142 -8.22 -16.37 37.22
C HIS A 142 -6.85 -15.90 37.68
N THR A 143 -6.01 -15.52 36.73
CA THR A 143 -4.64 -15.14 37.00
C THR A 143 -4.35 -13.73 36.51
N VAL A 144 -3.43 -13.06 37.19
CA VAL A 144 -3.02 -11.70 36.85
C VAL A 144 -1.70 -11.75 36.11
N TYR A 145 -1.68 -11.19 34.90
CA TYR A 145 -0.47 -11.08 34.10
C TYR A 145 0.11 -9.68 34.27
N THR A 146 1.36 -9.60 34.73
CA THR A 146 2.07 -8.34 34.84
C THR A 146 3.35 -8.44 34.00
N ILE A 147 3.42 -7.62 32.95
CA ILE A 147 4.57 -7.61 32.03
C ILE A 147 5.25 -6.25 32.18
N THR A 148 6.50 -6.26 32.59
CA THR A 148 7.25 -5.05 32.87
C THR A 148 8.52 -5.00 32.04
N PRO A 149 8.69 -4.02 31.15
CA PRO A 149 9.97 -3.88 30.46
C PRO A 149 11.03 -3.33 31.42
N GLU A 150 12.22 -3.92 31.36
CA GLU A 150 13.30 -3.54 32.25
C GLU A 150 14.61 -4.06 31.68
N ILE A 151 15.71 -3.54 32.21
CA ILE A 151 17.05 -4.02 31.87
C ILE A 151 17.49 -5.01 32.94
N ALA A 152 17.75 -6.25 32.54
CA ALA A 152 18.15 -7.31 33.46
C ALA A 152 19.62 -7.10 33.83
N SER A 153 19.86 -6.72 35.09
CA SER A 153 21.23 -6.45 35.54
C SER A 153 22.11 -7.69 35.54
N ASP A 154 21.53 -8.88 35.50
CA ASP A 154 22.33 -10.10 35.55
C ASP A 154 23.02 -10.39 34.21
N VAL A 155 22.58 -9.76 33.13
CA VAL A 155 23.16 -10.00 31.81
C VAL A 155 23.34 -8.69 31.07
N ASN A 156 22.80 -7.60 31.64
CA ASN A 156 22.86 -6.27 31.03
C ASN A 156 22.20 -6.29 29.64
N GLU A 157 20.99 -6.84 29.58
CA GLU A 157 20.21 -6.92 28.36
C GLU A 157 18.77 -6.56 28.66
N PHE A 158 18.09 -6.01 27.66
CA PHE A 158 16.68 -5.68 27.81
C PHE A 158 15.82 -6.95 27.84
N VAL A 159 14.85 -6.98 28.75
CA VAL A 159 13.99 -8.12 28.96
C VAL A 159 12.59 -7.64 29.31
N PHE A 160 11.62 -8.52 29.09
CA PHE A 160 10.26 -8.34 29.59
C PHE A 160 10.14 -9.14 30.87
N ASP A 161 10.00 -8.46 32.00
CA ASP A 161 9.83 -9.12 33.29
C ASP A 161 8.37 -9.49 33.47
N ILE A 162 8.07 -10.77 33.35
CA ILE A 162 6.70 -11.29 33.43
C ILE A 162 6.54 -11.99 34.77
N GLU A 163 5.51 -11.60 35.52
CA GLU A 163 5.12 -12.27 36.76
C GLU A 163 3.65 -12.65 36.65
N ILE A 164 3.37 -13.94 36.81
CA ILE A 164 2.02 -14.48 36.70
C ILE A 164 1.60 -14.89 38.11
N THR A 165 0.64 -14.16 38.68
CA THR A 165 0.22 -14.36 40.06
C THR A 165 -1.30 -14.45 40.14
N LEU A 166 -1.79 -14.83 41.33
CA LEU A 166 -3.20 -14.82 41.65
C LEU A 166 -3.58 -13.47 42.24
N PRO A 167 -4.84 -13.04 42.07
CA PRO A 167 -5.24 -11.76 42.66
C PRO A 167 -4.99 -11.65 44.15
N GLN A 168 -5.17 -12.75 44.90
CA GLN A 168 -4.88 -12.77 46.34
C GLN A 168 -3.50 -12.19 46.64
N GLU A 169 -2.49 -12.54 45.85
CA GLU A 169 -1.10 -12.18 46.15
C GLU A 169 -0.86 -10.67 46.10
N LYS B 3 -3.23 0.32 -17.30
CA LYS B 3 -2.24 0.15 -16.24
C LYS B 3 -2.10 -1.32 -15.86
N THR B 4 -1.87 -1.57 -14.58
CA THR B 4 -1.72 -2.93 -14.06
C THR B 4 -2.71 -3.16 -12.93
N LYS B 5 -3.34 -4.33 -12.93
CA LYS B 5 -4.37 -4.64 -11.97
C LYS B 5 -3.80 -4.84 -10.57
N GLN B 6 -4.51 -4.32 -9.57
CA GLN B 6 -4.19 -4.60 -8.17
C GLN B 6 -4.78 -5.95 -7.79
N ALA B 7 -3.93 -6.90 -7.43
CA ALA B 7 -4.40 -8.25 -7.17
C ALA B 7 -3.52 -8.93 -6.13
N ILE B 8 -4.12 -9.89 -5.42
CA ILE B 8 -3.39 -10.77 -4.51
C ILE B 8 -3.22 -12.11 -5.20
N HIS B 9 -1.99 -12.62 -5.21
CA HIS B 9 -1.65 -13.84 -5.93
C HIS B 9 -1.27 -14.94 -4.96
N ILE B 10 -1.75 -16.16 -5.25
CA ILE B 10 -1.40 -17.35 -4.48
C ILE B 10 -0.34 -18.11 -5.26
N ASP B 11 0.85 -18.24 -4.67
CA ASP B 11 1.98 -18.85 -5.34
C ASP B 11 2.21 -20.30 -4.96
N ASN B 12 1.93 -20.68 -3.71
CA ASN B 12 2.17 -22.03 -3.25
C ASN B 12 1.20 -22.36 -2.13
N ILE B 13 0.79 -23.63 -2.09
CA ILE B 13 -0.11 -24.14 -1.06
C ILE B 13 0.44 -25.47 -0.57
N TYR B 14 0.58 -25.61 0.75
CA TYR B 14 1.05 -26.86 1.33
C TYR B 14 0.48 -27.01 2.73
N TRP B 15 0.70 -28.19 3.31
CA TRP B 15 0.10 -28.57 4.58
C TRP B 15 1.14 -29.13 5.53
N GLU B 16 0.90 -28.91 6.83
CA GLU B 16 1.58 -29.63 7.90
C GLU B 16 0.46 -30.21 8.76
N ARG B 17 0.09 -31.47 8.49
CA ARG B 17 -1.07 -32.09 9.11
C ARG B 17 -2.32 -31.27 8.88
N VAL B 18 -2.82 -30.62 9.93
CA VAL B 18 -4.07 -29.87 9.83
C VAL B 18 -3.85 -28.41 9.46
N GLN B 19 -2.61 -27.91 9.50
CA GLN B 19 -2.34 -26.51 9.23
C GLN B 19 -2.20 -26.30 7.73
N LEU B 20 -2.94 -25.33 7.20
CA LEU B 20 -2.91 -25.01 5.77
C LEU B 20 -2.04 -23.78 5.55
N TYR B 21 -0.98 -23.94 4.75
CA TYR B 21 -0.07 -22.86 4.43
C TYR B 21 -0.36 -22.32 3.03
N ILE B 22 -0.44 -21.00 2.92
CA ILE B 22 -0.67 -20.33 1.64
C ILE B 22 0.42 -19.30 1.44
N GLU B 23 1.22 -19.47 0.40
CA GLU B 23 2.29 -18.53 0.06
C GLU B 23 1.91 -17.75 -1.18
N GLY B 24 2.20 -16.45 -1.16
CA GLY B 24 1.89 -15.62 -2.30
C GLY B 24 2.57 -14.28 -2.22
N HIS B 25 2.20 -13.40 -3.14
CA HIS B 25 2.73 -12.04 -3.18
C HIS B 25 1.62 -11.08 -3.59
N SER B 26 1.86 -9.79 -3.38
CA SER B 26 0.90 -8.75 -3.70
C SER B 26 1.40 -7.92 -4.88
N GLU B 27 0.48 -7.56 -5.78
CA GLU B 27 0.78 -6.68 -6.91
C GLU B 27 0.04 -5.37 -6.70
N GLY B 28 0.67 -4.44 -5.95
CA GLY B 28 0.13 -3.13 -5.76
C GLY B 28 -0.70 -2.93 -4.51
N VAL B 29 -0.98 -3.98 -3.76
CA VAL B 29 -1.83 -3.87 -2.58
C VAL B 29 -0.97 -3.68 -1.34
N ASP B 30 -1.42 -2.79 -0.45
CA ASP B 30 -0.73 -2.53 0.82
C ASP B 30 -1.07 -3.65 1.78
N LEU B 31 -0.06 -4.44 2.17
CA LEU B 31 -0.26 -5.58 3.04
C LEU B 31 -0.07 -5.25 4.52
N THR B 32 0.23 -4.00 4.86
CA THR B 32 0.54 -3.65 6.24
C THR B 32 -0.70 -3.43 7.10
N SER B 33 -1.85 -3.14 6.49
CA SER B 33 -3.04 -2.77 7.24
C SER B 33 -4.13 -3.84 7.20
N GLY B 34 -3.92 -4.94 6.50
CA GLY B 34 -4.96 -5.89 6.20
C GLY B 34 -4.66 -7.30 6.67
N GLN B 35 -5.72 -8.01 7.07
CA GLN B 35 -5.63 -9.37 7.59
C GLN B 35 -6.20 -10.35 6.56
N PHE B 36 -5.42 -11.38 6.24
CA PHE B 36 -5.86 -12.44 5.35
C PHE B 36 -6.80 -13.40 6.08
N VAL B 37 -7.85 -13.85 5.38
CA VAL B 37 -8.87 -14.72 5.94
C VAL B 37 -9.33 -15.71 4.88
N LEU B 38 -9.90 -16.83 5.34
CA LEU B 38 -10.64 -17.76 4.48
C LEU B 38 -12.13 -17.53 4.70
N ARG B 39 -12.81 -17.05 3.66
CA ARG B 39 -14.21 -16.68 3.73
C ARG B 39 -15.00 -17.52 2.75
N ASN B 40 -16.10 -18.10 3.22
CA ASN B 40 -16.93 -18.92 2.34
C ASN B 40 -17.81 -18.05 1.45
N LEU B 41 -18.36 -18.67 0.41
CA LEU B 41 -19.14 -17.93 -0.58
C LEU B 41 -20.38 -17.31 0.04
N THR B 42 -20.93 -17.93 1.08
CA THR B 42 -22.14 -17.42 1.73
C THR B 42 -21.84 -16.33 2.75
N GLU B 43 -20.55 -16.02 2.98
CA GLU B 43 -20.14 -14.98 3.92
C GLU B 43 -20.66 -15.24 5.33
N THR B 44 -20.91 -16.50 5.66
CA THR B 44 -21.41 -16.86 6.98
C THR B 44 -20.35 -17.45 7.89
N LYS B 45 -19.24 -17.94 7.36
CA LYS B 45 -18.14 -18.43 8.16
C LYS B 45 -16.83 -17.86 7.64
N THR B 46 -16.02 -17.31 8.54
CA THR B 46 -14.73 -16.72 8.20
C THR B 46 -13.68 -17.31 9.12
N LEU B 47 -12.53 -17.66 8.56
CA LEU B 47 -11.45 -18.29 9.30
C LEU B 47 -10.22 -17.40 9.24
N GLU B 48 -9.80 -16.91 10.40
CA GLU B 48 -8.64 -16.02 10.48
C GLU B 48 -7.36 -16.85 10.50
N ALA B 49 -6.28 -16.23 10.03
CA ALA B 49 -4.98 -16.89 10.07
C ALA B 49 -4.43 -16.88 11.48
N ASN B 50 -3.92 -18.02 11.92
CA ASN B 50 -3.30 -18.12 13.24
C ASN B 50 -1.83 -17.74 13.24
N GLU B 51 -1.19 -17.73 12.07
CA GLU B 51 0.18 -17.25 11.93
C GLU B 51 0.31 -16.60 10.57
N MET B 52 0.99 -15.44 10.54
CA MET B 52 1.12 -14.67 9.31
C MET B 52 2.49 -14.01 9.27
N LYS B 53 3.22 -14.20 8.19
CA LYS B 53 4.50 -13.56 7.96
C LYS B 53 4.44 -12.75 6.67
N ILE B 54 4.88 -11.49 6.73
CA ILE B 54 4.92 -10.62 5.58
C ILE B 54 6.36 -10.14 5.38
N ASP B 55 6.82 -10.15 4.13
CA ASP B 55 8.15 -9.70 3.78
C ASP B 55 8.03 -8.87 2.50
N GLY B 56 7.99 -7.54 2.65
CA GLY B 56 7.77 -6.67 1.52
C GLY B 56 6.40 -6.85 0.91
N ASN B 57 6.35 -7.39 -0.30
CA ASN B 57 5.10 -7.69 -0.97
C ASN B 57 4.75 -9.18 -0.92
N THR B 58 5.59 -10.00 -0.27
CA THR B 58 5.38 -11.43 -0.16
C THR B 58 4.77 -11.78 1.19
N PHE B 59 3.98 -12.85 1.21
CA PHE B 59 3.30 -13.26 2.44
C PHE B 59 3.19 -14.77 2.49
N ILE B 60 3.14 -15.30 3.71
CA ILE B 60 2.78 -16.69 3.97
C ILE B 60 1.80 -16.71 5.13
N CYS B 61 0.71 -17.48 4.98
CA CYS B 61 -0.36 -17.53 5.96
C CYS B 61 -0.66 -18.96 6.35
N ARG B 62 -1.08 -19.14 7.60
CA ARG B 62 -1.41 -20.45 8.15
C ARG B 62 -2.84 -20.44 8.68
N PHE B 63 -3.61 -21.47 8.34
CA PHE B 63 -4.99 -21.61 8.78
C PHE B 63 -5.20 -22.98 9.36
N ASN B 64 -5.93 -23.03 10.48
CA ASN B 64 -6.33 -24.29 11.11
C ASN B 64 -7.78 -24.58 10.72
N VAL B 65 -7.98 -25.37 9.66
CA VAL B 65 -9.31 -25.60 9.15
C VAL B 65 -10.14 -26.54 10.04
N ALA B 66 -9.50 -27.27 10.95
CA ALA B 66 -10.23 -28.24 11.75
C ALA B 66 -11.15 -27.61 12.79
N ILE B 67 -11.04 -26.30 13.02
CA ILE B 67 -11.93 -25.64 13.98
C ILE B 67 -13.28 -25.30 13.37
N LEU B 68 -13.46 -25.52 12.07
CA LEU B 68 -14.70 -25.11 11.42
C LEU B 68 -15.90 -25.92 11.89
N ASP B 69 -15.68 -27.10 12.46
CA ASP B 69 -16.76 -27.90 13.03
C ASP B 69 -16.87 -27.74 14.54
N ASP B 70 -16.02 -26.91 15.15
CA ASP B 70 -16.14 -26.62 16.58
C ASP B 70 -17.42 -25.87 16.90
N GLY B 71 -18.06 -25.27 15.90
CA GLY B 71 -19.35 -24.62 16.08
C GLY B 71 -20.34 -25.05 15.03
N TYR B 72 -20.97 -24.08 14.37
CA TYR B 72 -21.97 -24.37 13.35
C TYR B 72 -21.32 -24.42 11.98
N TYR B 73 -21.60 -25.48 11.22
CA TYR B 73 -20.85 -25.78 10.02
C TYR B 73 -21.74 -26.49 9.01
N LEU B 74 -21.46 -26.25 7.73
CA LEU B 74 -22.11 -26.88 6.59
C LEU B 74 -21.31 -28.09 6.14
N PRO B 75 -21.97 -29.19 5.79
CA PRO B 75 -21.21 -30.37 5.35
C PRO B 75 -20.46 -30.15 4.04
N MET B 76 -20.95 -29.28 3.17
CA MET B 76 -20.25 -28.91 1.94
C MET B 76 -20.18 -27.39 1.89
N ASP B 77 -19.01 -26.86 1.56
CA ASP B 77 -18.78 -25.42 1.64
C ASP B 77 -17.47 -25.04 0.97
N LYS B 78 -17.52 -24.02 0.11
CA LYS B 78 -16.36 -23.54 -0.65
C LYS B 78 -15.88 -22.24 -0.03
N TYR B 79 -14.57 -22.13 0.17
CA TYR B 79 -13.96 -21.01 0.88
C TYR B 79 -13.00 -20.26 -0.01
N LEU B 80 -13.16 -18.94 -0.07
CA LEU B 80 -12.24 -18.07 -0.78
C LEU B 80 -11.08 -17.65 0.12
N PHE B 81 -9.92 -17.45 -0.48
CA PHE B 81 -8.77 -16.84 0.20
C PHE B 81 -8.78 -15.35 -0.13
N VAL B 82 -8.97 -14.52 0.89
CA VAL B 82 -9.26 -13.11 0.68
C VAL B 82 -8.38 -12.26 1.59
N TYR B 83 -8.01 -11.08 1.09
CA TYR B 83 -7.29 -10.06 1.85
C TYR B 83 -8.25 -8.90 2.10
N HIS B 84 -8.44 -8.55 3.38
CA HIS B 84 -9.39 -7.52 3.78
C HIS B 84 -8.63 -6.29 4.26
N ASP B 85 -8.88 -5.15 3.60
CA ASP B 85 -8.32 -3.87 4.03
C ASP B 85 -9.38 -2.79 3.87
N GLN B 86 -9.11 -1.78 3.05
CA GLN B 86 -10.15 -0.86 2.63
C GLN B 86 -11.06 -1.47 1.56
N LEU B 87 -10.55 -2.46 0.83
CA LEU B 87 -11.32 -3.19 -0.17
C LEU B 87 -11.07 -4.68 0.03
N GLU B 88 -11.90 -5.49 -0.60
CA GLU B 88 -11.72 -6.94 -0.62
C GLU B 88 -10.92 -7.34 -1.85
N TYR B 89 -9.87 -8.13 -1.63
CA TYR B 89 -9.04 -8.64 -2.72
C TYR B 89 -9.07 -10.16 -2.65
N ILE B 90 -9.53 -10.78 -3.74
CA ILE B 90 -9.66 -12.22 -3.82
C ILE B 90 -8.36 -12.78 -4.35
N GLY B 91 -7.85 -13.83 -3.71
CA GLY B 91 -6.59 -14.41 -4.16
C GLY B 91 -6.74 -15.06 -5.51
N GLN B 92 -5.73 -14.86 -6.36
CA GLN B 92 -5.71 -15.43 -7.69
C GLN B 92 -4.65 -16.53 -7.76
N LEU B 93 -5.00 -17.63 -8.42
CA LEU B 93 -4.09 -18.77 -8.51
C LEU B 93 -3.04 -18.51 -9.57
N ASN B 94 -1.78 -18.79 -9.24
CA ASN B 94 -0.68 -18.62 -10.18
C ASN B 94 -0.72 -19.76 -11.19
N PRO B 95 -0.70 -19.47 -12.50
CA PRO B 95 -0.70 -20.56 -13.49
C PRO B 95 0.49 -21.50 -13.39
N ASN B 96 1.54 -21.11 -12.68
CA ASN B 96 2.67 -22.03 -12.47
C ASN B 96 2.21 -23.26 -11.71
N ILE B 97 1.23 -23.10 -10.81
CA ILE B 97 0.69 -24.25 -10.09
C ILE B 97 0.01 -25.20 -11.06
N ILE B 98 -0.73 -24.64 -12.03
CA ILE B 98 -1.40 -25.48 -13.02
C ILE B 98 -0.38 -26.17 -13.93
N ASP B 99 0.73 -25.50 -14.23
CA ASP B 99 1.77 -26.13 -15.04
C ASP B 99 2.45 -27.26 -14.26
N GLN B 100 2.70 -27.06 -12.97
CA GLN B 100 3.23 -28.16 -12.17
C GLN B 100 2.21 -29.28 -12.01
N ALA B 101 0.92 -28.95 -12.06
CA ALA B 101 -0.10 -29.97 -12.12
C ALA B 101 -0.09 -30.72 -13.44
N TYR B 102 0.52 -30.14 -14.48
CA TYR B 102 0.64 -30.80 -15.77
C TYR B 102 1.81 -31.78 -15.80
N ALA B 103 2.23 -32.25 -14.63
CA ALA B 103 3.10 -33.42 -14.51
C ALA B 103 2.33 -34.74 -14.62
N ALA B 104 1.25 -34.77 -15.40
CA ALA B 104 0.40 -35.93 -15.51
C ALA B 104 0.96 -36.93 -16.51
N LEU B 105 0.33 -38.12 -16.55
CA LEU B 105 0.74 -39.19 -17.44
C LEU B 105 -0.32 -39.42 -18.52
N ASN B 106 0.04 -40.21 -19.53
CA ASN B 106 -0.73 -40.28 -20.77
C ASN B 106 -2.19 -40.65 -20.51
N GLU B 107 -2.45 -41.59 -19.61
CA GLU B 107 -3.81 -41.98 -19.29
C GLU B 107 -4.60 -40.80 -18.73
N GLU B 108 -3.99 -40.03 -17.82
CA GLU B 108 -4.64 -38.84 -17.30
C GLU B 108 -4.77 -37.76 -18.39
N GLN B 109 -3.78 -37.66 -19.27
CA GLN B 109 -3.83 -36.64 -20.33
C GLN B 109 -5.00 -36.89 -21.27
N ILE B 110 -5.17 -38.14 -21.72
CA ILE B 110 -6.31 -38.45 -22.56
C ILE B 110 -7.60 -38.46 -21.76
N GLU B 111 -7.52 -38.60 -20.44
CA GLU B 111 -8.71 -38.42 -19.61
C GLU B 111 -9.17 -36.97 -19.60
N GLU B 112 -8.22 -36.03 -19.68
CA GLU B 112 -8.54 -34.62 -19.49
C GLU B 112 -9.62 -34.12 -20.44
N TYR B 113 -9.70 -34.69 -21.64
CA TYR B 113 -10.68 -34.26 -22.62
C TYR B 113 -12.06 -34.82 -22.31
N THR B 118 -16.34 -27.86 -19.90
CA THR B 118 -15.10 -28.61 -20.03
C THR B 118 -13.88 -27.71 -19.78
N GLN B 119 -14.08 -26.41 -19.90
CA GLN B 119 -13.00 -25.46 -19.62
C GLN B 119 -12.63 -25.48 -18.15
N ASN B 120 -13.58 -25.16 -17.28
CA ASN B 120 -13.37 -25.25 -15.83
C ASN B 120 -13.03 -26.66 -15.40
N GLY B 121 -13.45 -27.67 -16.16
CA GLY B 121 -13.24 -29.04 -15.73
C GLY B 121 -11.82 -29.54 -15.91
N LYS B 122 -11.13 -29.07 -16.93
CA LYS B 122 -9.71 -29.43 -17.07
C LYS B 122 -8.90 -28.87 -15.90
N VAL B 123 -9.13 -27.61 -15.54
CA VAL B 123 -8.37 -27.00 -14.45
C VAL B 123 -8.76 -27.64 -13.12
N ASN B 124 -10.04 -27.98 -12.95
CA ASN B 124 -10.46 -28.67 -11.73
C ASN B 124 -9.86 -30.06 -11.65
N TYR B 125 -9.76 -30.76 -12.79
CA TYR B 125 -9.12 -32.07 -12.83
C TYR B 125 -7.65 -31.97 -12.44
N LEU B 126 -6.96 -30.96 -12.94
CA LEU B 126 -5.55 -30.79 -12.58
C LEU B 126 -5.39 -30.44 -11.10
N LEU B 127 -6.29 -29.61 -10.56
CA LEU B 127 -6.17 -29.18 -9.17
C LEU B 127 -6.59 -30.23 -8.16
N ALA B 128 -7.60 -31.05 -8.49
CA ALA B 128 -8.10 -32.06 -7.56
C ALA B 128 -7.06 -33.11 -7.19
N TYR B 129 -6.03 -33.30 -8.00
CA TYR B 129 -5.01 -34.30 -7.70
C TYR B 129 -4.19 -33.98 -6.45
N ASP B 130 -4.33 -32.77 -5.90
CA ASP B 130 -3.62 -32.39 -4.68
C ASP B 130 -4.57 -32.15 -3.51
N ALA B 131 -5.72 -32.82 -3.51
CA ALA B 131 -6.66 -32.66 -2.41
C ALA B 131 -6.13 -33.34 -1.16
N LYS B 132 -6.65 -32.89 -0.01
CA LYS B 132 -6.21 -33.37 1.29
C LYS B 132 -7.40 -33.94 2.06
N VAL B 133 -7.18 -35.11 2.67
CA VAL B 133 -8.21 -35.78 3.46
C VAL B 133 -7.61 -36.18 4.80
N PHE B 134 -8.34 -35.91 5.88
CA PHE B 134 -7.95 -36.31 7.21
C PHE B 134 -9.20 -36.39 8.08
N ARG B 135 -9.03 -36.93 9.28
CA ARG B 135 -10.12 -37.09 10.22
C ARG B 135 -9.85 -36.26 11.46
N LYS B 136 -10.93 -35.90 12.15
CA LYS B 136 -10.87 -35.16 13.40
C LYS B 136 -11.35 -36.05 14.55
N GLY B 137 -10.80 -35.82 15.73
CA GLY B 137 -11.11 -36.59 16.92
C GLY B 137 -10.87 -35.77 18.16
N GLY B 138 -10.56 -36.46 19.25
CA GLY B 138 -10.43 -35.78 20.55
C GLY B 138 -11.73 -35.36 21.19
N VAL B 139 -12.65 -34.79 20.41
CA VAL B 139 -13.99 -34.47 20.88
C VAL B 139 -14.83 -35.73 20.84
N SER B 140 -16.11 -35.62 21.20
CA SER B 140 -16.99 -36.77 21.25
C SER B 140 -17.57 -37.14 19.90
N GLN B 141 -17.11 -36.54 18.81
CA GLN B 141 -17.58 -36.89 17.48
C GLN B 141 -16.43 -36.80 16.48
N HIS B 142 -16.17 -37.89 15.78
CA HIS B 142 -15.13 -37.95 14.75
C HIS B 142 -15.70 -37.52 13.41
N THR B 143 -15.02 -36.56 12.77
CA THR B 143 -15.45 -36.02 11.49
C THR B 143 -14.35 -36.17 10.46
N VAL B 144 -14.75 -36.33 9.20
CA VAL B 144 -13.81 -36.48 8.08
C VAL B 144 -13.73 -35.16 7.33
N TYR B 145 -12.52 -34.61 7.21
CA TYR B 145 -12.27 -33.39 6.47
C TYR B 145 -11.74 -33.71 5.08
N THR B 146 -12.41 -33.22 4.04
CA THR B 146 -11.96 -33.33 2.66
C THR B 146 -11.80 -31.94 2.09
N ILE B 147 -10.56 -31.58 1.75
CA ILE B 147 -10.24 -30.25 1.24
C ILE B 147 -9.75 -30.39 -0.21
N THR B 148 -10.48 -29.79 -1.14
CA THR B 148 -10.18 -29.90 -2.57
C THR B 148 -10.03 -28.51 -3.17
N PRO B 149 -8.85 -28.15 -3.69
CA PRO B 149 -8.72 -26.88 -4.41
C PRO B 149 -9.37 -26.97 -5.79
N GLU B 150 -10.10 -25.92 -6.16
CA GLU B 150 -10.82 -25.91 -7.43
C GLU B 150 -11.19 -24.48 -7.78
N ILE B 151 -11.55 -24.28 -9.05
CA ILE B 151 -12.06 -22.99 -9.52
C ILE B 151 -13.58 -23.09 -9.59
N ALA B 152 -14.27 -22.26 -8.81
CA ALA B 152 -15.72 -22.24 -8.80
C ALA B 152 -16.20 -21.42 -10.01
N SER B 153 -16.79 -22.11 -10.99
CA SER B 153 -17.22 -21.43 -12.21
C SER B 153 -18.37 -20.45 -11.97
N ASP B 154 -19.10 -20.60 -10.86
CA ASP B 154 -20.23 -19.72 -10.58
C ASP B 154 -19.79 -18.33 -10.12
N VAL B 155 -18.52 -18.16 -9.75
CA VAL B 155 -18.01 -16.88 -9.26
C VAL B 155 -16.69 -16.61 -9.95
N ASN B 156 -16.16 -17.61 -10.65
CA ASN B 156 -14.90 -17.52 -11.38
C ASN B 156 -13.75 -17.14 -10.44
N GLU B 157 -13.67 -17.83 -9.31
CA GLU B 157 -12.61 -17.59 -8.34
C GLU B 157 -12.12 -18.91 -7.77
N PHE B 158 -10.85 -18.93 -7.37
CA PHE B 158 -10.28 -20.11 -6.74
C PHE B 158 -10.82 -20.27 -5.33
N VAL B 159 -11.14 -21.51 -4.96
CA VAL B 159 -11.76 -21.83 -3.68
C VAL B 159 -11.21 -23.14 -3.14
N PHE B 160 -11.32 -23.30 -1.82
CA PHE B 160 -11.09 -24.57 -1.15
C PHE B 160 -12.45 -25.20 -0.89
N ASP B 161 -12.72 -26.34 -1.55
CA ASP B 161 -13.97 -27.06 -1.33
C ASP B 161 -13.81 -27.94 -0.09
N ILE B 162 -14.43 -27.52 1.01
CA ILE B 162 -14.29 -28.19 2.29
C ILE B 162 -15.52 -29.05 2.52
N GLU B 163 -15.32 -30.36 2.62
CA GLU B 163 -16.39 -31.29 2.95
C GLU B 163 -16.12 -31.90 4.31
N ILE B 164 -17.05 -31.68 5.25
CA ILE B 164 -16.95 -32.21 6.61
C ILE B 164 -18.11 -33.19 6.77
N THR B 165 -17.78 -34.48 6.86
CA THR B 165 -18.79 -35.53 6.94
C THR B 165 -18.44 -36.48 8.08
N LEU B 166 -19.39 -37.33 8.40
CA LEU B 166 -19.13 -38.40 9.36
C LEU B 166 -18.67 -39.65 8.63
N PRO B 167 -17.88 -40.50 9.29
CA PRO B 167 -17.44 -41.76 8.64
C PRO B 167 -18.58 -42.62 8.14
N GLN B 168 -19.77 -42.50 8.72
CA GLN B 168 -20.93 -43.27 8.28
C GLN B 168 -21.42 -42.82 6.91
N LYS C 3 0.28 3.72 20.09
CA LYS C 3 0.71 2.89 18.98
C LYS C 3 2.01 3.43 18.39
N THR C 4 1.94 3.97 17.17
CA THR C 4 3.12 4.52 16.52
C THR C 4 2.69 5.65 15.59
N LYS C 5 3.57 6.64 15.44
CA LYS C 5 3.32 7.77 14.55
C LYS C 5 3.77 7.39 13.15
N GLN C 6 2.83 7.30 12.21
CA GLN C 6 3.15 7.02 10.82
C GLN C 6 3.68 8.30 10.18
N ALA C 7 4.91 8.25 9.68
CA ALA C 7 5.55 9.45 9.16
C ALA C 7 6.54 9.10 8.08
N ILE C 8 6.89 10.10 7.28
CA ILE C 8 7.95 10.01 6.27
C ILE C 8 9.12 10.85 6.75
N HIS C 9 10.32 10.27 6.70
CA HIS C 9 11.52 10.92 7.21
C HIS C 9 12.47 11.22 6.07
N ILE C 10 13.08 12.41 6.12
CA ILE C 10 14.07 12.85 5.14
C ILE C 10 15.45 12.66 5.74
N ASP C 11 16.27 11.81 5.11
CA ASP C 11 17.59 11.47 5.65
C ASP C 11 18.73 12.24 4.99
N ASN C 12 18.63 12.51 3.69
CA ASN C 12 19.71 13.18 2.98
C ASN C 12 19.14 13.95 1.79
N ILE C 13 19.77 15.08 1.48
CA ILE C 13 19.37 15.93 0.36
C ILE C 13 20.63 16.33 -0.40
N TYR C 14 20.64 16.14 -1.72
CA TYR C 14 21.75 16.54 -2.55
C TYR C 14 21.25 16.87 -3.96
N TRP C 15 22.15 17.42 -4.77
CA TRP C 15 21.81 17.93 -6.10
C TRP C 15 22.75 17.38 -7.15
N GLU C 16 22.21 17.18 -8.35
CA GLU C 16 23.01 16.94 -9.56
C GLU C 16 22.53 17.94 -10.60
N ARG C 17 23.27 19.04 -10.76
CA ARG C 17 22.88 20.15 -11.61
C ARG C 17 21.53 20.72 -11.16
N VAL C 18 20.50 20.54 -11.98
CA VAL C 18 19.18 21.08 -11.65
C VAL C 18 18.32 20.06 -10.91
N GLN C 19 18.74 18.79 -10.86
CA GLN C 19 17.92 17.75 -10.27
C GLN C 19 18.14 17.71 -8.76
N LEU C 20 17.02 17.71 -8.02
CA LEU C 20 17.04 17.66 -6.56
C LEU C 20 16.78 16.23 -6.11
N TYR C 21 17.74 15.66 -5.38
CA TYR C 21 17.61 14.31 -4.85
C TYR C 21 17.24 14.36 -3.38
N ILE C 22 16.25 13.55 -2.99
CA ILE C 22 15.79 13.46 -1.61
C ILE C 22 15.82 12.00 -1.20
N GLU C 23 16.62 11.68 -0.17
CA GLU C 23 16.72 10.34 0.37
C GLU C 23 16.01 10.27 1.71
N GLY C 24 15.30 9.17 1.93
CA GLY C 24 14.60 9.02 3.19
C GLY C 24 14.11 7.60 3.37
N HIS C 25 13.31 7.41 4.43
CA HIS C 25 12.72 6.13 4.76
C HIS C 25 11.33 6.36 5.32
N SER C 26 10.56 5.27 5.44
CA SER C 26 9.20 5.32 5.95
C SER C 26 9.16 4.71 7.35
N GLU C 27 8.39 5.33 8.25
CA GLU C 27 8.22 4.86 9.62
C GLU C 27 6.79 4.38 9.88
N GLY C 28 6.13 3.85 8.86
CA GLY C 28 4.83 3.24 9.09
C GLY C 28 3.85 3.30 7.93
N VAL C 29 4.16 4.12 6.92
CA VAL C 29 3.32 4.25 5.74
C VAL C 29 3.88 3.34 4.65
N ASP C 30 2.99 2.72 3.88
CA ASP C 30 3.42 1.79 2.84
C ASP C 30 3.74 2.56 1.57
N LEU C 31 4.92 2.31 1.01
CA LEU C 31 5.40 3.01 -0.17
C LEU C 31 4.89 2.40 -1.47
N THR C 32 4.12 1.32 -1.40
CA THR C 32 3.56 0.73 -2.61
C THR C 32 2.30 1.49 -3.00
N SER C 33 2.17 1.79 -4.30
CA SER C 33 1.02 2.52 -4.85
C SER C 33 0.90 3.91 -4.21
N GLY C 34 2.00 4.66 -4.23
CA GLY C 34 2.02 6.02 -3.74
C GLY C 34 2.93 6.93 -4.54
N GLN C 35 2.52 8.18 -4.74
CA GLN C 35 3.26 9.15 -5.53
C GLN C 35 3.87 10.22 -4.64
N PHE C 36 5.19 10.36 -4.70
CA PHE C 36 5.88 11.45 -4.03
C PHE C 36 5.82 12.71 -4.88
N VAL C 37 5.55 13.85 -4.23
CA VAL C 37 5.43 15.14 -4.91
C VAL C 37 5.97 16.22 -3.98
N LEU C 38 6.32 17.37 -4.58
CA LEU C 38 6.61 18.58 -3.83
C LEU C 38 5.41 19.51 -3.91
N ARG C 39 4.78 19.75 -2.77
CA ARG C 39 3.54 20.52 -2.67
C ARG C 39 3.82 21.85 -1.98
N ASN C 40 3.35 22.94 -2.58
CA ASN C 40 3.51 24.23 -1.94
C ASN C 40 2.41 24.43 -0.89
N LEU C 41 2.65 25.40 -0.01
CA LEU C 41 1.73 25.63 1.10
C LEU C 41 0.35 26.07 0.63
N THR C 42 0.29 26.74 -0.53
CA THR C 42 -0.97 27.26 -1.06
C THR C 42 -1.77 26.21 -1.84
N GLU C 43 -1.24 25.00 -2.00
CA GLU C 43 -1.94 23.92 -2.71
C GLU C 43 -2.27 24.31 -4.16
N THR C 44 -1.50 25.24 -4.73
CA THR C 44 -1.74 25.66 -6.11
C THR C 44 -0.74 25.10 -7.12
N LYS C 45 0.44 24.68 -6.67
CA LYS C 45 1.40 24.05 -7.56
C LYS C 45 2.01 22.82 -6.89
N THR C 46 2.02 21.70 -7.62
CA THR C 46 2.61 20.46 -7.15
C THR C 46 3.51 19.92 -8.26
N LEU C 47 4.69 19.43 -7.87
CA LEU C 47 5.69 18.95 -8.81
C LEU C 47 5.96 17.48 -8.55
N GLU C 48 5.68 16.64 -9.54
CA GLU C 48 5.88 15.21 -9.39
C GLU C 48 7.33 14.84 -9.58
N ALA C 49 7.74 13.75 -8.94
CA ALA C 49 9.10 13.26 -9.08
C ALA C 49 9.28 12.56 -10.42
N ASN C 50 10.42 12.83 -11.06
CA ASN C 50 10.78 12.18 -12.32
C ASN C 50 11.48 10.83 -12.08
N GLU C 51 11.93 10.58 -10.86
CA GLU C 51 12.50 9.30 -10.48
C GLU C 51 12.07 8.99 -9.05
N MET C 52 11.69 7.73 -8.81
CA MET C 52 11.18 7.30 -7.51
C MET C 52 11.66 5.87 -7.28
N LYS C 53 12.85 5.73 -6.70
CA LYS C 53 13.44 4.43 -6.43
C LYS C 53 13.09 4.00 -5.01
N ILE C 54 12.44 2.85 -4.89
CA ILE C 54 11.99 2.34 -3.60
C ILE C 54 12.72 1.04 -3.31
N ASP C 55 13.21 0.88 -2.08
CA ASP C 55 13.87 -0.34 -1.64
C ASP C 55 13.38 -0.63 -0.22
N GLY C 56 12.37 -1.49 -0.11
CA GLY C 56 11.76 -1.77 1.19
C GLY C 56 11.04 -0.56 1.73
N ASN C 57 11.59 0.05 2.79
CA ASN C 57 11.05 1.27 3.35
C ASN C 57 11.86 2.51 2.99
N THR C 58 13.00 2.35 2.33
CA THR C 58 13.84 3.47 1.94
C THR C 58 13.51 3.91 0.52
N PHE C 59 13.73 5.20 0.25
CA PHE C 59 13.41 5.75 -1.05
C PHE C 59 14.41 6.82 -1.42
N ILE C 60 14.58 7.02 -2.73
CA ILE C 60 15.31 8.16 -3.28
C ILE C 60 14.43 8.76 -4.37
N CYS C 61 14.29 10.08 -4.36
CA CYS C 61 13.42 10.77 -5.29
C CYS C 61 14.18 11.90 -5.96
N ARG C 62 13.84 12.15 -7.23
CA ARG C 62 14.48 13.19 -8.02
C ARG C 62 13.42 14.15 -8.54
N PHE C 63 13.68 15.44 -8.40
CA PHE C 63 12.77 16.49 -8.85
C PHE C 63 13.54 17.49 -9.70
N ASN C 64 12.92 17.92 -10.79
CA ASN C 64 13.45 18.97 -11.65
C ASN C 64 12.75 20.25 -11.24
N VAL C 65 13.39 21.03 -10.38
CA VAL C 65 12.75 22.22 -9.84
C VAL C 65 12.62 23.30 -10.90
N ALA C 66 13.34 23.19 -12.01
CA ALA C 66 13.24 24.18 -13.07
C ALA C 66 11.91 24.10 -13.81
N ILE C 67 11.12 23.04 -13.57
CA ILE C 67 9.80 22.91 -14.19
C ILE C 67 8.77 23.77 -13.46
N LEU C 68 9.13 24.26 -12.26
CA LEU C 68 8.23 25.05 -11.44
C LEU C 68 7.98 26.44 -12.05
N ASP C 69 8.76 26.83 -13.04
CA ASP C 69 8.61 28.12 -13.71
C ASP C 69 7.71 27.92 -14.93
N ASP C 70 6.40 27.87 -14.65
CA ASP C 70 5.36 27.80 -15.67
C ASP C 70 4.97 29.17 -16.19
N GLY C 71 5.95 30.07 -16.35
CA GLY C 71 5.68 31.47 -16.65
C GLY C 71 5.23 32.32 -15.48
N TYR C 72 4.33 31.80 -14.66
CA TYR C 72 3.84 32.50 -13.48
C TYR C 72 4.48 31.90 -12.24
N TYR C 73 4.99 32.76 -11.36
CA TYR C 73 5.74 32.30 -10.19
C TYR C 73 5.84 33.44 -9.19
N LEU C 74 5.82 33.07 -7.91
CA LEU C 74 6.02 34.01 -6.83
C LEU C 74 7.48 33.99 -6.38
N PRO C 75 8.06 35.15 -6.04
CA PRO C 75 9.49 35.18 -5.70
C PRO C 75 9.77 34.63 -4.31
N MET C 76 8.78 34.02 -3.67
CA MET C 76 8.96 33.44 -2.34
C MET C 76 7.85 32.41 -2.11
N ASP C 77 8.11 31.16 -2.51
CA ASP C 77 7.14 30.07 -2.38
C ASP C 77 7.81 28.89 -1.72
N LYS C 78 7.17 28.35 -0.68
CA LYS C 78 7.72 27.25 0.11
C LYS C 78 6.99 25.96 -0.24
N TYR C 79 7.76 24.89 -0.44
CA TYR C 79 7.24 23.62 -0.92
C TYR C 79 7.51 22.52 0.09
N LEU C 80 6.46 21.76 0.44
CA LEU C 80 6.59 20.59 1.30
C LEU C 80 6.92 19.35 0.48
N PHE C 81 7.68 18.45 1.10
CA PHE C 81 7.92 17.12 0.54
C PHE C 81 6.93 16.16 1.19
N VAL C 82 6.01 15.62 0.40
CA VAL C 82 4.87 14.88 0.91
C VAL C 82 4.70 13.58 0.12
N TYR C 83 4.13 12.58 0.79
CA TYR C 83 3.77 11.31 0.19
C TYR C 83 2.26 11.21 0.05
N HIS C 84 1.80 10.76 -1.12
CA HIS C 84 0.38 10.70 -1.44
C HIS C 84 -0.02 9.26 -1.70
N ASP C 85 -0.93 8.75 -0.88
CA ASP C 85 -1.53 7.43 -1.08
C ASP C 85 -3.01 7.50 -0.75
N GLN C 86 -3.43 6.79 0.30
CA GLN C 86 -4.78 7.00 0.82
C GLN C 86 -4.89 8.38 1.46
N LEU C 87 -3.96 8.71 2.35
CA LEU C 87 -3.86 10.01 3.00
C LEU C 87 -2.57 10.71 2.55
N GLU C 88 -2.36 11.90 3.08
CA GLU C 88 -1.15 12.67 2.80
C GLU C 88 -0.26 12.66 4.03
N TYR C 89 1.01 12.32 3.83
CA TYR C 89 2.01 12.29 4.89
C TYR C 89 3.13 13.24 4.52
N ILE C 90 3.39 14.22 5.37
CA ILE C 90 4.40 15.23 5.12
C ILE C 90 5.74 14.74 5.66
N GLY C 91 6.79 14.87 4.86
CA GLY C 91 8.09 14.40 5.27
C GLY C 91 8.64 15.20 6.43
N GLN C 92 9.29 14.50 7.36
CA GLN C 92 9.90 15.10 8.54
C GLN C 92 11.41 15.03 8.40
N LEU C 93 12.08 16.11 8.79
CA LEU C 93 13.53 16.18 8.67
C LEU C 93 14.18 15.38 9.80
N ASN C 94 15.18 14.58 9.44
CA ASN C 94 15.87 13.78 10.46
C ASN C 94 16.75 14.70 11.30
N PRO C 95 16.61 14.67 12.63
CA PRO C 95 17.46 15.54 13.47
C PRO C 95 18.94 15.25 13.34
N ASN C 96 19.32 14.09 12.81
CA ASN C 96 20.74 13.81 12.60
C ASN C 96 21.34 14.77 11.58
N ILE C 97 20.56 15.18 10.58
CA ILE C 97 21.04 16.13 9.60
C ILE C 97 21.30 17.49 10.24
N ILE C 98 20.40 17.94 11.13
CA ILE C 98 20.62 19.23 11.79
C ILE C 98 21.79 19.14 12.76
N ASP C 99 22.00 17.97 13.38
CA ASP C 99 23.16 17.82 14.27
C ASP C 99 24.45 17.84 13.46
N GLN C 100 24.45 17.23 12.27
CA GLN C 100 25.62 17.31 11.42
C GLN C 100 25.86 18.73 10.93
N ALA C 101 24.79 19.46 10.64
CA ALA C 101 24.93 20.85 10.22
C ALA C 101 25.45 21.73 11.35
N TYR C 102 25.16 21.36 12.60
CA TYR C 102 25.64 22.15 13.73
C TYR C 102 27.09 21.83 14.10
N ALA C 103 27.64 20.72 13.60
CA ALA C 103 28.99 20.33 13.99
C ALA C 103 30.05 21.11 13.23
N ALA C 104 29.91 21.22 11.91
CA ALA C 104 30.92 21.84 11.06
C ALA C 104 30.70 23.35 11.04
N LEU C 105 31.38 24.05 11.94
CA LEU C 105 31.29 25.50 12.06
C LEU C 105 32.39 26.00 13.00
N ASN C 106 32.48 27.33 13.12
CA ASN C 106 33.44 27.97 14.01
C ASN C 106 32.92 29.33 14.45
N GLU C 107 33.22 30.38 13.68
CA GLU C 107 32.62 31.69 13.93
C GLU C 107 31.11 31.66 13.74
N GLU C 108 30.61 30.71 12.95
CA GLU C 108 29.17 30.50 12.84
C GLU C 108 28.53 30.29 14.19
N GLN C 109 29.30 29.79 15.17
CA GLN C 109 28.75 29.51 16.50
C GLN C 109 28.38 30.81 17.22
N ILE C 110 29.29 31.79 17.23
CA ILE C 110 28.97 33.07 17.85
C ILE C 110 27.95 33.83 16.99
N GLU C 111 28.06 33.69 15.67
CA GLU C 111 27.04 34.24 14.76
C GLU C 111 25.66 33.72 15.14
N GLU C 112 25.60 32.46 15.57
CA GLU C 112 24.35 31.78 15.83
C GLU C 112 23.81 32.12 17.21
N TYR C 113 24.70 32.20 18.21
CA TYR C 113 24.29 32.67 19.53
C TYR C 113 23.77 34.10 19.47
N ASN C 114 24.32 34.92 18.58
CA ASN C 114 23.75 36.26 18.38
C ASN C 114 22.34 36.16 17.80
N GLU C 115 22.16 35.38 16.74
CA GLU C 115 20.84 35.18 16.15
C GLU C 115 19.95 34.28 16.99
N LEU C 116 20.48 33.70 18.06
CA LEU C 116 19.67 32.77 18.86
C LEU C 116 18.60 33.54 19.63
N THR C 117 17.45 33.73 18.97
CA THR C 117 16.24 34.20 19.62
C THR C 117 15.14 33.16 19.60
N THR C 118 15.12 32.32 18.57
CA THR C 118 14.19 31.21 18.44
C THR C 118 14.97 29.98 18.00
N GLN C 119 14.42 28.80 18.26
CA GLN C 119 15.01 27.60 17.70
C GLN C 119 14.70 27.45 16.21
N ASN C 120 13.58 28.00 15.76
CA ASN C 120 13.32 28.02 14.33
C ASN C 120 14.39 28.81 13.59
N GLY C 121 14.96 29.82 14.23
CA GLY C 121 16.00 30.60 13.59
C GLY C 121 17.34 29.88 13.66
N LYS C 122 17.56 29.12 14.73
CA LYS C 122 18.77 28.31 14.84
C LYS C 122 18.79 27.25 13.73
N VAL C 123 17.67 26.54 13.56
CA VAL C 123 17.62 25.48 12.56
C VAL C 123 17.61 26.06 11.15
N ASN C 124 16.96 27.20 10.94
CA ASN C 124 16.99 27.82 9.62
C ASN C 124 18.38 28.32 9.27
N TYR C 125 19.10 28.87 10.25
CA TYR C 125 20.49 29.27 10.01
C TYR C 125 21.36 28.08 9.65
N LEU C 126 21.17 26.95 10.35
CA LEU C 126 21.95 25.76 10.02
C LEU C 126 21.58 25.21 8.63
N LEU C 127 20.30 25.27 8.27
CA LEU C 127 19.86 24.70 7.00
C LEU C 127 20.22 25.58 5.80
N ALA C 128 20.24 26.90 5.96
CA ALA C 128 20.53 27.79 4.85
C ALA C 128 21.90 27.54 4.24
N TYR C 129 22.83 26.97 4.99
CA TYR C 129 24.15 26.65 4.46
C TYR C 129 24.11 25.51 3.44
N ASP C 130 22.96 24.86 3.26
CA ASP C 130 22.80 23.81 2.26
C ASP C 130 21.86 24.24 1.15
N ALA C 131 21.73 25.55 0.93
CA ALA C 131 20.91 26.08 -0.15
C ALA C 131 21.61 25.90 -1.49
N LYS C 132 20.82 25.92 -2.55
CA LYS C 132 21.33 25.73 -3.90
C LYS C 132 20.96 26.94 -4.74
N VAL C 133 21.92 27.44 -5.51
CA VAL C 133 21.71 28.58 -6.40
C VAL C 133 22.24 28.24 -7.77
N PHE C 134 21.46 28.55 -8.80
CA PHE C 134 21.87 28.36 -10.19
C PHE C 134 21.04 29.29 -11.06
N ARG C 135 21.45 29.42 -12.31
CA ARG C 135 20.80 30.32 -13.25
C ARG C 135 20.23 29.55 -14.44
N LYS C 136 19.18 30.12 -15.04
CA LYS C 136 18.56 29.58 -16.24
C LYS C 136 18.99 30.41 -17.44
N GLY C 137 19.72 29.80 -18.37
CA GLY C 137 20.24 30.52 -19.51
C GLY C 137 19.60 30.12 -20.82
N GLY C 138 18.26 30.18 -20.88
CA GLY C 138 17.56 29.88 -22.10
C GLY C 138 16.75 31.04 -22.61
N VAL C 139 15.72 31.44 -21.86
CA VAL C 139 14.89 32.58 -22.23
C VAL C 139 15.73 33.87 -22.17
N SER C 140 15.34 34.84 -23.00
CA SER C 140 16.11 36.07 -23.15
C SER C 140 16.33 36.80 -21.82
N GLN C 141 15.52 36.55 -20.82
CA GLN C 141 15.77 37.07 -19.48
C GLN C 141 16.35 35.95 -18.63
N HIS C 142 17.54 36.20 -18.08
CA HIS C 142 18.21 35.21 -17.23
C HIS C 142 17.68 35.34 -15.81
N THR C 143 17.28 34.22 -15.22
CA THR C 143 16.70 34.22 -13.89
C THR C 143 17.51 33.35 -12.94
N VAL C 144 17.52 33.74 -11.67
CA VAL C 144 18.28 33.06 -10.62
C VAL C 144 17.32 32.22 -9.78
N TYR C 145 17.62 30.93 -9.66
CA TYR C 145 16.87 30.02 -8.80
C TYR C 145 17.62 29.89 -7.48
N THR C 146 16.95 30.23 -6.38
CA THR C 146 17.51 30.04 -5.04
C THR C 146 16.59 29.12 -4.25
N ILE C 147 17.10 27.93 -3.90
CA ILE C 147 16.34 26.93 -3.17
C ILE C 147 16.98 26.76 -1.81
N THR C 148 16.22 27.06 -0.76
CA THR C 148 16.73 27.03 0.60
C THR C 148 15.89 26.10 1.47
N PRO C 149 16.46 25.04 2.02
CA PRO C 149 15.71 24.22 2.99
C PRO C 149 15.55 24.97 4.31
N GLU C 150 14.36 24.89 4.87
CA GLU C 150 14.06 25.63 6.10
C GLU C 150 12.82 25.02 6.75
N ILE C 151 12.62 25.38 8.01
CA ILE C 151 11.42 25.02 8.76
C ILE C 151 10.45 26.20 8.71
N ALA C 152 9.28 25.99 8.12
CA ALA C 152 8.27 27.03 8.03
C ALA C 152 7.55 27.15 9.36
N SER C 153 7.77 28.25 10.07
CA SER C 153 7.17 28.44 11.39
C SER C 153 5.66 28.56 11.34
N ASP C 154 5.09 28.87 10.17
CA ASP C 154 3.64 29.03 10.06
C ASP C 154 2.91 27.69 10.04
N VAL C 155 3.60 26.58 9.83
CA VAL C 155 2.97 25.26 9.76
C VAL C 155 3.80 24.28 10.57
N ASN C 156 4.99 24.70 10.99
CA ASN C 156 5.90 23.86 11.77
C ASN C 156 6.25 22.59 11.00
N GLU C 157 6.60 22.76 9.73
CA GLU C 157 6.98 21.66 8.86
C GLU C 157 8.18 22.07 8.01
N PHE C 158 8.98 21.08 7.63
CA PHE C 158 10.12 21.34 6.75
C PHE C 158 9.65 21.64 5.34
N VAL C 159 10.28 22.66 4.73
CA VAL C 159 9.90 23.14 3.41
C VAL C 159 11.16 23.53 2.64
N PHE C 160 11.04 23.56 1.32
CA PHE C 160 12.04 24.15 0.44
C PHE C 160 11.56 25.54 0.06
N ASP C 161 12.26 26.57 0.53
CA ASP C 161 11.94 27.95 0.18
C ASP C 161 12.58 28.27 -1.16
N ILE C 162 11.75 28.39 -2.19
CA ILE C 162 12.22 28.58 -3.56
C ILE C 162 11.99 30.03 -3.95
N GLU C 163 13.07 30.73 -4.28
CA GLU C 163 13.03 32.14 -4.66
C GLU C 163 13.59 32.28 -6.07
N ILE C 164 12.77 32.81 -6.98
CA ILE C 164 13.15 32.99 -8.38
C ILE C 164 13.23 34.49 -8.63
N THR C 165 14.45 34.99 -8.82
CA THR C 165 14.72 36.41 -8.98
C THR C 165 15.62 36.64 -10.18
N LEU C 166 15.81 37.91 -10.49
CA LEU C 166 16.75 38.38 -11.48
C LEU C 166 18.11 38.59 -10.83
N PRO C 167 19.20 38.50 -11.60
CA PRO C 167 20.53 38.67 -10.99
C PRO C 167 20.70 39.95 -10.19
N GLN C 168 20.09 41.05 -10.62
CA GLN C 168 20.16 42.28 -9.85
C GLN C 168 19.20 42.18 -8.66
N GLU C 169 19.74 42.14 -7.45
CA GLU C 169 18.92 42.01 -6.26
C GLU C 169 18.11 43.27 -6.01
N LYS D 5 -57.40 -4.84 13.29
CA LYS D 5 -57.76 -4.50 14.66
C LYS D 5 -56.53 -4.44 15.56
N GLN D 6 -56.00 -5.62 15.90
CA GLN D 6 -54.83 -5.72 16.76
C GLN D 6 -54.12 -7.02 16.41
N ALA D 7 -52.94 -6.92 15.79
CA ALA D 7 -52.22 -8.10 15.34
C ALA D 7 -50.73 -7.80 15.26
N ILE D 8 -49.95 -8.86 15.07
CA ILE D 8 -48.51 -8.78 14.86
C ILE D 8 -48.21 -9.32 13.47
N HIS D 9 -47.44 -8.57 12.69
CA HIS D 9 -47.14 -8.91 11.31
C HIS D 9 -45.65 -9.20 11.16
N ILE D 10 -45.32 -10.24 10.40
CA ILE D 10 -43.94 -10.59 10.09
C ILE D 10 -43.65 -10.08 8.67
N ASP D 11 -42.70 -9.16 8.57
CA ASP D 11 -42.39 -8.51 7.30
C ASP D 11 -41.19 -9.09 6.58
N ASN D 12 -40.18 -9.55 7.32
CA ASN D 12 -38.98 -10.08 6.70
C ASN D 12 -38.34 -11.12 7.61
N ILE D 13 -37.74 -12.14 7.00
CA ILE D 13 -37.05 -13.20 7.71
C ILE D 13 -35.70 -13.44 7.03
N TYR D 14 -34.63 -13.43 7.81
CA TYR D 14 -33.30 -13.70 7.28
C TYR D 14 -32.44 -14.30 8.39
N TRP D 15 -31.25 -14.74 7.99
CA TRP D 15 -30.36 -15.48 8.89
C TRP D 15 -28.96 -14.87 8.87
N GLU D 16 -28.31 -14.93 10.03
CA GLU D 16 -26.87 -14.68 10.17
C GLU D 16 -26.28 -15.86 10.92
N ARG D 17 -25.69 -16.80 10.16
CA ARG D 17 -25.19 -18.06 10.70
C ARG D 17 -26.32 -18.83 11.38
N VAL D 18 -26.25 -18.96 12.70
CA VAL D 18 -27.26 -19.71 13.43
C VAL D 18 -28.38 -18.81 13.94
N GLN D 19 -28.22 -17.50 13.86
CA GLN D 19 -29.19 -16.57 14.42
C GLN D 19 -30.32 -16.33 13.43
N LEU D 20 -31.56 -16.45 13.92
CA LEU D 20 -32.76 -16.24 13.11
C LEU D 20 -33.28 -14.83 13.38
N TYR D 21 -33.35 -14.02 12.33
CA TYR D 21 -33.83 -12.64 12.44
C TYR D 21 -35.28 -12.57 11.94
N ILE D 22 -36.13 -11.92 12.72
CA ILE D 22 -37.54 -11.71 12.37
C ILE D 22 -37.83 -10.22 12.44
N GLU D 23 -38.22 -9.63 11.31
CA GLU D 23 -38.58 -8.23 11.24
C GLU D 23 -40.09 -8.11 11.07
N GLY D 24 -40.69 -7.15 11.76
CA GLY D 24 -42.12 -6.96 11.63
C GLY D 24 -42.58 -5.65 12.22
N HIS D 25 -43.90 -5.50 12.27
CA HIS D 25 -44.55 -4.30 12.80
C HIS D 25 -45.81 -4.70 13.55
N SER D 26 -46.38 -3.74 14.25
CA SER D 26 -47.59 -3.93 15.04
C SER D 26 -48.80 -3.27 14.40
N GLU D 27 -49.98 -3.92 14.52
CA GLU D 27 -51.27 -3.40 14.07
C GLU D 27 -52.15 -2.99 15.26
N GLY D 28 -51.55 -2.64 16.39
CA GLY D 28 -52.40 -2.14 17.46
C GLY D 28 -51.99 -2.51 18.87
N VAL D 29 -51.05 -3.40 19.01
CA VAL D 29 -50.64 -3.85 20.32
C VAL D 29 -49.43 -3.05 20.76
N ASP D 30 -49.41 -2.71 22.04
CA ASP D 30 -48.32 -1.93 22.60
C ASP D 30 -47.11 -2.84 22.85
N LEU D 31 -45.98 -2.50 22.25
CA LEU D 31 -44.80 -3.35 22.26
C LEU D 31 -43.84 -3.04 23.41
N THR D 32 -44.22 -2.16 24.32
CA THR D 32 -43.27 -1.70 25.34
C THR D 32 -43.08 -2.73 26.45
N SER D 33 -44.14 -3.43 26.85
CA SER D 33 -44.10 -4.29 28.02
C SER D 33 -43.91 -5.77 27.67
N GLY D 34 -43.99 -6.14 26.39
CA GLY D 34 -44.05 -7.53 26.00
C GLY D 34 -42.78 -8.05 25.36
N GLN D 35 -42.50 -9.33 25.63
CA GLN D 35 -41.31 -10.01 25.12
C GLN D 35 -41.70 -10.99 24.02
N PHE D 36 -41.05 -10.87 22.86
CA PHE D 36 -41.27 -11.81 21.77
C PHE D 36 -40.52 -13.11 22.02
N VAL D 37 -41.18 -14.23 21.74
CA VAL D 37 -40.63 -15.57 21.96
C VAL D 37 -41.13 -16.48 20.84
N LEU D 38 -40.41 -17.58 20.64
CA LEU D 38 -40.87 -18.67 19.79
C LEU D 38 -41.39 -19.81 20.66
N ARG D 39 -42.59 -20.29 20.33
CA ARG D 39 -43.28 -21.27 21.16
C ARG D 39 -43.86 -22.36 20.27
N ASN D 40 -43.62 -23.62 20.63
CA ASN D 40 -44.09 -24.73 19.83
C ASN D 40 -45.61 -24.90 19.97
N LEU D 41 -46.19 -25.69 19.06
CA LEU D 41 -47.64 -25.85 18.99
C LEU D 41 -48.21 -26.43 20.28
N THR D 42 -47.43 -27.23 21.01
CA THR D 42 -47.90 -27.84 22.24
C THR D 42 -47.84 -26.89 23.43
N GLU D 43 -47.34 -25.67 23.24
CA GLU D 43 -47.23 -24.66 24.29
C GLU D 43 -46.41 -25.14 25.48
N THR D 44 -45.51 -26.11 25.24
CA THR D 44 -44.66 -26.66 26.28
C THR D 44 -43.21 -26.21 26.21
N LYS D 45 -42.75 -25.68 25.08
CA LYS D 45 -41.39 -25.18 24.94
C LYS D 45 -41.41 -23.79 24.33
N THR D 46 -40.66 -22.87 24.94
CA THR D 46 -40.59 -21.49 24.51
C THR D 46 -39.13 -21.08 24.39
N LEU D 47 -38.82 -20.34 23.33
CA LEU D 47 -37.46 -19.90 23.04
C LEU D 47 -37.45 -18.38 23.04
N GLU D 48 -36.73 -17.78 23.97
CA GLU D 48 -36.69 -16.35 24.10
C GLU D 48 -35.71 -15.74 23.11
N ALA D 49 -35.97 -14.50 22.72
CA ALA D 49 -35.07 -13.77 21.83
C ALA D 49 -33.85 -13.31 22.60
N ASN D 50 -32.67 -13.50 22.01
CA ASN D 50 -31.43 -13.05 22.63
C ASN D 50 -31.09 -11.60 22.28
N GLU D 51 -31.69 -11.05 21.23
CA GLU D 51 -31.52 -9.64 20.90
C GLU D 51 -32.80 -9.12 20.29
N MET D 52 -33.20 -7.92 20.71
CA MET D 52 -34.45 -7.33 20.25
C MET D 52 -34.28 -5.81 20.14
N LYS D 53 -34.86 -5.22 19.11
CA LYS D 53 -34.91 -3.78 18.93
C LYS D 53 -36.31 -3.37 18.53
N ILE D 54 -36.85 -2.36 19.22
CA ILE D 54 -38.18 -1.83 18.94
C ILE D 54 -38.05 -0.36 18.60
N ASP D 55 -38.75 0.07 17.55
CA ASP D 55 -38.77 1.48 17.13
C ASP D 55 -40.21 1.80 16.76
N GLY D 56 -40.94 2.41 17.70
CA GLY D 56 -42.35 2.65 17.49
C GLY D 56 -43.14 1.36 17.46
N ASN D 57 -43.84 1.11 16.35
CA ASN D 57 -44.58 -0.13 16.16
C ASN D 57 -43.76 -1.20 15.45
N THR D 58 -42.55 -0.88 15.02
CA THR D 58 -41.70 -1.84 14.31
C THR D 58 -40.77 -2.54 15.28
N PHE D 59 -40.43 -3.80 14.95
CA PHE D 59 -39.58 -4.60 15.82
C PHE D 59 -38.71 -5.52 14.96
N ILE D 60 -37.54 -5.85 15.50
CA ILE D 60 -36.68 -6.90 14.95
C ILE D 60 -36.21 -7.78 16.10
N CYS D 61 -36.26 -9.10 15.90
CA CYS D 61 -35.93 -10.05 16.94
C CYS D 61 -34.93 -11.07 16.42
N ARG D 62 -34.08 -11.54 17.33
CA ARG D 62 -33.04 -12.52 17.02
C ARG D 62 -33.20 -13.73 17.94
N PHE D 63 -33.14 -14.93 17.36
CA PHE D 63 -33.28 -16.17 18.10
C PHE D 63 -32.12 -17.11 17.79
N ASN D 64 -31.59 -17.76 18.81
CA ASN D 64 -30.56 -18.79 18.67
C ASN D 64 -31.26 -20.14 18.80
N VAL D 65 -31.64 -20.71 17.66
CA VAL D 65 -32.41 -21.95 17.65
C VAL D 65 -31.57 -23.18 17.97
N ALA D 66 -30.24 -23.08 17.92
CA ALA D 66 -29.40 -24.25 18.11
C ALA D 66 -29.39 -24.78 19.54
N ILE D 67 -29.95 -24.04 20.49
CA ILE D 67 -29.97 -24.51 21.88
C ILE D 67 -31.08 -25.50 22.16
N LEU D 68 -31.98 -25.72 21.20
CA LEU D 68 -33.15 -26.57 21.46
C LEU D 68 -32.80 -28.04 21.65
N ASP D 69 -31.63 -28.48 21.21
CA ASP D 69 -31.22 -29.87 21.42
C ASP D 69 -30.29 -30.03 22.62
N ASP D 70 -30.12 -28.98 23.43
CA ASP D 70 -29.27 -29.07 24.61
C ASP D 70 -29.96 -29.79 25.77
N GLY D 71 -31.27 -30.00 25.68
CA GLY D 71 -31.98 -30.74 26.70
C GLY D 71 -32.91 -31.78 26.11
N TYR D 72 -34.15 -31.81 26.58
CA TYR D 72 -35.15 -32.74 26.06
C TYR D 72 -35.87 -32.08 24.88
N TYR D 73 -35.83 -32.75 23.73
CA TYR D 73 -36.22 -32.13 22.47
C TYR D 73 -36.90 -33.15 21.58
N LEU D 74 -37.85 -32.67 20.77
CA LEU D 74 -38.57 -33.46 19.78
C LEU D 74 -37.87 -33.36 18.43
N PRO D 75 -37.73 -34.48 17.73
CA PRO D 75 -37.05 -34.45 16.41
C PRO D 75 -37.78 -33.58 15.41
N MET D 76 -39.10 -33.47 15.50
CA MET D 76 -39.90 -32.68 14.58
C MET D 76 -40.89 -31.86 15.39
N ASP D 77 -40.93 -30.55 15.15
CA ASP D 77 -41.68 -29.62 15.99
C ASP D 77 -41.85 -28.25 15.35
N LYS D 78 -43.08 -27.73 15.36
CA LYS D 78 -43.40 -26.46 14.71
C LYS D 78 -43.54 -25.39 15.78
N TYR D 79 -42.92 -24.23 15.54
CA TYR D 79 -42.82 -23.15 16.52
C TYR D 79 -43.53 -21.90 16.00
N LEU D 80 -44.40 -21.34 16.83
CA LEU D 80 -45.05 -20.08 16.53
C LEU D 80 -44.20 -18.90 17.01
N PHE D 81 -44.30 -17.80 16.27
CA PHE D 81 -43.72 -16.52 16.69
C PHE D 81 -44.81 -15.70 17.36
N VAL D 82 -44.65 -15.44 18.65
CA VAL D 82 -45.73 -14.88 19.47
C VAL D 82 -45.19 -13.73 20.31
N TYR D 83 -46.07 -12.77 20.58
CA TYR D 83 -45.79 -11.64 21.47
C TYR D 83 -46.59 -11.81 22.75
N HIS D 84 -45.99 -11.39 23.88
CA HIS D 84 -46.57 -11.65 25.21
C HIS D 84 -46.47 -10.39 26.06
N ASP D 85 -47.50 -9.55 26.01
CA ASP D 85 -47.64 -8.45 26.95
C ASP D 85 -48.45 -8.93 28.15
N GLN D 86 -49.77 -8.76 28.08
CA GLN D 86 -50.69 -9.41 29.00
C GLN D 86 -51.58 -10.44 28.32
N LEU D 87 -51.71 -10.37 27.00
CA LEU D 87 -52.45 -11.33 26.21
C LEU D 87 -51.54 -11.87 25.12
N GLU D 88 -51.93 -13.00 24.55
CA GLU D 88 -51.12 -13.67 23.53
C GLU D 88 -51.52 -13.20 22.14
N TYR D 89 -50.53 -12.74 21.37
CA TYR D 89 -50.73 -12.32 20.00
C TYR D 89 -49.79 -13.11 19.09
N ILE D 90 -50.36 -13.83 18.14
CA ILE D 90 -49.58 -14.67 17.23
C ILE D 90 -49.22 -13.85 15.99
N GLY D 91 -47.95 -13.91 15.60
CA GLY D 91 -47.52 -13.16 14.44
C GLY D 91 -48.13 -13.70 13.15
N GLN D 92 -48.52 -12.78 12.28
CA GLN D 92 -49.11 -13.12 10.99
C GLN D 92 -48.13 -12.80 9.88
N LEU D 93 -48.06 -13.69 8.88
CA LEU D 93 -47.11 -13.51 7.78
C LEU D 93 -47.64 -12.48 6.80
N ASN D 94 -46.78 -11.56 6.40
CA ASN D 94 -47.17 -10.54 5.43
C ASN D 94 -47.25 -11.18 4.04
N PRO D 95 -48.37 -11.03 3.33
CA PRO D 95 -48.45 -11.57 1.97
C PRO D 95 -47.43 -10.97 1.02
N ASN D 96 -46.83 -9.84 1.39
CA ASN D 96 -45.76 -9.26 0.59
C ASN D 96 -44.57 -10.20 0.51
N ILE D 97 -44.34 -10.99 1.55
CA ILE D 97 -43.27 -11.98 1.51
C ILE D 97 -43.57 -13.03 0.45
N ILE D 98 -44.82 -13.48 0.37
CA ILE D 98 -45.20 -14.48 -0.61
C ILE D 98 -45.13 -13.90 -2.02
N ASP D 99 -45.48 -12.62 -2.17
CA ASP D 99 -45.39 -11.98 -3.49
C ASP D 99 -43.95 -11.76 -3.91
N GLN D 100 -43.08 -11.39 -2.98
CA GLN D 100 -41.67 -11.23 -3.28
C GLN D 100 -41.01 -12.55 -3.65
N ALA D 101 -41.41 -13.64 -2.97
CA ALA D 101 -40.90 -14.97 -3.28
C ALA D 101 -41.45 -15.52 -4.59
N TYR D 102 -42.28 -14.77 -5.31
CA TYR D 102 -42.83 -15.19 -6.59
C TYR D 102 -41.90 -14.91 -7.76
N ALA D 103 -40.61 -14.67 -7.50
CA ALA D 103 -39.57 -14.59 -8.53
C ALA D 103 -39.14 -15.96 -9.05
N ALA D 104 -40.05 -16.93 -9.07
CA ALA D 104 -39.76 -18.27 -9.53
C ALA D 104 -39.82 -18.36 -11.05
N LEU D 105 -39.17 -19.39 -11.60
CA LEU D 105 -39.09 -19.56 -13.05
C LEU D 105 -40.26 -20.43 -13.55
N ASN D 106 -40.24 -20.73 -14.85
CA ASN D 106 -41.40 -21.34 -15.51
C ASN D 106 -41.72 -22.71 -14.94
N GLU D 107 -40.72 -23.59 -14.84
CA GLU D 107 -40.94 -24.91 -14.28
C GLU D 107 -41.38 -24.84 -12.83
N GLU D 108 -40.85 -23.87 -12.09
CA GLU D 108 -41.26 -23.68 -10.70
C GLU D 108 -42.74 -23.34 -10.61
N GLN D 109 -43.24 -22.49 -11.52
CA GLN D 109 -44.67 -22.20 -11.54
C GLN D 109 -45.46 -23.41 -12.00
N ILE D 110 -44.94 -24.18 -12.96
CA ILE D 110 -45.60 -25.41 -13.40
C ILE D 110 -45.84 -26.33 -12.22
N GLU D 111 -44.83 -26.49 -11.37
CA GLU D 111 -44.96 -27.34 -10.19
C GLU D 111 -45.72 -26.68 -9.05
N GLU D 112 -45.84 -25.35 -9.06
CA GLU D 112 -46.78 -24.69 -8.14
C GLU D 112 -48.22 -25.00 -8.54
N TYR D 113 -48.52 -24.97 -9.84
CA TYR D 113 -49.87 -25.28 -10.29
C TYR D 113 -50.18 -26.77 -10.22
N ASN D 114 -49.15 -27.62 -10.13
CA ASN D 114 -49.38 -29.04 -9.88
C ASN D 114 -49.85 -29.30 -8.45
N GLU D 115 -49.75 -28.31 -7.57
CA GLU D 115 -50.21 -28.49 -6.20
C GLU D 115 -51.74 -28.47 -6.15
N LEU D 116 -52.29 -29.35 -5.32
CA LEU D 116 -53.75 -29.46 -5.17
C LEU D 116 -54.28 -28.75 -3.94
N THR D 117 -53.46 -28.62 -2.89
CA THR D 117 -53.86 -27.98 -1.64
C THR D 117 -53.96 -26.45 -1.77
N THR D 118 -53.78 -25.96 -3.00
CA THR D 118 -53.93 -24.54 -3.33
C THR D 118 -53.06 -23.69 -2.42
N GLN D 119 -53.68 -22.80 -1.65
CA GLN D 119 -52.93 -21.82 -0.88
C GLN D 119 -51.88 -22.49 0.00
N ASN D 120 -52.28 -23.53 0.74
CA ASN D 120 -51.36 -24.11 1.72
C ASN D 120 -50.11 -24.69 1.06
N GLY D 121 -50.29 -25.41 -0.05
CA GLY D 121 -49.13 -26.04 -0.67
C GLY D 121 -48.31 -25.09 -1.51
N LYS D 122 -48.95 -24.13 -2.17
CA LYS D 122 -48.19 -23.13 -2.90
C LYS D 122 -47.37 -22.26 -1.96
N VAL D 123 -47.95 -21.82 -0.84
CA VAL D 123 -47.20 -20.97 0.07
C VAL D 123 -46.10 -21.76 0.77
N ASN D 124 -46.35 -23.04 1.10
CA ASN D 124 -45.29 -23.82 1.71
C ASN D 124 -44.15 -24.08 0.73
N TYR D 125 -44.48 -24.33 -0.53
CA TYR D 125 -43.44 -24.52 -1.54
C TYR D 125 -42.63 -23.23 -1.74
N LEU D 126 -43.31 -22.08 -1.78
CA LEU D 126 -42.59 -20.81 -1.94
C LEU D 126 -41.74 -20.49 -0.72
N LEU D 127 -42.24 -20.81 0.48
CA LEU D 127 -41.52 -20.49 1.70
C LEU D 127 -40.33 -21.41 1.93
N ALA D 128 -40.42 -22.67 1.48
CA ALA D 128 -39.32 -23.60 1.67
C ALA D 128 -38.03 -23.12 1.02
N TYR D 129 -38.12 -22.24 0.03
CA TYR D 129 -36.94 -21.65 -0.59
C TYR D 129 -36.19 -20.72 0.34
N ASP D 130 -36.75 -20.40 1.51
CA ASP D 130 -36.06 -19.60 2.52
C ASP D 130 -35.72 -20.43 3.76
N ALA D 131 -35.66 -21.75 3.59
CA ALA D 131 -35.29 -22.65 4.66
C ALA D 131 -33.77 -22.66 4.84
N LYS D 132 -33.35 -23.04 6.04
CA LYS D 132 -31.92 -23.11 6.36
C LYS D 132 -31.60 -24.49 6.93
N VAL D 133 -30.49 -25.05 6.48
CA VAL D 133 -30.00 -26.33 6.97
C VAL D 133 -28.54 -26.16 7.35
N PHE D 134 -28.16 -26.67 8.52
CA PHE D 134 -26.79 -26.60 9.00
C PHE D 134 -26.59 -27.71 10.02
N ARG D 135 -25.33 -27.92 10.41
CA ARG D 135 -24.96 -28.94 11.36
C ARG D 135 -24.33 -28.30 12.59
N LYS D 136 -24.76 -28.78 13.76
CA LYS D 136 -24.28 -28.25 15.05
C LYS D 136 -23.10 -29.10 15.50
N GLY D 137 -21.90 -28.55 15.37
CA GLY D 137 -20.68 -29.24 15.78
C GLY D 137 -20.33 -28.96 17.22
N GLY D 138 -19.05 -29.13 17.53
CA GLY D 138 -18.55 -28.92 18.87
C GLY D 138 -18.28 -30.23 19.60
N VAL D 139 -18.13 -30.11 20.91
CA VAL D 139 -17.83 -31.26 21.75
C VAL D 139 -19.01 -32.19 21.92
N SER D 140 -20.20 -31.80 21.46
CA SER D 140 -21.39 -32.61 21.60
C SER D 140 -21.57 -33.51 20.37
N GLN D 141 -22.58 -34.37 20.42
CA GLN D 141 -22.99 -35.11 19.24
C GLN D 141 -23.44 -34.15 18.16
N HIS D 142 -22.93 -34.33 16.95
CA HIS D 142 -23.27 -33.43 15.85
C HIS D 142 -24.65 -33.75 15.31
N THR D 143 -25.49 -32.72 15.25
CA THR D 143 -26.87 -32.83 14.80
C THR D 143 -27.09 -31.88 13.64
N VAL D 144 -27.98 -32.25 12.73
CA VAL D 144 -28.30 -31.42 11.57
C VAL D 144 -29.63 -30.71 11.84
N TYR D 145 -29.61 -29.39 11.77
CA TYR D 145 -30.80 -28.57 11.93
C TYR D 145 -31.39 -28.24 10.57
N THR D 146 -32.64 -28.61 10.36
CA THR D 146 -33.38 -28.24 9.15
C THR D 146 -34.61 -27.45 9.60
N ILE D 147 -34.64 -26.16 9.25
CA ILE D 147 -35.71 -25.26 9.65
C ILE D 147 -36.41 -24.77 8.39
N THR D 148 -37.70 -25.06 8.30
CA THR D 148 -38.50 -24.73 7.12
C THR D 148 -39.66 -23.84 7.53
N PRO D 149 -39.74 -22.61 7.05
CA PRO D 149 -40.93 -21.78 7.32
C PRO D 149 -42.12 -22.27 6.50
N GLU D 150 -43.28 -22.35 7.15
CA GLU D 150 -44.47 -22.86 6.50
C GLU D 150 -45.70 -22.44 7.31
N ILE D 151 -46.86 -22.56 6.69
CA ILE D 151 -48.14 -22.37 7.36
C ILE D 151 -48.69 -23.73 7.74
N ALA D 152 -48.87 -23.96 9.05
CA ALA D 152 -49.37 -25.23 9.57
C ALA D 152 -50.88 -25.32 9.37
N SER D 153 -51.31 -26.24 8.50
CA SER D 153 -52.72 -26.40 8.20
C SER D 153 -53.53 -26.88 9.40
N ASP D 154 -52.87 -27.43 10.42
CA ASP D 154 -53.59 -27.94 11.58
C ASP D 154 -54.11 -26.84 12.48
N VAL D 155 -53.59 -25.62 12.35
CA VAL D 155 -54.01 -24.52 13.21
C VAL D 155 -54.19 -23.27 12.34
N ASN D 156 -53.73 -23.36 11.08
CA ASN D 156 -53.79 -22.26 10.13
C ASN D 156 -53.05 -21.04 10.66
N GLU D 157 -51.81 -21.27 11.10
CA GLU D 157 -50.93 -20.23 11.60
C GLU D 157 -49.53 -20.44 11.03
N PHE D 158 -48.80 -19.34 10.87
CA PHE D 158 -47.43 -19.44 10.39
C PHE D 158 -46.53 -20.04 11.46
N VAL D 159 -45.65 -20.96 11.06
CA VAL D 159 -44.78 -21.68 11.98
C VAL D 159 -43.43 -21.93 11.32
N PHE D 160 -42.42 -22.14 12.16
CA PHE D 160 -41.12 -22.64 11.72
C PHE D 160 -41.07 -24.14 12.03
N ASP D 161 -41.03 -24.96 10.99
CA ASP D 161 -40.92 -26.41 11.15
C ASP D 161 -39.46 -26.75 11.36
N ILE D 162 -39.08 -27.02 12.61
CA ILE D 162 -37.70 -27.26 12.99
C ILE D 162 -37.49 -28.75 13.16
N GLU D 163 -36.63 -29.33 12.31
CA GLU D 163 -36.28 -30.74 12.39
C GLU D 163 -34.85 -30.87 12.90
N ILE D 164 -34.68 -31.55 14.04
CA ILE D 164 -33.38 -31.79 14.62
C ILE D 164 -33.14 -33.29 14.55
N THR D 165 -32.23 -33.71 13.67
CA THR D 165 -31.96 -35.12 13.44
C THR D 165 -30.45 -35.35 13.45
N LEU D 166 -30.08 -36.59 13.46
CA LEU D 166 -28.68 -36.95 13.33
C LEU D 166 -28.33 -37.15 11.86
N PRO D 167 -27.08 -36.93 11.49
CA PRO D 167 -26.66 -37.19 10.10
C PRO D 167 -26.96 -38.62 9.73
N GLN D 168 -27.76 -38.80 8.68
CA GLN D 168 -28.17 -40.11 8.19
C GLN D 168 -29.06 -40.80 9.21
N LYS E 5 -32.13 50.08 -7.01
CA LYS E 5 -33.05 49.49 -7.97
C LYS E 5 -32.45 48.23 -8.60
N GLN E 6 -31.57 48.42 -9.57
CA GLN E 6 -30.92 47.34 -10.28
C GLN E 6 -29.42 47.51 -10.21
N ALA E 7 -28.72 46.46 -9.76
CA ALA E 7 -27.28 46.52 -9.62
C ALA E 7 -26.71 45.11 -9.52
N ILE E 8 -25.41 45.01 -9.80
CA ILE E 8 -24.64 43.79 -9.59
C ILE E 8 -23.81 43.95 -8.33
N HIS E 9 -23.86 42.94 -7.47
CA HIS E 9 -23.16 42.99 -6.18
C HIS E 9 -22.03 41.99 -6.19
N ILE E 10 -20.88 42.39 -5.64
CA ILE E 10 -19.72 41.53 -5.51
C ILE E 10 -19.69 41.04 -4.06
N ASP E 11 -19.81 39.72 -3.89
CA ASP E 11 -19.92 39.12 -2.57
C ASP E 11 -18.60 38.55 -2.05
N ASN E 12 -17.75 38.03 -2.92
CA ASN E 12 -16.50 37.43 -2.50
C ASN E 12 -15.47 37.56 -3.61
N ILE E 13 -14.21 37.73 -3.21
CA ILE E 13 -13.08 37.83 -4.13
C ILE E 13 -11.98 36.93 -3.60
N TYR E 14 -11.46 36.06 -4.46
CA TYR E 14 -10.37 35.18 -4.08
C TYR E 14 -9.54 34.86 -5.31
N TRP E 15 -8.43 34.18 -5.09
CA TRP E 15 -7.44 33.92 -6.12
C TRP E 15 -7.10 32.44 -6.14
N GLU E 16 -6.76 31.95 -7.34
CA GLU E 16 -6.15 30.63 -7.51
C GLU E 16 -4.87 30.91 -8.30
N ARG E 17 -3.76 31.09 -7.57
CA ARG E 17 -2.48 31.51 -8.14
C ARG E 17 -2.68 32.79 -8.95
N VAL E 18 -2.61 32.68 -10.28
CA VAL E 18 -2.70 33.86 -11.13
C VAL E 18 -4.12 34.19 -11.55
N GLN E 19 -5.08 33.27 -11.34
CA GLN E 19 -6.46 33.47 -11.76
C GLN E 19 -7.25 34.21 -10.69
N LEU E 20 -7.97 35.25 -11.10
CA LEU E 20 -8.78 36.06 -10.19
C LEU E 20 -10.24 35.61 -10.29
N TYR E 21 -10.79 35.16 -9.16
CA TYR E 21 -12.18 34.73 -9.09
C TYR E 21 -13.03 35.80 -8.41
N ILE E 22 -14.19 36.10 -9.02
CA ILE E 22 -15.12 37.08 -8.48
C ILE E 22 -16.49 36.42 -8.34
N GLU E 23 -17.00 36.36 -7.13
CA GLU E 23 -18.32 35.80 -6.84
C GLU E 23 -19.30 36.91 -6.49
N GLY E 24 -20.52 36.80 -7.00
CA GLY E 24 -21.53 37.79 -6.71
C GLY E 24 -22.92 37.33 -7.11
N HIS E 25 -23.87 38.27 -7.04
CA HIS E 25 -25.25 38.01 -7.38
C HIS E 25 -25.87 39.24 -8.05
N SER E 26 -27.05 39.06 -8.64
CA SER E 26 -27.73 40.11 -9.37
C SER E 26 -28.97 40.61 -8.65
N GLU E 27 -29.17 41.92 -8.70
CA GLU E 27 -30.37 42.57 -8.18
C GLU E 27 -31.20 43.09 -9.36
N GLY E 28 -31.91 42.19 -10.03
CA GLY E 28 -32.87 42.55 -11.06
C GLY E 28 -32.37 42.58 -12.49
N VAL E 29 -31.09 42.42 -12.73
CA VAL E 29 -30.58 42.46 -14.09
C VAL E 29 -30.50 41.03 -14.61
N ASP E 30 -30.83 40.84 -15.88
CA ASP E 30 -30.76 39.52 -16.49
C ASP E 30 -29.31 39.12 -16.74
N LEU E 31 -28.98 37.88 -16.38
CA LEU E 31 -27.62 37.37 -16.54
C LEU E 31 -27.48 36.39 -17.69
N THR E 32 -28.58 36.06 -18.38
CA THR E 32 -28.53 35.08 -19.46
C THR E 32 -28.04 35.68 -20.77
N SER E 33 -28.04 37.01 -20.89
CA SER E 33 -27.72 37.68 -22.15
C SER E 33 -26.32 38.28 -22.18
N GLY E 34 -25.93 39.03 -21.16
CA GLY E 34 -24.70 39.79 -21.17
C GLY E 34 -23.47 38.96 -20.85
N GLN E 35 -22.36 39.67 -20.65
CA GLN E 35 -21.07 39.06 -20.37
C GLN E 35 -20.29 39.98 -19.42
N PHE E 36 -19.79 39.40 -18.34
CA PHE E 36 -18.97 40.14 -17.38
C PHE E 36 -17.57 40.38 -17.92
N VAL E 37 -17.06 41.59 -17.68
CA VAL E 37 -15.74 42.02 -18.16
C VAL E 37 -15.11 42.92 -17.10
N LEU E 38 -13.79 43.04 -17.17
CA LEU E 38 -13.05 44.04 -16.40
C LEU E 38 -12.67 45.19 -17.32
N ARG E 39 -13.34 46.31 -17.15
CA ARG E 39 -13.13 47.52 -17.95
C ARG E 39 -12.49 48.59 -17.08
N ASN E 40 -11.52 49.32 -17.65
CA ASN E 40 -10.90 50.39 -16.89
C ASN E 40 -11.62 51.71 -17.15
N LEU E 41 -11.26 52.71 -16.33
CA LEU E 41 -11.98 53.98 -16.32
C LEU E 41 -11.95 54.69 -17.67
N THR E 42 -10.92 54.48 -18.48
CA THR E 42 -10.83 55.17 -19.76
C THR E 42 -11.63 54.50 -20.88
N GLU E 43 -12.24 53.34 -20.62
CA GLU E 43 -13.09 52.61 -21.57
C GLU E 43 -12.39 52.27 -22.88
N THR E 44 -11.06 52.24 -22.91
CA THR E 44 -10.36 51.88 -24.14
C THR E 44 -9.72 50.49 -24.11
N LYS E 45 -9.55 49.89 -22.94
CA LYS E 45 -9.08 48.52 -22.81
C LYS E 45 -10.00 47.77 -21.87
N THR E 46 -10.48 46.60 -22.33
CA THR E 46 -11.40 45.77 -21.58
C THR E 46 -10.90 44.33 -21.57
N LEU E 47 -11.08 43.66 -20.43
CA LEU E 47 -10.59 42.30 -20.23
C LEU E 47 -11.78 41.37 -20.02
N GLU E 48 -11.96 40.44 -20.94
CA GLU E 48 -13.07 39.50 -20.87
C GLU E 48 -12.77 38.36 -19.91
N ALA E 49 -13.83 37.79 -19.35
CA ALA E 49 -13.68 36.65 -18.46
C ALA E 49 -13.37 35.38 -19.26
N ASN E 50 -12.40 34.60 -18.77
CA ASN E 50 -12.06 33.34 -19.40
C ASN E 50 -12.92 32.19 -18.90
N GLU E 51 -13.59 32.36 -17.76
CA GLU E 51 -14.54 31.37 -17.26
C GLU E 51 -15.67 32.11 -16.57
N MET E 52 -16.91 31.67 -16.82
CA MET E 52 -18.08 32.32 -16.26
C MET E 52 -19.13 31.26 -15.95
N LYS E 53 -19.60 31.23 -14.70
CA LYS E 53 -20.67 30.34 -14.28
C LYS E 53 -21.85 31.18 -13.81
N ILE E 54 -23.04 30.88 -14.31
CA ILE E 54 -24.26 31.55 -13.90
C ILE E 54 -25.19 30.52 -13.29
N ASP E 55 -25.79 30.85 -12.16
CA ASP E 55 -26.76 29.98 -11.48
C ASP E 55 -27.88 30.88 -10.97
N GLY E 56 -28.92 31.05 -11.80
CA GLY E 56 -30.00 31.95 -11.47
C GLY E 56 -29.52 33.39 -11.45
N ASN E 57 -29.46 33.99 -10.26
CA ASN E 57 -28.93 35.34 -10.10
C ASN E 57 -27.49 35.36 -9.61
N THR E 58 -26.97 34.22 -9.14
CA THR E 58 -25.59 34.14 -8.68
C THR E 58 -24.65 33.87 -9.83
N PHE E 59 -23.43 34.37 -9.71
CA PHE E 59 -22.44 34.22 -10.77
C PHE E 59 -21.05 34.08 -10.16
N ILE E 60 -20.18 33.40 -10.89
CA ILE E 60 -18.75 33.35 -10.59
C ILE E 60 -17.99 33.60 -11.88
N CYS E 61 -16.99 34.48 -11.83
CA CYS E 61 -16.23 34.85 -13.01
C CYS E 61 -14.74 34.71 -12.73
N ARG E 62 -13.99 34.35 -13.76
CA ARG E 62 -12.54 34.19 -13.67
C ARG E 62 -11.87 35.05 -14.73
N PHE E 63 -10.84 35.79 -14.32
CA PHE E 63 -10.11 36.67 -15.22
C PHE E 63 -8.62 36.39 -15.10
N ASN E 64 -7.93 36.34 -16.24
CA ASN E 64 -6.48 36.22 -16.28
C ASN E 64 -5.92 37.61 -16.58
N VAL E 65 -5.58 38.35 -15.52
CA VAL E 65 -5.10 39.72 -15.68
C VAL E 65 -3.68 39.78 -16.20
N ALA E 66 -2.95 38.66 -16.20
CA ALA E 66 -1.55 38.66 -16.59
C ALA E 66 -1.34 38.90 -18.09
N ILE E 67 -2.41 38.94 -18.88
CA ILE E 67 -2.27 39.20 -20.31
C ILE E 67 -2.13 40.69 -20.63
N LEU E 68 -2.29 41.56 -19.63
CA LEU E 68 -2.30 43.00 -19.89
C LEU E 68 -0.95 43.54 -20.34
N ASP E 69 0.13 42.80 -20.14
CA ASP E 69 1.43 43.26 -20.62
C ASP E 69 1.77 42.71 -22.00
N ASP E 70 0.88 41.94 -22.61
CA ASP E 70 1.01 41.53 -24.00
C ASP E 70 0.57 42.71 -24.86
N GLY E 71 1.54 43.46 -25.37
CA GLY E 71 1.26 44.66 -26.12
C GLY E 71 1.36 45.90 -25.26
N TYR E 72 0.68 46.95 -25.72
CA TYR E 72 0.74 48.24 -25.04
C TYR E 72 -0.03 48.20 -23.73
N TYR E 73 0.54 48.84 -22.71
CA TYR E 73 -0.06 48.82 -21.37
C TYR E 73 0.49 50.00 -20.58
N LEU E 74 -0.38 50.55 -19.72
CA LEU E 74 0.05 51.64 -18.84
C LEU E 74 0.46 51.07 -17.48
N PRO E 75 1.48 51.66 -16.84
CA PRO E 75 1.99 51.07 -15.59
C PRO E 75 0.96 50.87 -14.50
N MET E 76 0.06 51.83 -14.28
CA MET E 76 -0.93 51.74 -13.20
C MET E 76 -2.29 52.18 -13.74
N ASP E 77 -3.17 51.20 -13.99
CA ASP E 77 -4.50 51.43 -14.53
C ASP E 77 -5.53 50.71 -13.68
N LYS E 78 -6.62 51.40 -13.37
CA LYS E 78 -7.64 50.92 -12.46
C LYS E 78 -8.83 50.38 -13.27
N TYR E 79 -9.30 49.19 -12.94
CA TYR E 79 -10.29 48.46 -13.71
C TYR E 79 -11.56 48.21 -12.91
N LEU E 80 -12.71 48.55 -13.49
CA LEU E 80 -14.02 48.27 -12.90
C LEU E 80 -14.49 46.87 -13.29
N PHE E 81 -15.28 46.27 -12.40
CA PHE E 81 -15.97 45.01 -12.69
C PHE E 81 -17.38 45.35 -13.17
N VAL E 82 -17.68 45.02 -14.43
CA VAL E 82 -18.89 45.52 -15.09
C VAL E 82 -19.60 44.36 -15.78
N TYR E 83 -20.93 44.45 -15.81
CA TYR E 83 -21.78 43.55 -16.57
C TYR E 83 -22.35 44.33 -17.75
N HIS E 84 -22.06 43.89 -18.96
CA HIS E 84 -22.42 44.62 -20.17
C HIS E 84 -23.47 43.85 -20.95
N ASP E 85 -24.63 44.47 -21.15
CA ASP E 85 -25.66 43.93 -22.03
C ASP E 85 -26.02 44.99 -23.05
N GLN E 86 -27.25 45.48 -23.02
CA GLN E 86 -27.57 46.69 -23.79
C GLN E 86 -27.17 47.95 -23.04
N LEU E 87 -27.16 47.89 -21.71
CA LEU E 87 -26.68 48.97 -20.86
C LEU E 87 -25.49 48.48 -20.05
N GLU E 88 -24.79 49.42 -19.41
CA GLU E 88 -23.63 49.11 -18.60
C GLU E 88 -24.00 49.20 -17.12
N TYR E 89 -23.68 48.14 -16.36
CA TYR E 89 -23.93 48.08 -14.93
C TYR E 89 -22.63 47.81 -14.21
N ILE E 90 -22.25 48.69 -13.30
CA ILE E 90 -21.00 48.57 -12.56
C ILE E 90 -21.25 47.77 -11.30
N GLY E 91 -20.38 46.78 -11.04
CA GLY E 91 -20.54 45.96 -9.86
C GLY E 91 -20.26 46.74 -8.58
N GLN E 92 -21.05 46.47 -7.56
CA GLN E 92 -20.93 47.12 -6.26
C GLN E 92 -20.39 46.14 -5.24
N LEU E 93 -19.48 46.61 -4.39
CA LEU E 93 -18.85 45.77 -3.38
C LEU E 93 -19.79 45.60 -2.19
N ASN E 94 -19.91 44.37 -1.72
CA ASN E 94 -20.77 44.11 -0.57
C ASN E 94 -20.11 44.65 0.69
N PRO E 95 -20.80 45.48 1.48
CA PRO E 95 -20.19 45.97 2.73
C PRO E 95 -19.83 44.86 3.70
N ASN E 96 -20.38 43.66 3.53
CA ASN E 96 -19.99 42.53 4.36
C ASN E 96 -18.52 42.20 4.16
N ILE E 97 -17.99 42.43 2.96
CA ILE E 97 -16.57 42.19 2.71
C ILE E 97 -15.73 43.14 3.55
N ILE E 98 -16.14 44.41 3.62
CA ILE E 98 -15.41 45.38 4.43
C ILE E 98 -15.56 45.06 5.91
N ASP E 99 -16.73 44.55 6.32
CA ASP E 99 -16.91 44.19 7.72
C ASP E 99 -16.06 42.99 8.11
N GLN E 100 -15.94 42.00 7.22
CA GLN E 100 -15.05 40.86 7.47
C GLN E 100 -13.59 41.29 7.45
N ALA E 101 -13.24 42.26 6.59
CA ALA E 101 -11.89 42.79 6.58
C ALA E 101 -11.56 43.54 7.85
N TYR E 102 -12.57 44.01 8.59
CA TYR E 102 -12.35 44.68 9.87
C TYR E 102 -11.88 43.73 10.95
N ALA E 103 -11.76 42.44 10.67
CA ALA E 103 -11.21 41.47 11.62
C ALA E 103 -9.69 41.53 11.57
N ALA E 104 -9.17 42.65 12.04
CA ALA E 104 -7.73 42.90 12.09
C ALA E 104 -7.25 42.81 13.54
N LEU E 105 -5.94 42.96 13.72
CA LEU E 105 -5.34 42.88 15.04
C LEU E 105 -5.39 44.24 15.74
N ASN E 106 -4.81 44.29 16.94
CA ASN E 106 -4.89 45.50 17.77
C ASN E 106 -4.12 46.66 17.13
N GLU E 107 -2.87 46.42 16.76
CA GLU E 107 -2.04 47.51 16.24
C GLU E 107 -2.51 47.96 14.86
N GLU E 108 -3.00 47.02 14.04
CA GLU E 108 -3.53 47.41 12.73
C GLU E 108 -4.81 48.23 12.87
N GLN E 109 -5.63 47.92 13.86
CA GLN E 109 -6.83 48.72 14.10
C GLN E 109 -6.45 50.09 14.65
N ILE E 110 -5.42 50.15 15.49
CA ILE E 110 -4.88 51.44 15.92
C ILE E 110 -4.45 52.26 14.71
N GLU E 111 -3.80 51.61 13.75
CA GLU E 111 -3.42 52.29 12.52
C GLU E 111 -4.65 52.76 11.74
N GLU E 112 -5.74 51.99 11.79
CA GLU E 112 -6.93 52.32 11.02
C GLU E 112 -7.58 53.62 11.50
N TYR E 113 -7.35 54.02 12.74
CA TYR E 113 -7.97 55.24 13.29
C TYR E 113 -7.37 56.53 12.72
N ASN E 114 -6.52 56.47 11.70
CA ASN E 114 -5.93 57.67 11.12
C ASN E 114 -6.98 58.64 10.59
N THR E 118 -9.99 60.15 6.39
CA THR E 118 -11.13 60.05 5.49
C THR E 118 -11.71 58.64 5.48
N GLN E 119 -12.92 58.49 4.95
CA GLN E 119 -13.56 57.19 4.92
C GLN E 119 -13.08 56.36 3.73
N ASN E 120 -12.81 57.00 2.59
CA ASN E 120 -12.31 56.27 1.44
C ASN E 120 -10.91 55.71 1.71
N GLY E 121 -10.14 56.39 2.56
CA GLY E 121 -8.81 55.89 2.85
C GLY E 121 -8.86 54.76 3.85
N LYS E 122 -9.80 54.81 4.78
CA LYS E 122 -10.00 53.68 5.69
C LYS E 122 -10.46 52.44 4.94
N VAL E 123 -11.42 52.60 4.01
CA VAL E 123 -11.90 51.44 3.28
C VAL E 123 -10.83 50.90 2.32
N ASN E 124 -10.03 51.79 1.72
CA ASN E 124 -8.93 51.33 0.88
C ASN E 124 -7.87 50.61 1.70
N TYR E 125 -7.59 51.10 2.90
CA TYR E 125 -6.65 50.43 3.79
C TYR E 125 -7.16 49.05 4.18
N LEU E 126 -8.46 48.94 4.47
CA LEU E 126 -9.04 47.63 4.81
C LEU E 126 -8.99 46.68 3.62
N LEU E 127 -9.21 47.21 2.41
CA LEU E 127 -9.20 46.35 1.22
C LEU E 127 -7.79 45.93 0.83
N ALA E 128 -6.79 46.78 1.08
CA ALA E 128 -5.41 46.47 0.71
C ALA E 128 -4.90 45.19 1.36
N TYR E 129 -5.50 44.78 2.49
CA TYR E 129 -5.10 43.52 3.12
C TYR E 129 -5.44 42.31 2.27
N ASP E 130 -6.19 42.50 1.18
CA ASP E 130 -6.55 41.42 0.26
C ASP E 130 -5.91 41.62 -1.11
N ALA E 131 -4.80 42.34 -1.18
CA ALA E 131 -4.11 42.55 -2.45
C ALA E 131 -3.34 41.31 -2.87
N LYS E 132 -3.08 41.21 -4.16
CA LYS E 132 -2.37 40.08 -4.75
C LYS E 132 -1.17 40.56 -5.54
N VAL E 133 -0.04 39.88 -5.36
CA VAL E 133 1.19 40.18 -6.08
C VAL E 133 1.76 38.88 -6.66
N PHE E 134 2.17 38.93 -7.92
CA PHE E 134 2.81 37.78 -8.56
C PHE E 134 3.66 38.29 -9.72
N ARG E 135 4.49 37.40 -10.25
CA ARG E 135 5.37 37.71 -11.36
C ARG E 135 5.07 36.79 -12.54
N LYS E 136 5.38 37.29 -13.74
CA LYS E 136 5.07 36.59 -14.98
C LYS E 136 6.32 36.53 -15.85
N GLY E 137 6.63 35.35 -16.38
CA GLY E 137 7.78 35.17 -17.24
C GLY E 137 7.60 34.08 -18.27
N SER E 140 8.85 37.15 -22.46
CA SER E 140 10.17 36.76 -21.95
C SER E 140 10.55 37.56 -20.72
N GLN E 141 10.48 38.90 -20.84
CA GLN E 141 10.80 39.77 -19.72
C GLN E 141 9.89 39.47 -18.53
N HIS E 142 10.50 39.27 -17.37
CA HIS E 142 9.72 38.98 -16.17
C HIS E 142 9.21 40.29 -15.57
N THR E 143 7.91 40.36 -15.34
CA THR E 143 7.24 41.55 -14.84
C THR E 143 6.48 41.23 -13.56
N VAL E 144 6.35 42.23 -12.69
CA VAL E 144 5.66 42.09 -11.41
C VAL E 144 4.27 42.68 -11.53
N TYR E 145 3.25 41.87 -11.25
CA TYR E 145 1.86 42.30 -11.22
C TYR E 145 1.44 42.55 -9.77
N THR E 146 0.95 43.76 -9.50
CA THR E 146 0.40 44.10 -8.19
C THR E 146 -1.05 44.55 -8.38
N ILE E 147 -1.98 43.77 -7.85
CA ILE E 147 -3.41 44.03 -7.97
C ILE E 147 -3.98 44.33 -6.58
N THR E 148 -4.52 45.54 -6.41
CA THR E 148 -5.01 45.99 -5.12
C THR E 148 -6.47 46.43 -5.27
N PRO E 149 -7.41 45.78 -4.60
CA PRO E 149 -8.80 46.28 -4.61
C PRO E 149 -8.94 47.54 -3.77
N GLU E 150 -9.69 48.50 -4.31
CA GLU E 150 -9.88 49.78 -3.65
C GLU E 150 -11.08 50.48 -4.25
N ILE E 151 -11.56 51.51 -3.56
CA ILE E 151 -12.62 52.37 -4.06
C ILE E 151 -11.97 53.62 -4.65
N ALA E 152 -12.22 53.86 -5.94
CA ALA E 152 -11.67 55.04 -6.61
C ALA E 152 -12.49 56.25 -6.21
N SER E 153 -11.88 57.15 -5.43
CA SER E 153 -12.60 58.31 -4.92
C SER E 153 -13.04 59.27 -6.02
N ASP E 154 -12.42 59.20 -7.19
CA ASP E 154 -12.78 60.08 -8.30
C ASP E 154 -14.07 59.70 -9.00
N VAL E 155 -14.59 58.49 -8.77
CA VAL E 155 -15.78 58.01 -9.47
C VAL E 155 -16.72 57.38 -8.45
N ASN E 156 -16.24 57.16 -7.23
CA ASN E 156 -17.02 56.54 -6.16
C ASN E 156 -17.53 55.16 -6.58
N GLU E 157 -16.60 54.35 -7.10
CA GLU E 157 -16.91 52.99 -7.52
C GLU E 157 -15.78 52.06 -7.08
N PHE E 158 -16.12 50.80 -6.85
CA PHE E 158 -15.10 49.81 -6.53
C PHE E 158 -14.26 49.52 -7.76
N VAL E 159 -12.94 49.42 -7.58
CA VAL E 159 -12.02 49.27 -8.69
C VAL E 159 -10.87 48.36 -8.27
N PHE E 160 -10.25 47.73 -9.27
CA PHE E 160 -8.99 46.99 -9.09
C PHE E 160 -7.84 47.86 -9.57
N ASP E 161 -6.97 48.27 -8.66
CA ASP E 161 -5.78 49.04 -9.02
C ASP E 161 -4.70 48.06 -9.43
N ILE E 162 -4.49 47.93 -10.73
CA ILE E 162 -3.53 46.97 -11.29
C ILE E 162 -2.25 47.72 -11.64
N GLU E 163 -1.15 47.36 -10.99
CA GLU E 163 0.15 47.96 -11.23
C GLU E 163 1.07 46.92 -11.85
N ILE E 164 1.58 47.21 -13.03
CA ILE E 164 2.46 46.31 -13.77
C ILE E 164 3.84 46.95 -13.83
N THR E 165 4.80 46.36 -13.13
CA THR E 165 6.14 46.90 -13.06
C THR E 165 7.16 45.80 -13.38
N LEU E 166 8.37 46.23 -13.64
CA LEU E 166 9.47 45.30 -13.77
C LEU E 166 10.20 45.16 -12.44
N PRO E 167 10.84 44.02 -12.16
CA PRO E 167 11.66 43.92 -10.96
C PRO E 167 12.71 45.01 -10.95
N GLN E 168 12.61 45.93 -9.99
CA GLN E 168 13.51 47.08 -9.88
C GLN E 168 13.25 48.06 -11.01
N ILE F 8 19.98 -27.28 -3.95
CA ILE F 8 20.99 -26.53 -4.70
C ILE F 8 20.94 -26.90 -6.17
N HIS F 9 20.87 -25.88 -7.03
CA HIS F 9 20.76 -26.08 -8.48
C HIS F 9 22.01 -25.52 -9.15
N ILE F 10 22.51 -26.24 -10.14
CA ILE F 10 23.66 -25.81 -10.94
C ILE F 10 23.15 -25.28 -12.28
N ASP F 11 23.42 -24.00 -12.56
CA ASP F 11 22.92 -23.35 -13.76
C ASP F 11 23.96 -23.27 -14.87
N ASN F 12 25.24 -23.08 -14.54
CA ASN F 12 26.27 -22.97 -15.56
C ASN F 12 27.61 -23.41 -14.99
N ILE F 13 28.42 -24.03 -15.85
CA ILE F 13 29.77 -24.46 -15.50
C ILE F 13 30.70 -24.10 -16.65
N TYR F 14 31.82 -23.46 -16.31
CA TYR F 14 32.82 -23.09 -17.32
C TYR F 14 34.19 -23.06 -16.66
N TRP F 15 35.21 -22.86 -17.50
CA TRP F 15 36.60 -22.96 -17.08
C TRP F 15 37.38 -21.72 -17.48
N GLU F 16 38.35 -21.35 -16.65
CA GLU F 16 39.39 -20.38 -16.99
C GLU F 16 40.71 -21.09 -16.71
N ARG F 17 41.32 -21.64 -17.77
CA ARG F 17 42.51 -22.49 -17.64
C ARG F 17 42.21 -23.66 -16.73
N VAL F 18 42.81 -23.68 -15.54
CA VAL F 18 42.64 -24.79 -14.61
C VAL F 18 41.52 -24.58 -13.60
N GLN F 19 40.99 -23.36 -13.49
CA GLN F 19 39.99 -23.05 -12.48
C GLN F 19 38.60 -23.42 -12.98
N LEU F 20 37.86 -24.16 -12.16
CA LEU F 20 36.50 -24.59 -12.48
C LEU F 20 35.50 -23.70 -11.75
N TYR F 21 34.67 -23.00 -12.51
CA TYR F 21 33.63 -22.14 -11.96
C TYR F 21 32.26 -22.80 -12.11
N ILE F 22 31.47 -22.76 -11.04
CA ILE F 22 30.13 -23.35 -11.03
C ILE F 22 29.11 -22.29 -10.63
N GLU F 23 28.17 -22.00 -11.52
CA GLU F 23 27.10 -21.04 -11.30
C GLU F 23 25.78 -21.76 -11.09
N GLY F 24 24.97 -21.26 -10.18
CA GLY F 24 23.68 -21.89 -9.94
C GLY F 24 22.76 -21.01 -9.12
N HIS F 25 21.63 -21.58 -8.74
CA HIS F 25 20.63 -20.89 -7.93
C HIS F 25 20.02 -21.88 -6.95
N SER F 26 19.31 -21.32 -5.98
CA SER F 26 18.65 -22.08 -4.93
C SER F 26 17.13 -22.02 -5.11
N GLU F 27 16.46 -23.11 -4.70
CA GLU F 27 15.00 -23.17 -4.76
C GLU F 27 14.34 -22.95 -3.41
N GLY F 28 15.02 -23.32 -2.32
CA GLY F 28 14.47 -23.14 -0.99
C GLY F 28 15.47 -23.12 0.14
N VAL F 29 16.74 -23.36 -0.18
CA VAL F 29 17.81 -23.48 0.81
C VAL F 29 18.44 -22.12 1.06
N ASP F 30 18.62 -21.79 2.35
CA ASP F 30 19.31 -20.58 2.75
C ASP F 30 20.80 -20.72 2.49
N LEU F 31 21.32 -19.91 1.57
CA LEU F 31 22.73 -19.96 1.18
C LEU F 31 23.56 -19.08 2.10
N THR F 32 23.61 -19.47 3.37
CA THR F 32 24.46 -18.77 4.33
C THR F 32 25.79 -19.53 4.42
N SER F 33 26.57 -19.30 5.49
CA SER F 33 27.98 -19.66 5.52
C SER F 33 28.22 -21.16 5.60
N GLY F 34 27.89 -21.88 4.54
CA GLY F 34 28.30 -23.29 4.40
C GLY F 34 29.43 -23.38 3.40
N GLN F 35 30.40 -24.24 3.72
CA GLN F 35 31.58 -24.41 2.88
C GLN F 35 31.21 -25.19 1.62
N PHE F 36 31.49 -24.60 0.46
CA PHE F 36 31.30 -25.31 -0.79
C PHE F 36 32.48 -26.24 -1.01
N VAL F 37 32.19 -27.48 -1.45
CA VAL F 37 33.21 -28.51 -1.61
C VAL F 37 32.86 -29.38 -2.80
N LEU F 38 33.89 -29.99 -3.39
CA LEU F 38 33.74 -31.08 -4.34
C LEU F 38 34.12 -32.37 -3.62
N ARG F 39 33.13 -33.23 -3.40
CA ARG F 39 33.30 -34.46 -2.64
C ARG F 39 33.15 -35.67 -3.56
N ASN F 40 34.12 -36.57 -3.51
CA ASN F 40 34.01 -37.79 -4.29
C ASN F 40 32.97 -38.72 -3.69
N LEU F 41 32.55 -39.72 -4.49
CA LEU F 41 31.46 -40.59 -4.07
C LEU F 41 31.82 -41.39 -2.82
N THR F 42 33.10 -41.67 -2.61
CA THR F 42 33.56 -42.44 -1.47
C THR F 42 33.76 -41.60 -0.21
N GLU F 43 33.57 -40.28 -0.29
CA GLU F 43 33.71 -39.34 0.83
C GLU F 43 35.08 -39.44 1.50
N THR F 44 36.09 -39.90 0.75
CA THR F 44 37.45 -40.02 1.25
C THR F 44 38.39 -38.94 0.75
N LYS F 45 38.00 -38.19 -0.29
CA LYS F 45 38.78 -37.09 -0.81
C LYS F 45 37.91 -35.85 -0.92
N THR F 46 38.42 -34.73 -0.41
CA THR F 46 37.68 -33.48 -0.37
C THR F 46 38.53 -32.35 -0.95
N LEU F 47 37.91 -31.52 -1.78
CA LEU F 47 38.56 -30.40 -2.46
C LEU F 47 37.84 -29.12 -2.04
N GLU F 48 38.57 -28.22 -1.40
CA GLU F 48 37.97 -26.99 -0.90
C GLU F 48 37.83 -25.93 -1.99
N ALA F 49 36.83 -25.07 -1.83
CA ALA F 49 36.56 -23.98 -2.74
C ALA F 49 37.53 -22.82 -2.56
N ASN F 50 38.03 -22.28 -3.66
CA ASN F 50 38.91 -21.12 -3.61
C ASN F 50 38.18 -19.78 -3.66
N GLU F 51 36.94 -19.73 -4.19
CA GLU F 51 36.17 -18.49 -4.25
C GLU F 51 34.68 -18.78 -4.12
N MET F 52 33.96 -17.88 -3.44
CA MET F 52 32.53 -18.03 -3.22
C MET F 52 31.86 -16.66 -3.34
N LYS F 53 30.71 -16.64 -4.02
CA LYS F 53 29.91 -15.44 -4.21
C LYS F 53 28.43 -15.82 -4.13
N ILE F 54 27.65 -15.01 -3.44
CA ILE F 54 26.23 -15.29 -3.18
C ILE F 54 25.43 -14.01 -3.31
N ASP F 55 24.26 -14.11 -3.95
CA ASP F 55 23.35 -12.98 -4.12
C ASP F 55 21.91 -13.43 -3.80
N GLY F 56 21.70 -13.80 -2.53
CA GLY F 56 20.39 -14.22 -2.08
C GLY F 56 20.00 -15.60 -2.58
N ASN F 57 19.75 -15.73 -3.88
CA ASN F 57 19.35 -16.99 -4.47
C ASN F 57 20.38 -17.56 -5.44
N THR F 58 21.19 -16.72 -6.08
CA THR F 58 22.19 -17.16 -7.03
C THR F 58 23.58 -17.21 -6.39
N PHE F 59 24.41 -18.12 -6.87
CA PHE F 59 25.75 -18.31 -6.32
C PHE F 59 26.70 -18.73 -7.43
N ILE F 60 27.98 -18.39 -7.25
CA ILE F 60 29.07 -18.88 -8.10
C ILE F 60 30.23 -19.31 -7.22
N CYS F 61 30.81 -20.48 -7.53
CA CYS F 61 31.90 -21.06 -6.75
C CYS F 61 33.05 -21.46 -7.66
N ARG F 62 34.27 -21.39 -7.12
CA ARG F 62 35.48 -21.70 -7.87
C ARG F 62 36.31 -22.77 -7.16
N PHE F 63 36.79 -23.77 -7.93
CA PHE F 63 37.61 -24.86 -7.42
C PHE F 63 38.87 -25.01 -8.27
N ASN F 64 40.00 -25.27 -7.60
CA ASN F 64 41.27 -25.56 -8.26
C ASN F 64 41.48 -27.08 -8.21
N VAL F 65 41.13 -27.76 -9.29
CA VAL F 65 41.18 -29.22 -9.35
C VAL F 65 42.60 -29.79 -9.46
N ALA F 66 43.58 -28.97 -9.78
CA ALA F 66 44.94 -29.45 -10.05
C ALA F 66 45.66 -29.99 -8.81
N ILE F 67 45.08 -29.86 -7.62
CA ILE F 67 45.74 -30.33 -6.39
C ILE F 67 45.58 -31.82 -6.17
N LEU F 68 44.71 -32.50 -6.93
CA LEU F 68 44.41 -33.90 -6.62
C LEU F 68 45.55 -34.86 -6.90
N ASP F 69 46.54 -34.47 -7.70
CA ASP F 69 47.68 -35.35 -7.96
C ASP F 69 48.88 -35.02 -7.09
N ASP F 70 48.72 -34.16 -6.09
CA ASP F 70 49.83 -33.80 -5.21
C ASP F 70 50.08 -34.84 -4.12
N GLY F 71 49.09 -35.67 -3.83
CA GLY F 71 49.23 -36.76 -2.87
C GLY F 71 48.79 -38.06 -3.50
N TYR F 72 48.14 -38.90 -2.69
CA TYR F 72 47.60 -40.16 -3.18
C TYR F 72 46.27 -39.91 -3.89
N TYR F 73 46.08 -40.56 -5.04
CA TYR F 73 44.98 -40.23 -5.92
C TYR F 73 44.59 -41.45 -6.73
N LEU F 74 43.30 -41.53 -7.08
CA LEU F 74 42.77 -42.59 -7.91
C LEU F 74 42.78 -42.15 -9.37
N PRO F 75 43.12 -43.05 -10.30
CA PRO F 75 43.12 -42.68 -11.72
C PRO F 75 41.76 -42.28 -12.25
N MET F 76 40.67 -42.68 -11.59
CA MET F 76 39.34 -42.24 -11.96
C MET F 76 38.43 -42.29 -10.74
N ASP F 77 37.69 -41.21 -10.50
CA ASP F 77 36.77 -41.08 -9.38
C ASP F 77 35.90 -39.86 -9.61
N LYS F 78 34.62 -39.98 -9.28
CA LYS F 78 33.63 -38.96 -9.57
C LYS F 78 33.33 -38.11 -8.34
N TYR F 79 33.25 -36.79 -8.55
CA TYR F 79 33.11 -35.83 -7.47
C TYR F 79 31.79 -35.09 -7.57
N LEU F 80 31.06 -35.04 -6.46
CA LEU F 80 29.83 -34.26 -6.35
C LEU F 80 30.13 -32.83 -5.92
N PHE F 81 29.28 -31.92 -6.35
CA PHE F 81 29.31 -30.54 -5.88
C PHE F 81 28.34 -30.42 -4.71
N VAL F 82 28.87 -30.08 -3.52
CA VAL F 82 28.11 -30.21 -2.28
C VAL F 82 28.18 -28.92 -1.48
N TYR F 83 27.09 -28.65 -0.76
CA TYR F 83 26.96 -27.53 0.17
C TYR F 83 26.88 -28.11 1.59
N HIS F 84 28.01 -28.16 2.30
CA HIS F 84 28.05 -28.80 3.60
C HIS F 84 28.13 -27.74 4.70
N ASP F 85 28.69 -28.10 5.87
CA ASP F 85 28.60 -27.38 7.14
C ASP F 85 27.24 -27.61 7.78
N GLN F 86 26.16 -27.18 7.14
CA GLN F 86 24.81 -27.43 7.63
C GLN F 86 24.29 -28.69 6.94
N LEU F 87 24.50 -29.83 7.59
CA LEU F 87 24.12 -31.12 7.02
C LEU F 87 24.87 -31.25 5.69
N GLU F 88 24.20 -31.66 4.62
CA GLU F 88 24.85 -31.86 3.32
C GLU F 88 23.80 -31.73 2.24
N TYR F 89 24.06 -30.86 1.26
CA TYR F 89 23.14 -30.64 0.15
C TYR F 89 23.88 -30.86 -1.16
N ILE F 90 23.36 -31.78 -1.99
CA ILE F 90 23.99 -32.13 -3.26
C ILE F 90 23.43 -31.22 -4.35
N GLY F 91 24.33 -30.67 -5.16
CA GLY F 91 23.90 -29.78 -6.23
C GLY F 91 23.18 -30.57 -7.33
N GLN F 92 22.11 -29.97 -7.86
CA GLN F 92 21.33 -30.57 -8.93
C GLN F 92 21.53 -29.79 -10.22
N LEU F 93 21.66 -30.52 -11.33
CA LEU F 93 21.91 -29.90 -12.63
C LEU F 93 20.62 -29.33 -13.22
N ASN F 94 20.68 -28.10 -13.70
CA ASN F 94 19.53 -27.49 -14.35
C ASN F 94 19.38 -28.04 -15.77
N PRO F 95 18.20 -28.51 -16.15
CA PRO F 95 18.01 -29.04 -17.52
C PRO F 95 18.27 -28.03 -18.63
N ASN F 96 18.37 -26.74 -18.34
CA ASN F 96 18.64 -25.76 -19.39
C ASN F 96 19.98 -26.01 -20.07
N ILE F 97 20.97 -26.55 -19.34
CA ILE F 97 22.27 -26.82 -19.93
C ILE F 97 22.17 -27.89 -21.01
N ILE F 98 21.40 -28.95 -20.75
CA ILE F 98 21.26 -30.01 -21.75
C ILE F 98 20.48 -29.49 -22.96
N ASP F 99 19.52 -28.57 -22.74
CA ASP F 99 18.79 -27.99 -23.86
C ASP F 99 19.70 -27.11 -24.71
N GLN F 100 20.60 -26.36 -24.05
CA GLN F 100 21.58 -25.59 -24.81
C GLN F 100 22.55 -26.50 -25.55
N ALA F 101 22.85 -27.67 -24.98
CA ALA F 101 23.72 -28.63 -25.66
C ALA F 101 23.01 -29.31 -26.82
N TYR F 102 21.67 -29.31 -26.84
CA TYR F 102 20.95 -29.88 -27.97
C TYR F 102 21.28 -29.17 -29.26
N ALA F 103 21.69 -27.91 -29.18
CA ALA F 103 22.22 -27.20 -30.34
C ALA F 103 23.52 -27.86 -30.78
N ALA F 104 23.44 -28.80 -31.71
CA ALA F 104 24.60 -29.57 -32.12
C ALA F 104 24.56 -29.70 -33.64
N LEU F 105 25.24 -30.71 -34.17
CA LEU F 105 25.32 -30.96 -35.60
C LEU F 105 24.32 -32.04 -36.00
N ASN F 106 24.35 -32.41 -37.27
CA ASN F 106 23.42 -33.42 -37.79
C ASN F 106 23.81 -34.82 -37.32
N GLU F 107 25.04 -35.23 -37.61
CA GLU F 107 25.49 -36.55 -37.16
C GLU F 107 25.61 -36.61 -35.65
N GLU F 108 25.69 -35.46 -34.97
CA GLU F 108 25.66 -35.46 -33.51
C GLU F 108 24.26 -35.83 -33.00
N GLN F 109 23.22 -35.38 -33.70
CA GLN F 109 21.88 -35.84 -33.40
C GLN F 109 21.70 -37.30 -33.82
N ILE F 110 22.41 -37.73 -34.87
CA ILE F 110 22.33 -39.11 -35.30
C ILE F 110 22.90 -40.04 -34.23
N GLU F 111 24.07 -39.69 -33.69
CA GLU F 111 24.67 -40.49 -32.61
C GLU F 111 23.82 -40.46 -31.36
N GLU F 112 23.00 -39.41 -31.19
CA GLU F 112 22.16 -39.31 -30.00
C GLU F 112 21.21 -40.49 -29.88
N TYR F 113 20.69 -40.97 -31.02
CA TYR F 113 19.74 -42.07 -31.02
C TYR F 113 20.34 -43.29 -31.71
N THR F 118 19.15 -44.57 -23.97
CA THR F 118 18.89 -44.43 -22.54
C THR F 118 18.92 -42.96 -22.13
N GLN F 119 18.08 -42.60 -21.16
CA GLN F 119 18.02 -41.24 -20.66
C GLN F 119 19.38 -40.75 -20.19
N ASN F 120 19.98 -41.46 -19.22
CA ASN F 120 21.26 -41.05 -18.68
C ASN F 120 22.37 -41.11 -19.71
N GLY F 121 22.25 -41.98 -20.71
CA GLY F 121 23.31 -42.07 -21.70
C GLY F 121 23.21 -40.94 -22.69
N LYS F 122 21.98 -40.53 -23.03
CA LYS F 122 21.82 -39.35 -23.87
C LYS F 122 22.31 -38.09 -23.17
N VAL F 123 21.96 -37.92 -21.89
CA VAL F 123 22.39 -36.72 -21.18
C VAL F 123 23.90 -36.73 -20.99
N ASN F 124 24.49 -37.91 -20.77
CA ASN F 124 25.95 -38.01 -20.66
C ASN F 124 26.61 -37.70 -21.99
N TYR F 125 26.00 -38.13 -23.10
CA TYR F 125 26.53 -37.80 -24.42
C TYR F 125 26.51 -36.30 -24.65
N LEU F 126 25.43 -35.64 -24.25
CA LEU F 126 25.36 -34.18 -24.39
C LEU F 126 26.38 -33.48 -23.49
N LEU F 127 26.59 -34.00 -22.28
CA LEU F 127 27.49 -33.36 -21.33
C LEU F 127 28.96 -33.58 -21.66
N ALA F 128 29.31 -34.74 -22.25
CA ALA F 128 30.71 -35.03 -22.54
C ALA F 128 31.33 -34.01 -23.49
N TYR F 129 30.52 -33.33 -24.30
CA TYR F 129 31.02 -32.26 -25.16
C TYR F 129 31.49 -31.04 -24.38
N ASP F 130 31.29 -31.01 -23.06
CA ASP F 130 31.72 -29.92 -22.21
C ASP F 130 32.85 -30.32 -21.27
N ALA F 131 33.62 -31.34 -21.65
CA ALA F 131 34.76 -31.79 -20.87
C ALA F 131 35.96 -30.87 -21.06
N LYS F 132 36.87 -30.91 -20.09
CA LYS F 132 38.07 -30.09 -20.10
C LYS F 132 39.29 -31.00 -19.96
N VAL F 133 40.31 -30.75 -20.78
CA VAL F 133 41.55 -31.54 -20.76
C VAL F 133 42.72 -30.58 -20.70
N PHE F 134 43.68 -30.86 -19.82
CA PHE F 134 44.92 -30.09 -19.74
C PHE F 134 45.99 -30.96 -19.10
N ARG F 135 47.23 -30.48 -19.17
CA ARG F 135 48.38 -31.20 -18.62
C ARG F 135 49.04 -30.36 -17.54
N LYS F 136 49.77 -31.04 -16.65
CA LYS F 136 50.43 -30.42 -15.52
C LYS F 136 51.94 -30.48 -15.71
N GLY F 137 52.64 -29.49 -15.14
CA GLY F 137 54.08 -29.43 -15.26
C GLY F 137 54.72 -28.35 -14.42
N SER F 140 57.04 -31.72 -11.45
CA SER F 140 58.13 -32.66 -11.65
C SER F 140 57.66 -33.87 -12.46
N GLN F 141 56.35 -34.12 -12.46
CA GLN F 141 55.75 -35.18 -13.25
C GLN F 141 54.60 -34.59 -14.05
N HIS F 142 54.62 -34.80 -15.36
CA HIS F 142 53.55 -34.30 -16.21
C HIS F 142 52.39 -35.29 -16.22
N THR F 143 51.20 -34.81 -15.87
CA THR F 143 50.00 -35.63 -15.80
C THR F 143 48.91 -35.01 -16.66
N VAL F 144 48.04 -35.86 -17.19
CA VAL F 144 46.92 -35.42 -18.01
C VAL F 144 45.66 -35.43 -17.15
N TYR F 145 45.02 -34.27 -17.04
CA TYR F 145 43.75 -34.13 -16.33
C TYR F 145 42.61 -34.13 -17.34
N THR F 146 41.69 -35.08 -17.17
CA THR F 146 40.46 -35.13 -17.97
C THR F 146 39.27 -35.06 -17.02
N ILE F 147 38.51 -33.97 -17.11
CA ILE F 147 37.35 -33.73 -16.27
C ILE F 147 36.11 -33.72 -17.15
N THR F 148 35.19 -34.65 -16.88
CA THR F 148 34.00 -34.80 -17.69
C THR F 148 32.76 -34.68 -16.82
N PRO F 149 31.91 -33.68 -17.03
CA PRO F 149 30.63 -33.62 -16.31
C PRO F 149 29.67 -34.66 -16.84
N GLU F 150 28.99 -35.34 -15.92
CA GLU F 150 28.09 -36.43 -16.31
C GLU F 150 27.14 -36.71 -15.14
N ILE F 151 26.08 -37.45 -15.45
CA ILE F 151 25.16 -37.96 -14.45
C ILE F 151 25.57 -39.39 -14.14
N ALA F 152 25.95 -39.64 -12.88
CA ALA F 152 26.36 -40.98 -12.46
C ALA F 152 25.13 -41.85 -12.28
N SER F 153 24.97 -42.84 -13.14
CA SER F 153 23.78 -43.70 -13.08
C SER F 153 23.75 -44.55 -11.81
N ASP F 154 24.88 -44.71 -11.13
CA ASP F 154 24.92 -45.51 -9.91
C ASP F 154 24.31 -44.79 -8.72
N VAL F 155 24.13 -43.48 -8.79
CA VAL F 155 23.57 -42.71 -7.68
C VAL F 155 22.56 -41.70 -8.21
N ASN F 156 22.50 -41.55 -9.53
CA ASN F 156 21.60 -40.59 -10.19
C ASN F 156 21.82 -39.17 -9.68
N GLU F 157 23.09 -38.76 -9.68
CA GLU F 157 23.47 -37.42 -9.25
C GLU F 157 24.52 -36.87 -10.22
N PHE F 158 24.53 -35.55 -10.36
CA PHE F 158 25.52 -34.91 -11.20
C PHE F 158 26.89 -34.96 -10.55
N VAL F 159 27.91 -35.30 -11.34
CA VAL F 159 29.27 -35.48 -10.86
C VAL F 159 30.25 -34.99 -11.93
N PHE F 160 31.45 -34.65 -11.46
CA PHE F 160 32.59 -34.40 -12.34
C PHE F 160 33.45 -35.66 -12.35
N ASP F 161 33.52 -36.32 -13.50
CA ASP F 161 34.34 -37.53 -13.64
C ASP F 161 35.78 -37.09 -13.91
N ILE F 162 36.59 -37.06 -12.86
CA ILE F 162 37.96 -36.59 -12.93
C ILE F 162 38.87 -37.78 -13.16
N GLU F 163 39.66 -37.74 -14.23
CA GLU F 163 40.55 -38.82 -14.60
C GLU F 163 41.96 -38.25 -14.74
N ILE F 164 42.89 -38.77 -13.94
CA ILE F 164 44.27 -38.32 -13.93
C ILE F 164 45.13 -39.47 -14.44
N THR F 165 45.72 -39.30 -15.63
CA THR F 165 46.54 -40.32 -16.24
C THR F 165 47.85 -39.70 -16.73
N LEU F 166 48.83 -40.58 -17.04
CA LEU F 166 50.08 -40.17 -17.66
C LEU F 166 50.01 -40.31 -19.18
N PRO F 167 50.74 -39.48 -19.91
CA PRO F 167 50.83 -39.66 -21.37
C PRO F 167 51.41 -41.04 -21.69
N GLN F 168 50.68 -41.79 -22.50
CA GLN F 168 51.12 -43.13 -22.88
C GLN F 168 51.54 -43.21 -24.35
N GLN G 6 19.97 -12.90 -14.47
CA GLN G 6 20.55 -11.68 -15.02
C GLN G 6 19.79 -11.23 -16.27
N ALA G 7 18.47 -11.20 -16.18
CA ALA G 7 17.62 -10.85 -17.31
C ALA G 7 16.57 -9.83 -16.90
N ILE G 8 16.25 -8.93 -17.83
CA ILE G 8 15.19 -7.95 -17.66
C ILE G 8 13.97 -8.41 -18.44
N HIS G 9 12.81 -8.44 -17.78
CA HIS G 9 11.58 -8.92 -18.38
C HIS G 9 10.58 -7.77 -18.50
N ILE G 10 9.88 -7.73 -19.63
CA ILE G 10 8.83 -6.75 -19.87
C ILE G 10 7.49 -7.43 -19.63
N ASP G 11 6.75 -6.92 -18.63
CA ASP G 11 5.51 -7.56 -18.20
C ASP G 11 4.26 -6.90 -18.78
N ASN G 12 4.27 -5.59 -18.99
CA ASN G 12 3.09 -4.89 -19.48
C ASN G 12 3.51 -3.66 -20.27
N ILE G 13 2.74 -3.35 -21.31
CA ILE G 13 2.95 -2.18 -22.16
C ILE G 13 1.61 -1.52 -22.39
N TYR G 14 1.55 -0.21 -22.13
CA TYR G 14 0.32 0.55 -22.37
C TYR G 14 0.68 2.00 -22.66
N TRP G 15 -0.32 2.77 -23.06
CA TRP G 15 -0.15 4.15 -23.48
C TRP G 15 -1.13 5.05 -22.75
N GLU G 16 -0.70 6.29 -22.53
CA GLU G 16 -1.57 7.38 -22.11
C GLU G 16 -1.34 8.49 -23.13
N ARG G 17 -2.24 8.57 -24.12
CA ARG G 17 -2.08 9.48 -25.25
C ARG G 17 -0.75 9.19 -25.94
N VAL G 18 0.21 10.11 -25.82
CA VAL G 18 1.49 9.98 -26.50
C VAL G 18 2.56 9.30 -25.65
N GLN G 19 2.34 9.13 -24.36
CA GLN G 19 3.35 8.58 -23.46
C GLN G 19 3.31 7.06 -23.46
N LEU G 20 4.48 6.46 -23.62
CA LEU G 20 4.63 5.00 -23.64
C LEU G 20 5.13 4.52 -22.29
N TYR G 21 4.35 3.66 -21.64
CA TYR G 21 4.71 3.09 -20.35
C TYR G 21 5.22 1.66 -20.52
N ILE G 22 6.32 1.33 -19.84
CA ILE G 22 6.89 -0.01 -19.87
C ILE G 22 7.03 -0.48 -18.43
N GLU G 23 6.32 -1.55 -18.09
CA GLU G 23 6.37 -2.17 -16.77
C GLU G 23 7.08 -3.52 -16.84
N GLY G 24 7.89 -3.80 -15.84
CA GLY G 24 8.61 -5.06 -15.82
C GLY G 24 9.23 -5.32 -14.46
N HIS G 25 10.03 -6.38 -14.42
CA HIS G 25 10.73 -6.78 -13.20
C HIS G 25 12.12 -7.27 -13.55
N SER G 26 12.95 -7.41 -12.52
CA SER G 26 14.33 -7.85 -12.66
C SER G 26 14.51 -9.27 -12.14
N GLU G 27 15.32 -10.06 -12.85
CA GLU G 27 15.67 -11.42 -12.42
C GLU G 27 17.14 -11.57 -12.03
N GLY G 28 17.77 -10.51 -11.53
CA GLY G 28 19.12 -10.64 -11.02
C GLY G 28 20.02 -9.42 -11.16
N VAL G 29 19.58 -8.40 -11.89
CA VAL G 29 20.42 -7.23 -12.11
C VAL G 29 20.06 -6.15 -11.09
N ASP G 30 21.05 -5.38 -10.68
CA ASP G 30 20.85 -4.31 -9.73
C ASP G 30 20.19 -3.12 -10.43
N LEU G 31 19.02 -2.73 -9.97
CA LEU G 31 18.24 -1.68 -10.61
C LEU G 31 18.50 -0.30 -10.02
N THR G 32 19.37 -0.18 -9.03
CA THR G 32 19.54 1.10 -8.36
C THR G 32 20.49 2.05 -9.08
N SER G 33 21.52 1.51 -9.74
CA SER G 33 22.57 2.33 -10.32
C SER G 33 22.36 2.63 -11.80
N GLY G 34 21.38 2.00 -12.45
CA GLY G 34 21.24 2.03 -13.90
C GLY G 34 19.96 2.72 -14.34
N GLN G 35 20.04 3.39 -15.48
CA GLN G 35 18.93 4.14 -16.08
C GLN G 35 18.40 3.38 -17.29
N PHE G 36 17.08 3.17 -17.33
CA PHE G 36 16.44 2.54 -18.47
C PHE G 36 16.33 3.51 -19.64
N VAL G 37 16.59 3.00 -20.84
CA VAL G 37 16.58 3.80 -22.06
C VAL G 37 16.06 2.95 -23.21
N LEU G 38 15.57 3.61 -24.25
CA LEU G 38 15.23 2.96 -25.52
C LEU G 38 16.34 3.25 -26.52
N ARG G 39 16.97 2.19 -27.03
CA ARG G 39 18.07 2.30 -27.97
C ARG G 39 17.73 1.52 -29.24
N ASN G 40 17.99 2.13 -30.39
CA ASN G 40 17.73 1.45 -31.65
C ASN G 40 18.92 0.58 -32.05
N LEU G 41 18.70 -0.26 -33.06
CA LEU G 41 19.67 -1.27 -33.45
C LEU G 41 21.02 -0.67 -33.84
N THR G 42 21.04 0.56 -34.35
CA THR G 42 22.29 1.17 -34.78
C THR G 42 23.08 1.80 -33.64
N GLU G 43 22.52 1.82 -32.42
CA GLU G 43 23.18 2.31 -31.21
C GLU G 43 23.67 3.76 -31.32
N THR G 44 23.12 4.54 -32.24
CA THR G 44 23.52 5.94 -32.38
C THR G 44 22.47 6.95 -31.93
N LYS G 45 21.22 6.54 -31.73
CA LYS G 45 20.18 7.41 -31.17
C LYS G 45 19.49 6.66 -30.03
N THR G 46 19.40 7.31 -28.87
CA THR G 46 18.82 6.72 -27.68
C THR G 46 17.82 7.70 -27.06
N LEU G 47 16.71 7.15 -26.54
CA LEU G 47 15.64 7.95 -25.96
C LEU G 47 15.51 7.57 -24.49
N GLU G 48 15.80 8.54 -23.62
CA GLU G 48 15.75 8.33 -22.17
C GLU G 48 14.32 8.44 -21.65
N ALA G 49 14.07 7.76 -20.54
CA ALA G 49 12.77 7.82 -19.89
C ALA G 49 12.59 9.16 -19.18
N ASN G 50 11.41 9.76 -19.34
CA ASN G 50 11.08 11.00 -18.67
C ASN G 50 10.49 10.80 -17.29
N GLU G 51 10.01 9.60 -16.97
CA GLU G 51 9.51 9.29 -15.64
C GLU G 51 9.86 7.84 -15.33
N MET G 52 10.29 7.60 -14.09
CA MET G 52 10.71 6.27 -13.68
C MET G 52 10.31 6.01 -12.23
N LYS G 53 9.86 4.78 -11.97
CA LYS G 53 9.63 4.29 -10.61
C LYS G 53 10.23 2.90 -10.50
N ILE G 54 10.98 2.67 -9.42
CA ILE G 54 11.55 1.35 -9.13
C ILE G 54 11.17 0.99 -7.70
N ASP G 55 10.74 -0.27 -7.50
CA ASP G 55 10.38 -0.78 -6.18
C ASP G 55 10.98 -2.18 -6.08
N GLY G 56 12.14 -2.28 -5.42
CA GLY G 56 12.83 -3.55 -5.31
C GLY G 56 13.33 -4.05 -6.64
N ASN G 57 12.67 -5.06 -7.20
CA ASN G 57 13.02 -5.62 -8.49
C ASN G 57 12.04 -5.23 -9.59
N THR G 58 10.95 -4.54 -9.27
CA THR G 58 9.98 -4.11 -10.25
C THR G 58 10.24 -2.66 -10.65
N PHE G 59 9.88 -2.34 -11.89
CA PHE G 59 10.12 -1.00 -12.42
C PHE G 59 8.98 -0.59 -13.34
N ILE G 60 8.76 0.72 -13.44
CA ILE G 60 7.86 1.30 -14.43
C ILE G 60 8.59 2.47 -15.09
N CYS G 61 8.54 2.53 -16.41
CA CYS G 61 9.24 3.56 -17.17
C CYS G 61 8.29 4.21 -18.17
N ARG G 62 8.51 5.50 -18.41
CA ARG G 62 7.70 6.28 -19.34
C ARG G 62 8.61 6.93 -20.38
N PHE G 63 8.22 6.84 -21.65
CA PHE G 63 8.98 7.42 -22.74
C PHE G 63 8.08 8.29 -23.59
N ASN G 64 8.58 9.45 -23.99
CA ASN G 64 7.88 10.35 -24.91
C ASN G 64 8.52 10.12 -26.29
N VAL G 65 7.91 9.23 -27.07
CA VAL G 65 8.48 8.86 -28.36
C VAL G 65 8.28 9.94 -29.41
N ALA G 66 7.38 10.91 -29.17
CA ALA G 66 7.07 11.90 -30.19
C ALA G 66 8.21 12.89 -30.43
N ILE G 67 9.22 12.93 -29.57
CA ILE G 67 10.36 13.82 -29.78
C ILE G 67 11.39 13.23 -30.73
N LEU G 68 11.23 11.96 -31.12
CA LEU G 68 12.25 11.29 -31.93
C LEU G 68 12.39 11.86 -33.33
N ASP G 69 11.41 12.62 -33.82
CA ASP G 69 11.50 13.25 -35.13
C ASP G 69 12.00 14.69 -35.06
N ASP G 70 12.51 15.11 -33.90
CA ASP G 70 13.19 16.39 -33.78
C ASP G 70 14.65 16.21 -34.15
N GLY G 71 15.09 16.87 -35.21
CA GLY G 71 16.43 16.69 -35.70
C GLY G 71 16.57 15.44 -36.54
N TYR G 72 17.71 14.76 -36.42
CA TYR G 72 17.95 13.55 -37.19
C TYR G 72 16.93 12.48 -36.81
N TYR G 73 16.45 11.73 -37.80
CA TYR G 73 15.59 10.58 -37.55
C TYR G 73 15.39 9.82 -38.86
N LEU G 74 15.28 8.49 -38.75
CA LEU G 74 14.97 7.61 -39.86
C LEU G 74 13.48 7.32 -39.92
N PRO G 75 12.91 7.18 -41.13
CA PRO G 75 11.48 6.90 -41.23
C PRO G 75 11.08 5.50 -40.78
N MET G 76 12.04 4.58 -40.70
CA MET G 76 11.77 3.23 -40.21
C MET G 76 12.93 2.81 -39.32
N ASP G 77 12.63 2.51 -38.05
CA ASP G 77 13.68 2.27 -37.06
C ASP G 77 13.11 1.48 -35.90
N LYS G 78 13.82 0.42 -35.51
CA LYS G 78 13.40 -0.49 -34.46
C LYS G 78 14.21 -0.20 -33.19
N TYR G 79 13.53 -0.11 -32.05
CA TYR G 79 14.14 0.32 -30.80
C TYR G 79 14.04 -0.78 -29.74
N LEU G 80 15.17 -1.09 -29.12
CA LEU G 80 15.22 -2.01 -27.99
C LEU G 80 15.00 -1.28 -26.68
N PHE G 81 14.38 -1.97 -25.73
CA PHE G 81 14.25 -1.50 -24.36
C PHE G 81 15.38 -2.14 -23.55
N VAL G 82 16.30 -1.31 -23.06
CA VAL G 82 17.54 -1.80 -22.47
C VAL G 82 17.81 -1.08 -21.15
N TYR G 83 18.48 -1.79 -20.24
CA TYR G 83 18.94 -1.26 -18.97
C TYR G 83 20.45 -1.11 -19.01
N HIS G 84 20.94 0.10 -18.75
CA HIS G 84 22.36 0.42 -18.87
C HIS G 84 22.94 0.66 -17.48
N ASP G 85 23.76 -0.27 -17.02
CA ASP G 85 24.54 -0.12 -15.80
C ASP G 85 26.04 -0.08 -16.20
N GLN G 86 26.91 -0.87 -15.61
CA GLN G 86 28.23 -1.05 -16.18
C GLN G 86 28.19 -1.93 -17.43
N LEU G 87 27.12 -2.70 -17.60
CA LEU G 87 26.87 -3.52 -18.78
C LEU G 87 25.53 -3.12 -19.38
N GLU G 88 25.16 -3.79 -20.47
CA GLU G 88 23.90 -3.54 -21.16
C GLU G 88 23.03 -4.78 -21.09
N TYR G 89 21.79 -4.61 -20.65
CA TYR G 89 20.84 -5.72 -20.53
C TYR G 89 19.61 -5.41 -21.35
N ILE G 90 19.29 -6.30 -22.29
CA ILE G 90 18.15 -6.13 -23.19
C ILE G 90 16.91 -6.75 -22.57
N GLY G 91 15.81 -6.02 -22.59
CA GLY G 91 14.57 -6.53 -22.02
C GLY G 91 14.00 -7.67 -22.83
N GLN G 92 13.46 -8.67 -22.13
CA GLN G 92 12.84 -9.83 -22.74
C GLN G 92 11.33 -9.77 -22.55
N LEU G 93 10.59 -10.13 -23.60
CA LEU G 93 9.14 -10.06 -23.56
C LEU G 93 8.56 -11.24 -22.80
N ASN G 94 7.62 -10.95 -21.90
CA ASN G 94 6.96 -11.99 -21.12
C ASN G 94 5.92 -12.70 -21.97
N PRO G 95 5.95 -14.04 -22.04
CA PRO G 95 4.91 -14.76 -22.79
C PRO G 95 3.49 -14.53 -22.29
N ASN G 96 3.34 -13.96 -21.09
CA ASN G 96 2.00 -13.65 -20.59
C ASN G 96 1.27 -12.68 -21.52
N ILE G 97 2.01 -11.80 -22.19
CA ILE G 97 1.38 -10.85 -23.12
C ILE G 97 0.76 -11.60 -24.29
N ILE G 98 1.50 -12.56 -24.87
CA ILE G 98 0.96 -13.31 -25.99
C ILE G 98 -0.17 -14.23 -25.54
N ASP G 99 -0.09 -14.74 -24.31
CA ASP G 99 -1.18 -15.57 -23.80
C ASP G 99 -2.45 -14.75 -23.60
N GLN G 100 -2.31 -13.50 -23.13
CA GLN G 100 -3.47 -12.62 -23.00
C GLN G 100 -4.02 -12.24 -24.37
N ALA G 101 -3.15 -11.99 -25.34
CA ALA G 101 -3.60 -11.60 -26.68
C ALA G 101 -4.31 -12.73 -27.43
N TYR G 102 -4.35 -13.93 -26.86
CA TYR G 102 -5.01 -15.03 -27.55
C TYR G 102 -6.51 -14.83 -27.66
N ALA G 103 -7.10 -14.04 -26.75
CA ALA G 103 -8.53 -13.74 -26.83
C ALA G 103 -8.81 -12.90 -28.06
N ALA G 104 -9.01 -13.56 -29.21
CA ALA G 104 -9.18 -12.87 -30.48
C ALA G 104 -10.34 -13.51 -31.23
N LEU G 105 -10.59 -12.99 -32.43
CA LEU G 105 -11.69 -13.48 -33.25
C LEU G 105 -11.40 -14.91 -33.73
N ASN G 106 -12.48 -15.66 -33.98
CA ASN G 106 -12.32 -17.02 -34.47
C ASN G 106 -11.67 -17.04 -35.85
N GLU G 107 -12.04 -16.09 -36.72
CA GLU G 107 -11.35 -15.96 -37.99
C GLU G 107 -9.89 -15.58 -37.79
N GLU G 108 -9.62 -14.73 -36.79
CA GLU G 108 -8.24 -14.41 -36.46
C GLU G 108 -7.49 -15.62 -35.94
N GLN G 109 -8.20 -16.54 -35.26
CA GLN G 109 -7.56 -17.77 -34.79
C GLN G 109 -7.23 -18.70 -35.96
N ILE G 110 -8.16 -18.84 -36.90
CA ILE G 110 -7.89 -19.62 -38.10
C ILE G 110 -6.70 -19.02 -38.86
N GLU G 111 -6.66 -17.69 -38.95
CA GLU G 111 -5.52 -17.01 -39.56
C GLU G 111 -4.22 -17.36 -38.85
N GLU G 112 -4.20 -17.18 -37.52
CA GLU G 112 -3.03 -17.54 -36.73
C GLU G 112 -2.57 -18.97 -37.01
N TYR G 113 -3.51 -19.90 -37.12
CA TYR G 113 -3.14 -21.28 -37.42
C TYR G 113 -2.57 -21.41 -38.83
N ASN G 114 -3.01 -20.57 -39.77
CA ASN G 114 -2.45 -20.64 -41.12
C ASN G 114 -1.09 -19.95 -41.25
N GLU G 115 -0.61 -19.28 -40.20
CA GLU G 115 0.74 -18.71 -40.22
C GLU G 115 1.81 -19.72 -39.84
N LEU G 116 1.39 -20.89 -39.32
CA LEU G 116 2.22 -22.00 -38.84
C LEU G 116 3.72 -21.75 -38.73
N THR G 117 4.40 -21.55 -39.85
CA THR G 117 5.86 -21.57 -39.84
C THR G 117 6.43 -20.46 -38.99
N THR G 118 7.37 -20.84 -38.10
CA THR G 118 8.10 -19.98 -37.17
C THR G 118 7.23 -19.46 -36.03
N GLN G 119 7.82 -19.39 -34.84
CA GLN G 119 7.17 -18.83 -33.66
C GLN G 119 7.20 -17.30 -33.68
N ASN G 120 8.28 -16.72 -34.20
CA ASN G 120 8.42 -15.27 -34.21
C ASN G 120 7.30 -14.62 -35.02
N GLY G 121 6.78 -15.32 -36.03
CA GLY G 121 5.72 -14.73 -36.81
C GLY G 121 4.38 -14.81 -36.12
N LYS G 122 4.15 -15.88 -35.36
CA LYS G 122 2.93 -15.96 -34.56
C LYS G 122 2.93 -14.88 -33.47
N VAL G 123 4.07 -14.71 -32.78
CA VAL G 123 4.10 -13.71 -31.71
C VAL G 123 4.02 -12.31 -32.30
N ASN G 124 4.62 -12.08 -33.47
CA ASN G 124 4.51 -10.77 -34.11
C ASN G 124 3.07 -10.49 -34.54
N TYR G 125 2.38 -11.51 -35.04
CA TYR G 125 0.97 -11.35 -35.41
C TYR G 125 0.12 -11.02 -34.19
N LEU G 126 0.38 -11.69 -33.06
CA LEU G 126 -0.36 -11.39 -31.84
C LEU G 126 -0.02 -10.00 -31.31
N LEU G 127 1.24 -9.57 -31.45
CA LEU G 127 1.66 -8.28 -30.92
C LEU G 127 1.15 -7.12 -31.77
N ALA G 128 0.98 -7.33 -33.08
CA ALA G 128 0.53 -6.24 -33.93
C ALA G 128 -0.83 -5.69 -33.51
N TYR G 129 -1.64 -6.47 -32.80
CA TYR G 129 -2.92 -5.98 -32.29
C TYR G 129 -2.77 -4.90 -31.24
N ASP G 130 -1.55 -4.66 -30.74
CA ASP G 130 -1.29 -3.63 -29.75
C ASP G 130 -0.44 -2.50 -30.32
N ALA G 131 -0.50 -2.29 -31.62
CA ALA G 131 0.25 -1.21 -32.24
C ALA G 131 -0.42 0.13 -31.92
N LYS G 132 0.37 1.19 -31.99
CA LYS G 132 -0.09 2.53 -31.66
C LYS G 132 0.13 3.45 -32.85
N VAL G 133 -0.88 4.24 -33.18
CA VAL G 133 -0.81 5.21 -34.27
C VAL G 133 -1.32 6.55 -33.76
N PHE G 134 -0.57 7.61 -34.04
CA PHE G 134 -1.02 8.96 -33.72
C PHE G 134 -0.29 9.93 -34.65
N ARG G 135 -0.77 11.16 -34.67
CA ARG G 135 -0.21 12.20 -35.53
C ARG G 135 0.26 13.37 -34.68
N LYS G 136 1.53 13.73 -34.82
CA LYS G 136 2.11 14.85 -34.09
C LYS G 136 2.08 16.10 -34.95
N GLY G 137 1.73 17.22 -34.34
CA GLY G 137 1.71 18.51 -35.02
C GLY G 137 2.02 19.64 -34.05
N GLY G 138 1.41 20.79 -34.29
CA GLY G 138 1.55 21.93 -33.40
C GLY G 138 2.90 22.60 -33.48
N VAL G 139 2.95 23.74 -34.18
CA VAL G 139 4.15 24.53 -34.37
C VAL G 139 5.21 23.60 -34.95
N SER G 140 4.81 22.79 -35.93
CA SER G 140 5.68 21.81 -36.56
C SER G 140 4.92 21.15 -37.70
N GLN G 141 5.69 20.50 -38.59
CA GLN G 141 5.08 19.64 -39.58
C GLN G 141 4.33 18.49 -38.93
N HIS G 142 3.17 18.18 -39.49
CA HIS G 142 2.38 17.08 -38.99
C HIS G 142 2.97 15.76 -39.49
N THR G 143 3.31 14.87 -38.56
CA THR G 143 3.93 13.59 -38.85
C THR G 143 3.07 12.48 -38.27
N VAL G 144 3.11 11.32 -38.92
CA VAL G 144 2.35 10.17 -38.47
C VAL G 144 3.31 9.21 -37.78
N TYR G 145 3.02 8.91 -36.51
CA TYR G 145 3.79 7.94 -35.73
C TYR G 145 3.08 6.60 -35.73
N THR G 146 3.77 5.56 -36.18
CA THR G 146 3.27 4.20 -36.11
C THR G 146 4.25 3.37 -35.28
N ILE G 147 3.80 2.91 -34.12
CA ILE G 147 4.62 2.14 -33.19
C ILE G 147 4.04 0.73 -33.11
N THR G 148 4.84 -0.25 -33.50
CA THR G 148 4.40 -1.64 -33.57
C THR G 148 5.32 -2.52 -32.72
N PRO G 149 4.80 -3.18 -31.70
CA PRO G 149 5.64 -4.15 -30.97
C PRO G 149 5.91 -5.36 -31.84
N GLU G 150 7.16 -5.80 -31.82
CA GLU G 150 7.57 -6.90 -32.70
C GLU G 150 8.86 -7.51 -32.18
N ILE G 151 9.10 -8.76 -32.59
CA ILE G 151 10.38 -9.43 -32.38
C ILE G 151 11.15 -9.34 -33.67
N ALA G 152 12.31 -8.68 -33.65
CA ALA G 152 13.12 -8.52 -34.84
C ALA G 152 13.86 -9.83 -35.11
N SER G 153 13.48 -10.52 -36.19
CA SER G 153 14.08 -11.81 -36.50
C SER G 153 15.56 -11.69 -36.86
N ASP G 154 16.02 -10.49 -37.21
CA ASP G 154 17.42 -10.30 -37.57
C ASP G 154 18.33 -10.28 -36.34
N VAL G 155 17.77 -10.12 -35.15
CA VAL G 155 18.57 -10.06 -33.92
C VAL G 155 17.90 -10.92 -32.87
N ASN G 156 16.67 -11.36 -33.15
CA ASN G 156 15.90 -12.21 -32.24
C ASN G 156 15.72 -11.54 -30.86
N GLU G 157 15.30 -10.27 -30.89
CA GLU G 157 15.05 -9.51 -29.68
C GLU G 157 13.77 -8.71 -29.86
N PHE G 158 13.09 -8.44 -28.75
CA PHE G 158 11.90 -7.61 -28.79
C PHE G 158 12.26 -6.17 -29.07
N VAL G 159 11.50 -5.52 -29.96
CA VAL G 159 11.78 -4.18 -30.42
C VAL G 159 10.45 -3.45 -30.65
N PHE G 160 10.53 -2.12 -30.61
CA PHE G 160 9.44 -1.26 -31.06
C PHE G 160 9.77 -0.78 -32.47
N ASP G 161 8.99 -1.22 -33.45
CA ASP G 161 9.18 -0.79 -34.83
C ASP G 161 8.47 0.54 -35.01
N ILE G 162 9.23 1.63 -34.94
CA ILE G 162 8.69 2.98 -34.98
C ILE G 162 8.85 3.53 -36.39
N GLU G 163 7.74 3.93 -37.00
CA GLU G 163 7.73 4.48 -38.35
C GLU G 163 7.15 5.88 -38.31
N ILE G 164 7.95 6.86 -38.72
CA ILE G 164 7.56 8.27 -38.73
C ILE G 164 7.51 8.72 -40.19
N THR G 165 6.31 9.00 -40.68
CA THR G 165 6.10 9.37 -42.07
C THR G 165 5.22 10.61 -42.14
N LEU G 166 5.11 11.14 -43.34
CA LEU G 166 4.17 12.22 -43.57
C LEU G 166 2.81 11.67 -43.96
N PRO G 167 1.73 12.41 -43.69
CA PRO G 167 0.39 11.91 -44.08
C PRO G 167 0.28 11.52 -45.54
N GLN G 168 0.72 12.38 -46.46
CA GLN G 168 0.78 12.04 -47.89
C GLN G 168 1.32 10.63 -48.17
N LYS H 5 -26.24 21.89 18.72
CA LYS H 5 -27.49 21.52 19.37
C LYS H 5 -27.79 20.04 19.17
N GLN H 6 -26.75 19.21 19.26
CA GLN H 6 -26.86 17.76 19.10
C GLN H 6 -26.26 17.10 20.33
N ALA H 7 -27.12 16.56 21.19
CA ALA H 7 -26.67 15.95 22.43
C ALA H 7 -27.57 14.78 22.77
N ILE H 8 -27.13 13.98 23.74
CA ILE H 8 -27.86 12.82 24.22
C ILE H 8 -27.84 12.84 25.74
N HIS H 9 -29.01 12.68 26.35
CA HIS H 9 -29.17 12.79 27.79
C HIS H 9 -29.56 11.43 28.38
N ILE H 10 -28.96 11.11 29.52
CA ILE H 10 -29.29 9.90 30.27
C ILE H 10 -30.22 10.30 31.41
N ASP H 11 -31.45 9.78 31.38
CA ASP H 11 -32.47 10.20 32.33
C ASP H 11 -32.65 9.27 33.52
N ASN H 12 -32.48 7.97 33.33
CA ASN H 12 -32.69 7.02 34.41
C ASN H 12 -31.81 5.79 34.21
N ILE H 13 -31.35 5.23 35.33
CA ILE H 13 -30.52 4.03 35.34
C ILE H 13 -31.07 3.09 36.41
N TYR H 14 -31.33 1.84 36.03
CA TYR H 14 -31.78 0.84 36.98
C TYR H 14 -31.34 -0.54 36.49
N TRP H 15 -31.56 -1.54 37.36
CA TRP H 15 -31.08 -2.89 37.12
C TRP H 15 -32.20 -3.90 37.31
N GLU H 16 -32.13 -4.98 36.54
CA GLU H 16 -32.90 -6.20 36.77
C GLU H 16 -31.87 -7.32 36.80
N ARG H 17 -31.46 -7.71 38.01
CA ARG H 17 -30.35 -8.66 38.20
C ARG H 17 -29.08 -8.16 37.53
N VAL H 18 -28.66 -8.85 36.46
CA VAL H 18 -27.40 -8.50 35.80
C VAL H 18 -27.60 -7.53 34.64
N GLN H 19 -28.83 -7.30 34.22
CA GLN H 19 -29.09 -6.44 33.07
C GLN H 19 -29.14 -4.98 33.50
N LEU H 20 -28.40 -4.15 32.79
CA LEU H 20 -28.32 -2.71 33.06
C LEU H 20 -29.24 -1.96 32.10
N TYR H 21 -30.20 -1.24 32.64
CA TYR H 21 -31.14 -0.46 31.85
C TYR H 21 -30.74 1.01 31.89
N ILE H 22 -30.72 1.65 30.72
CA ILE H 22 -30.40 3.06 30.58
C ILE H 22 -31.52 3.74 29.80
N GLU H 23 -32.19 4.69 30.43
CA GLU H 23 -33.27 5.45 29.81
C GLU H 23 -32.79 6.86 29.52
N GLY H 24 -33.18 7.38 28.35
CA GLY H 24 -32.79 8.73 27.98
C GLY H 24 -33.60 9.24 26.81
N HIS H 25 -33.19 10.40 26.31
CA HIS H 25 -33.84 11.05 25.17
C HIS H 25 -32.78 11.69 24.30
N SER H 26 -33.18 12.12 23.11
CA SER H 26 -32.28 12.74 22.15
C SER H 26 -32.54 14.23 22.06
N GLU H 27 -31.46 15.01 21.99
CA GLU H 27 -31.56 16.45 21.85
C GLU H 27 -31.04 16.90 20.50
N GLY H 28 -31.49 16.27 19.42
CA GLY H 28 -31.14 16.72 18.07
C GLY H 28 -30.56 15.67 17.17
N VAL H 29 -30.22 14.49 17.67
CA VAL H 29 -29.63 13.44 16.86
C VAL H 29 -30.73 12.52 16.38
N ASP H 30 -30.52 11.93 15.20
CA ASP H 30 -31.47 10.98 14.64
C ASP H 30 -31.19 9.60 15.25
N LEU H 31 -32.16 9.09 16.02
CA LEU H 31 -31.96 7.81 16.70
C LEU H 31 -32.16 6.62 15.78
N THR H 32 -32.86 6.78 14.67
CA THR H 32 -33.02 5.68 13.72
C THR H 32 -31.71 5.38 13.02
N SER H 33 -31.55 4.11 12.62
CA SER H 33 -30.33 3.65 11.94
C SER H 33 -29.09 3.89 12.79
N GLY H 34 -29.21 3.69 14.10
CA GLY H 34 -28.07 3.81 14.99
C GLY H 34 -28.13 2.86 16.18
N GLN H 35 -26.98 2.33 16.56
CA GLN H 35 -26.87 1.35 17.64
C GLN H 35 -26.19 1.96 18.86
N PHE H 36 -26.86 1.89 20.01
CA PHE H 36 -26.27 2.30 21.28
C PHE H 36 -25.33 1.22 21.80
N VAL H 37 -24.18 1.64 22.34
CA VAL H 37 -23.17 0.72 22.85
C VAL H 37 -22.50 1.34 24.07
N LEU H 38 -21.90 0.49 24.88
CA LEU H 38 -21.01 0.90 25.97
C LEU H 38 -19.57 0.67 25.54
N ARG H 39 -18.78 1.74 25.52
CA ARG H 39 -17.39 1.69 25.08
C ARG H 39 -16.48 2.19 26.18
N ASN H 40 -15.35 1.51 26.37
CA ASN H 40 -14.40 1.94 27.38
C ASN H 40 -13.53 3.08 26.86
N LEU H 41 -12.85 3.74 27.80
CA LEU H 41 -12.08 4.93 27.45
C LEU H 41 -10.95 4.61 26.48
N THR H 42 -10.42 3.40 26.53
CA THR H 42 -9.34 2.98 25.65
C THR H 42 -9.83 2.48 24.29
N GLU H 43 -11.14 2.44 24.08
CA GLU H 43 -11.74 1.99 22.82
C GLU H 43 -11.33 0.56 22.48
N THR H 44 -11.01 -0.24 23.49
CA THR H 44 -10.62 -1.62 23.28
C THR H 44 -11.72 -2.63 23.61
N LYS H 45 -12.73 -2.22 24.38
CA LYS H 45 -13.87 -3.09 24.66
C LYS H 45 -15.17 -2.31 24.46
N THR H 46 -16.09 -2.90 23.71
CA THR H 46 -17.40 -2.31 23.44
C THR H 46 -18.47 -3.35 23.69
N LEU H 47 -19.57 -2.94 24.31
CA LEU H 47 -20.66 -3.84 24.68
C LEU H 47 -21.93 -3.39 23.97
N GLU H 48 -22.47 -4.27 23.13
CA GLU H 48 -23.68 -3.95 22.38
C GLU H 48 -24.90 -4.16 23.26
N ALA H 49 -25.96 -3.41 22.96
CA ALA H 49 -27.21 -3.55 23.69
C ALA H 49 -27.97 -4.78 23.22
N ASN H 50 -28.50 -5.54 24.20
CA ASN H 50 -29.35 -6.69 23.89
C ASN H 50 -30.80 -6.31 23.71
N GLU H 51 -31.19 -5.11 24.14
CA GLU H 51 -32.52 -4.56 23.92
C GLU H 51 -32.38 -3.07 23.67
N MET H 52 -33.13 -2.57 22.68
CA MET H 52 -33.06 -1.17 22.29
C MET H 52 -34.46 -0.72 21.87
N LYS H 53 -35.23 -0.23 22.84
CA LYS H 53 -36.57 0.27 22.59
C LYS H 53 -36.51 1.77 22.37
N ILE H 54 -37.05 2.24 21.24
CA ILE H 54 -37.00 3.63 20.86
C ILE H 54 -38.41 4.11 20.54
N ASP H 55 -38.76 5.29 21.04
CA ASP H 55 -40.06 5.91 20.77
C ASP H 55 -39.79 7.38 20.49
N GLY H 56 -39.71 7.74 19.21
CA GLY H 56 -39.40 9.11 18.83
C GLY H 56 -38.01 9.52 19.24
N ASN H 57 -37.92 10.44 20.19
CA ASN H 57 -36.63 10.88 20.70
C ASN H 57 -36.21 10.15 21.96
N THR H 58 -37.11 9.40 22.59
CA THR H 58 -36.81 8.70 23.83
C THR H 58 -36.32 7.27 23.53
N PHE H 59 -35.46 6.77 24.40
CA PHE H 59 -34.88 5.45 24.22
C PHE H 59 -34.62 4.80 25.58
N ILE H 60 -34.66 3.48 25.59
CA ILE H 60 -34.22 2.67 26.72
C ILE H 60 -33.36 1.53 26.19
N CYS H 61 -32.23 1.29 26.84
CA CYS H 61 -31.26 0.29 26.37
C CYS H 61 -30.90 -0.67 27.51
N ARG H 62 -30.61 -1.91 27.14
CA ARG H 62 -30.25 -2.96 28.10
C ARG H 62 -28.90 -3.55 27.71
N PHE H 63 -28.03 -3.71 28.70
CA PHE H 63 -26.69 -4.26 28.49
C PHE H 63 -26.42 -5.39 29.48
N ASN H 64 -25.80 -6.47 28.98
CA ASN H 64 -25.38 -7.60 29.81
C ASN H 64 -23.88 -7.48 30.08
N VAL H 65 -23.53 -6.89 31.23
CA VAL H 65 -22.14 -6.64 31.57
C VAL H 65 -21.38 -7.88 32.02
N ALA H 66 -22.06 -8.98 32.34
CA ALA H 66 -21.42 -10.15 32.92
C ALA H 66 -20.48 -10.89 31.97
N ILE H 67 -20.46 -10.54 30.68
CA ILE H 67 -19.58 -11.24 29.75
C ILE H 67 -18.15 -10.74 29.77
N LEU H 68 -17.84 -9.67 30.52
CA LEU H 68 -16.53 -9.06 30.43
C LEU H 68 -15.39 -9.91 31.00
N ASP H 69 -15.67 -10.83 31.93
CA ASP H 69 -14.61 -11.69 32.44
C ASP H 69 -14.60 -13.08 31.80
N ASP H 70 -15.43 -13.31 30.78
CA ASP H 70 -15.42 -14.59 30.07
C ASP H 70 -14.14 -14.78 29.25
N GLY H 71 -13.39 -13.69 29.00
CA GLY H 71 -12.10 -13.79 28.37
C GLY H 71 -11.05 -13.05 29.17
N TYR H 72 -10.26 -12.22 28.51
CA TYR H 72 -9.28 -11.38 29.20
C TYR H 72 -9.94 -10.06 29.60
N TYR H 73 -9.71 -9.65 30.84
CA TYR H 73 -10.44 -8.53 31.42
C TYR H 73 -9.53 -7.74 32.36
N LEU H 74 -9.77 -6.43 32.40
CA LEU H 74 -9.06 -5.52 33.29
C LEU H 74 -9.86 -5.33 34.58
N PRO H 75 -9.21 -5.39 35.75
CA PRO H 75 -9.98 -5.31 37.00
C PRO H 75 -10.58 -3.95 37.29
N MET H 76 -10.13 -2.89 36.63
CA MET H 76 -10.69 -1.56 36.81
C MET H 76 -10.81 -0.91 35.43
N ASP H 77 -12.04 -0.59 35.02
CA ASP H 77 -12.30 -0.20 33.65
C ASP H 77 -13.49 0.75 33.59
N LYS H 78 -13.32 1.86 32.87
CA LYS H 78 -14.33 2.90 32.75
C LYS H 78 -15.01 2.80 31.39
N TYR H 79 -16.34 2.81 31.38
CA TYR H 79 -17.13 2.63 30.17
C TYR H 79 -18.06 3.81 29.92
N LEU H 80 -17.98 4.39 28.72
CA LEU H 80 -18.89 5.45 28.31
C LEU H 80 -20.13 4.86 27.63
N PHE H 81 -21.27 5.55 27.79
CA PHE H 81 -22.49 5.23 27.07
C PHE H 81 -22.60 6.15 25.86
N VAL H 82 -22.52 5.57 24.66
CA VAL H 82 -22.39 6.34 23.43
C VAL H 82 -23.35 5.80 22.38
N TYR H 83 -23.80 6.69 21.50
CA TYR H 83 -24.60 6.35 20.33
C TYR H 83 -23.76 6.55 19.08
N HIS H 84 -23.82 5.59 18.17
CA HIS H 84 -22.99 5.59 16.97
C HIS H 84 -23.87 5.63 15.73
N ASP H 85 -23.62 6.62 14.88
CA ASP H 85 -24.29 6.75 13.59
C ASP H 85 -23.39 7.54 12.65
N GLN H 86 -22.28 6.93 12.22
CA GLN H 86 -21.23 7.57 11.44
C GLN H 86 -20.47 8.61 12.27
N LEU H 87 -21.17 9.28 13.19
CA LEU H 87 -20.56 10.18 14.15
C LEU H 87 -20.77 9.64 15.56
N GLU H 88 -19.88 10.04 16.47
CA GLU H 88 -19.90 9.55 17.84
C GLU H 88 -20.52 10.59 18.76
N TYR H 89 -21.53 10.20 19.52
CA TYR H 89 -22.19 11.07 20.47
C TYR H 89 -22.17 10.41 21.85
N ILE H 90 -21.57 11.10 22.82
CA ILE H 90 -21.45 10.58 24.18
C ILE H 90 -22.64 11.06 25.00
N GLY H 91 -23.25 10.15 25.73
CA GLY H 91 -24.40 10.50 26.56
C GLY H 91 -24.00 11.38 27.73
N GLN H 92 -24.85 12.38 28.01
CA GLN H 92 -24.65 13.30 29.12
C GLN H 92 -25.67 13.04 30.23
N LEU H 93 -25.21 13.14 31.47
CA LEU H 93 -26.04 12.81 32.63
C LEU H 93 -27.03 13.91 32.95
N ASN H 94 -28.29 13.53 33.20
CA ASN H 94 -29.33 14.47 33.58
C ASN H 94 -29.14 14.86 35.05
N PRO H 95 -29.11 16.16 35.37
CA PRO H 95 -28.97 16.57 36.76
C PRO H 95 -30.09 16.10 37.69
N ASN H 96 -31.23 15.64 37.15
CA ASN H 96 -32.31 15.15 37.99
C ASN H 96 -31.88 13.96 38.83
N ILE H 97 -30.97 13.12 38.31
CA ILE H 97 -30.48 11.98 39.08
C ILE H 97 -29.71 12.47 40.31
N ILE H 98 -28.89 13.50 40.13
CA ILE H 98 -28.13 14.04 41.25
C ILE H 98 -29.07 14.69 42.26
N ASP H 99 -30.15 15.31 41.79
CA ASP H 99 -31.12 15.91 42.70
C ASP H 99 -31.88 14.85 43.49
N GLN H 100 -32.22 13.72 42.85
CA GLN H 100 -32.84 12.62 43.57
C GLN H 100 -31.88 12.01 44.58
N ALA H 101 -30.59 11.93 44.22
CA ALA H 101 -29.60 11.42 45.17
C ALA H 101 -29.33 12.39 46.30
N TYR H 102 -29.73 13.66 46.15
CA TYR H 102 -29.58 14.62 47.24
C TYR H 102 -30.41 14.22 48.45
N ALA H 103 -31.54 13.55 48.24
CA ALA H 103 -32.36 13.05 49.34
C ALA H 103 -31.67 11.88 50.03
N ALA H 104 -30.76 12.18 50.96
CA ALA H 104 -29.99 11.16 51.66
C ALA H 104 -30.00 11.46 53.16
N LEU H 105 -29.27 10.63 53.91
CA LEU H 105 -29.18 10.82 55.36
C LEU H 105 -28.38 12.09 55.67
N ASN H 106 -28.75 12.73 56.79
CA ASN H 106 -28.16 14.03 57.11
C ASN H 106 -26.65 13.91 57.37
N GLU H 107 -26.22 12.83 58.01
CA GLU H 107 -24.79 12.62 58.23
C GLU H 107 -24.07 12.44 56.89
N GLU H 108 -24.72 11.78 55.93
CA GLU H 108 -24.15 11.68 54.59
C GLU H 108 -24.14 13.03 53.89
N GLN H 109 -25.14 13.87 54.14
CA GLN H 109 -25.12 15.23 53.60
C GLN H 109 -23.95 16.02 54.18
N ILE H 110 -23.64 15.82 55.45
CA ILE H 110 -22.46 16.45 56.06
C ILE H 110 -21.19 15.91 55.41
N GLU H 111 -21.12 14.58 55.21
CA GLU H 111 -19.96 13.99 54.57
C GLU H 111 -19.77 14.50 53.15
N GLU H 112 -20.86 14.92 52.49
CA GLU H 112 -20.72 15.51 51.16
C GLU H 112 -20.35 16.98 51.22
N TYR H 113 -20.87 17.72 52.20
CA TYR H 113 -20.60 19.16 52.29
C TYR H 113 -19.13 19.43 52.58
N ASN H 114 -18.51 18.63 53.44
CA ASN H 114 -17.11 18.82 53.78
C ASN H 114 -16.14 18.18 52.78
N GLU H 115 -16.62 17.82 51.60
CA GLU H 115 -15.73 17.35 50.53
C GLU H 115 -14.93 18.52 49.96
N ASN H 120 -16.73 18.10 41.45
CA ASN H 120 -16.61 16.92 40.61
C ASN H 120 -16.44 15.66 41.45
N GLY H 121 -15.90 15.84 42.66
CA GLY H 121 -15.71 14.71 43.56
C GLY H 121 -16.97 14.36 44.33
N LYS H 122 -17.78 15.37 44.65
CA LYS H 122 -19.06 15.12 45.32
C LYS H 122 -20.01 14.31 44.44
N VAL H 123 -20.07 14.62 43.15
CA VAL H 123 -21.05 13.98 42.27
C VAL H 123 -20.78 12.49 42.09
N ASN H 124 -19.51 12.07 42.09
CA ASN H 124 -19.25 10.64 41.97
C ASN H 124 -19.76 9.89 43.18
N TYR H 125 -19.55 10.46 44.38
CA TYR H 125 -20.08 9.87 45.60
C TYR H 125 -21.61 9.87 45.59
N LEU H 126 -22.21 10.95 45.11
CA LEU H 126 -23.67 11.05 45.04
C LEU H 126 -24.25 10.00 44.10
N LEU H 127 -23.53 9.73 43.00
CA LEU H 127 -23.98 8.73 42.03
C LEU H 127 -23.78 7.32 42.58
N ALA H 128 -22.75 7.13 43.40
CA ALA H 128 -22.46 5.81 43.95
C ALA H 128 -23.62 5.24 44.78
N TYR H 129 -24.52 6.10 45.27
CA TYR H 129 -25.67 5.62 46.03
C TYR H 129 -26.65 4.79 45.19
N ASP H 130 -26.47 4.77 43.87
CA ASP H 130 -27.31 3.97 42.98
C ASP H 130 -26.46 2.91 42.27
N ALA H 131 -25.35 2.52 42.88
CA ALA H 131 -24.46 1.51 42.32
C ALA H 131 -25.03 0.11 42.48
N LYS H 132 -24.53 -0.80 41.64
CA LYS H 132 -24.97 -2.20 41.61
C LYS H 132 -23.78 -3.12 41.81
N VAL H 133 -23.95 -4.12 42.67
CA VAL H 133 -22.93 -5.12 42.95
C VAL H 133 -23.57 -6.51 42.89
N PHE H 134 -22.89 -7.45 42.22
CA PHE H 134 -23.35 -8.83 42.17
C PHE H 134 -22.16 -9.74 41.90
N ARG H 135 -22.39 -11.04 42.08
CA ARG H 135 -21.36 -12.05 41.88
C ARG H 135 -21.76 -13.03 40.79
N LYS H 136 -20.75 -13.58 40.12
CA LYS H 136 -20.95 -14.59 39.08
C LYS H 136 -20.48 -15.94 39.59
N GLY H 137 -21.35 -16.95 39.50
CA GLY H 137 -20.99 -18.29 39.89
C GLY H 137 -21.18 -19.30 38.77
N GLY H 138 -21.53 -20.53 39.12
CA GLY H 138 -21.76 -21.56 38.12
C GLY H 138 -20.55 -21.93 37.32
N VAL H 139 -19.35 -21.58 37.79
CA VAL H 139 -18.11 -21.86 37.07
C VAL H 139 -17.00 -21.98 38.12
N SER H 140 -15.91 -22.64 37.74
CA SER H 140 -14.82 -22.94 38.67
C SER H 140 -14.09 -21.68 39.20
N GLN H 141 -14.53 -20.45 38.94
CA GLN H 141 -14.02 -19.29 39.65
C GLN H 141 -15.15 -18.28 39.83
N HIS H 142 -15.46 -17.94 41.08
CA HIS H 142 -16.48 -16.97 41.39
C HIS H 142 -15.89 -15.57 41.39
N THR H 143 -16.51 -14.66 40.65
CA THR H 143 -16.02 -13.30 40.52
C THR H 143 -17.09 -12.30 40.97
N VAL H 144 -16.64 -11.18 41.51
CA VAL H 144 -17.52 -10.12 42.00
C VAL H 144 -17.53 -8.99 40.99
N TYR H 145 -18.72 -8.62 40.52
CA TYR H 145 -18.90 -7.49 39.62
C TYR H 145 -19.34 -6.28 40.45
N THR H 146 -18.57 -5.20 40.37
CA THR H 146 -18.93 -3.93 41.01
C THR H 146 -19.01 -2.87 39.94
N ILE H 147 -20.22 -2.35 39.70
CA ILE H 147 -20.48 -1.32 38.70
C ILE H 147 -20.94 -0.07 39.43
N THR H 148 -20.18 1.01 39.29
CA THR H 148 -20.45 2.24 40.00
C THR H 148 -20.63 3.38 39.00
N PRO H 149 -21.80 3.99 38.91
CA PRO H 149 -21.94 5.18 38.07
C PRO H 149 -21.24 6.37 38.72
N GLU H 150 -20.49 7.11 37.90
CA GLU H 150 -19.74 8.26 38.40
C GLU H 150 -19.31 9.12 37.21
N ILE H 151 -18.92 10.35 37.51
CA ILE H 151 -18.35 11.25 36.51
C ILE H 151 -16.83 11.20 36.63
N ALA H 152 -16.16 10.79 35.55
CA ALA H 152 -14.71 10.71 35.56
C ALA H 152 -14.17 12.13 35.40
N SER H 153 -13.57 12.66 36.48
CA SER H 153 -13.05 14.02 36.46
C SER H 153 -11.87 14.15 35.50
N ASP H 154 -11.24 13.05 35.12
CA ASP H 154 -10.10 13.06 34.22
C ASP H 154 -10.50 13.30 32.77
N VAL H 155 -11.78 13.17 32.42
CA VAL H 155 -12.22 13.34 31.04
C VAL H 155 -13.48 14.19 31.02
N ASN H 156 -14.04 14.47 32.20
CA ASN H 156 -15.26 15.27 32.34
C ASN H 156 -16.43 14.66 31.56
N GLU H 157 -16.63 13.36 31.74
CA GLU H 157 -17.73 12.64 31.12
C GLU H 157 -18.32 11.67 32.13
N PHE H 158 -19.62 11.40 31.98
CA PHE H 158 -20.26 10.39 32.82
C PHE H 158 -19.77 9.00 32.41
N VAL H 159 -19.50 8.15 33.39
CA VAL H 159 -18.89 6.86 33.11
C VAL H 159 -19.44 5.81 34.08
N PHE H 160 -19.39 4.55 33.65
CA PHE H 160 -19.64 3.40 34.51
C PHE H 160 -18.31 2.79 34.93
N ASP H 161 -18.00 2.87 36.22
CA ASP H 161 -16.79 2.26 36.76
C ASP H 161 -17.08 0.79 37.05
N ILE H 162 -16.56 -0.10 36.20
CA ILE H 162 -16.76 -1.53 36.33
C ILE H 162 -15.51 -2.16 36.92
N GLU H 163 -15.69 -2.92 38.00
CA GLU H 163 -14.59 -3.55 38.72
C GLU H 163 -14.90 -5.03 38.91
N ILE H 164 -14.05 -5.89 38.37
CA ILE H 164 -14.21 -7.33 38.47
C ILE H 164 -13.08 -7.87 39.34
N THR H 165 -13.43 -8.33 40.54
CA THR H 165 -12.45 -8.81 41.51
C THR H 165 -12.91 -10.14 42.09
N LEU H 166 -12.01 -10.78 42.82
CA LEU H 166 -12.39 -11.95 43.59
C LEU H 166 -12.84 -11.53 44.98
N PRO H 167 -13.73 -12.31 45.62
CA PRO H 167 -14.17 -11.93 46.98
C PRO H 167 -13.03 -11.74 47.95
N GLN H 168 -12.00 -12.58 47.88
CA GLN H 168 -10.81 -12.43 48.73
C GLN H 168 -10.25 -11.01 48.73
N GLU H 169 -10.39 -10.29 47.63
CA GLU H 169 -9.75 -8.97 47.51
C GLU H 169 -10.46 -7.90 48.33
N LYS I 5 -34.90 8.62 -15.41
CA LYS I 5 -35.05 9.71 -14.46
C LYS I 5 -33.81 10.57 -14.42
N GLN I 6 -32.85 10.22 -13.55
CA GLN I 6 -31.58 10.92 -13.46
C GLN I 6 -30.85 10.88 -14.80
N ALA I 7 -30.98 11.94 -15.59
CA ALA I 7 -30.39 11.97 -16.92
C ALA I 7 -30.25 13.40 -17.39
N ILE I 8 -29.31 13.60 -18.30
CA ILE I 8 -29.04 14.90 -18.94
C ILE I 8 -29.33 14.78 -20.43
N HIS I 9 -30.11 15.72 -20.95
CA HIS I 9 -30.54 15.72 -22.34
C HIS I 9 -29.94 16.92 -23.06
N ILE I 10 -29.52 16.71 -24.30
CA ILE I 10 -28.98 17.78 -25.15
C ILE I 10 -30.08 18.23 -26.09
N ASP I 11 -30.48 19.50 -25.97
CA ASP I 11 -31.61 20.03 -26.72
C ASP I 11 -31.22 20.81 -27.97
N ASN I 12 -30.10 21.53 -27.94
CA ASN I 12 -29.71 22.35 -29.08
C ASN I 12 -28.20 22.48 -29.12
N ILE I 13 -27.66 22.53 -30.34
CA ILE I 13 -26.23 22.66 -30.57
C ILE I 13 -26.02 23.68 -31.69
N TYR I 14 -25.16 24.66 -31.45
CA TYR I 14 -24.83 25.65 -32.48
C TYR I 14 -23.41 26.15 -32.24
N TRP I 15 -22.89 26.92 -33.20
CA TRP I 15 -21.50 27.34 -33.20
C TRP I 15 -21.43 28.85 -33.39
N GLU I 16 -20.44 29.46 -32.72
CA GLU I 16 -20.05 30.85 -32.97
C GLU I 16 -18.54 30.86 -33.17
N ARG I 17 -18.11 30.93 -34.44
CA ARG I 17 -16.70 30.78 -34.80
C ARG I 17 -16.18 29.43 -34.34
N VAL I 18 -15.26 29.42 -33.39
CA VAL I 18 -14.68 28.19 -32.87
C VAL I 18 -15.39 27.70 -31.62
N GLN I 19 -16.28 28.51 -31.04
CA GLN I 19 -16.93 28.18 -29.79
C GLN I 19 -18.14 27.29 -30.02
N LEU I 20 -18.23 26.19 -29.29
CA LEU I 20 -19.32 25.23 -29.40
C LEU I 20 -20.30 25.45 -28.26
N TYR I 21 -21.56 25.73 -28.60
CA TYR I 21 -22.62 25.93 -27.61
C TYR I 21 -23.48 24.67 -27.52
N ILE I 22 -23.75 24.22 -26.29
CA ILE I 22 -24.59 23.06 -26.05
C ILE I 22 -25.67 23.45 -25.06
N GLU I 23 -26.93 23.37 -25.49
CA GLU I 23 -28.08 23.66 -24.66
C GLU I 23 -28.80 22.37 -24.30
N GLY I 24 -29.23 22.26 -23.05
CA GLY I 24 -29.95 21.09 -22.61
C GLY I 24 -30.60 21.32 -21.27
N HIS I 25 -31.16 20.23 -20.71
CA HIS I 25 -31.81 20.30 -19.41
C HIS I 25 -31.54 19.03 -18.63
N SER I 26 -31.84 19.10 -17.33
CA SER I 26 -31.66 18.00 -16.38
C SER I 26 -33.02 17.49 -15.95
N GLU I 27 -33.11 16.18 -15.70
CA GLU I 27 -34.35 15.56 -15.24
C GLU I 27 -34.31 15.17 -13.77
N GLY I 28 -33.34 14.36 -13.36
CA GLY I 28 -33.22 13.98 -11.96
C GLY I 28 -31.94 14.41 -11.28
N VAL I 29 -31.00 14.96 -12.03
CA VAL I 29 -29.70 15.32 -11.49
C VAL I 29 -29.70 16.78 -11.03
N ASP I 30 -29.02 17.03 -9.91
CA ASP I 30 -28.83 18.40 -9.42
C ASP I 30 -27.63 19.02 -10.12
N LEU I 31 -27.83 20.23 -10.64
CA LEU I 31 -26.84 20.88 -11.49
C LEU I 31 -26.03 21.96 -10.80
N THR I 32 -26.43 22.41 -9.61
CA THR I 32 -25.84 23.60 -9.01
C THR I 32 -24.42 23.39 -8.54
N SER I 33 -24.01 22.15 -8.23
CA SER I 33 -22.71 21.90 -7.63
C SER I 33 -21.71 21.23 -8.57
N GLY I 34 -22.18 20.61 -9.66
CA GLY I 34 -21.31 19.83 -10.51
C GLY I 34 -20.65 20.61 -11.63
N GLN I 35 -19.63 19.99 -12.23
CA GLN I 35 -18.85 20.58 -13.30
C GLN I 35 -19.18 19.92 -14.64
N PHE I 36 -19.60 20.73 -15.60
CA PHE I 36 -19.79 20.24 -16.96
C PHE I 36 -18.45 20.17 -17.67
N VAL I 37 -18.20 19.07 -18.38
CA VAL I 37 -16.92 18.86 -19.05
C VAL I 37 -17.13 18.10 -20.36
N LEU I 38 -16.16 18.25 -21.27
CA LEU I 38 -16.03 17.40 -22.45
C LEU I 38 -14.87 16.43 -22.20
N ARG I 39 -15.15 15.13 -22.29
CA ARG I 39 -14.15 14.11 -22.02
C ARG I 39 -14.13 13.10 -23.15
N ASN I 40 -12.93 12.70 -23.56
CA ASN I 40 -12.79 11.77 -24.66
C ASN I 40 -13.04 10.34 -24.19
N LEU I 41 -13.25 9.45 -25.18
CA LEU I 41 -13.55 8.06 -24.85
C LEU I 41 -12.39 7.40 -24.12
N THR I 42 -11.17 7.85 -24.38
CA THR I 42 -9.98 7.31 -23.75
C THR I 42 -9.70 7.92 -22.38
N GLU I 43 -10.50 8.91 -21.97
CA GLU I 43 -10.38 9.54 -20.66
C GLU I 43 -9.00 10.15 -20.41
N THR I 44 -8.31 10.55 -21.48
CA THR I 44 -6.98 11.13 -21.33
C THR I 44 -6.95 12.66 -21.46
N LYS I 45 -7.97 13.26 -22.07
CA LYS I 45 -8.06 14.71 -22.15
C LYS I 45 -9.47 15.16 -21.82
N THR I 46 -9.60 16.16 -20.94
CA THR I 46 -10.90 16.69 -20.54
C THR I 46 -10.88 18.21 -20.66
N LEU I 47 -11.97 18.76 -21.21
CA LEU I 47 -12.10 20.19 -21.47
C LEU I 47 -13.30 20.75 -20.71
N GLU I 48 -13.04 21.69 -19.81
CA GLU I 48 -14.10 22.32 -19.04
C GLU I 48 -14.75 23.43 -19.87
N ALA I 49 -16.02 23.71 -19.55
CA ALA I 49 -16.74 24.77 -20.24
C ALA I 49 -16.27 26.14 -19.77
N ASN I 50 -16.11 27.06 -20.73
CA ASN I 50 -15.72 28.43 -20.42
C ASN I 50 -16.92 29.29 -20.03
N GLU I 51 -18.13 28.83 -20.32
CA GLU I 51 -19.36 29.49 -19.87
C GLU I 51 -20.36 28.40 -19.51
N MET I 52 -21.05 28.60 -18.39
CA MET I 52 -22.02 27.62 -17.89
C MET I 52 -23.17 28.39 -17.25
N LYS I 53 -24.26 28.54 -18.00
CA LYS I 53 -25.45 29.25 -17.53
C LYS I 53 -26.55 28.24 -17.26
N ILE I 54 -26.94 28.12 -15.99
CA ILE I 54 -27.96 27.18 -15.57
C ILE I 54 -29.13 27.95 -14.96
N ASP I 55 -30.35 27.51 -15.29
CA ASP I 55 -31.57 28.12 -14.78
C ASP I 55 -32.49 26.98 -14.35
N GLY I 56 -32.50 26.67 -13.07
CA GLY I 56 -33.26 25.54 -12.56
C GLY I 56 -32.66 24.22 -13.02
N ASN I 57 -33.34 23.54 -13.94
CA ASN I 57 -32.82 22.33 -14.55
C ASN I 57 -32.29 22.56 -15.96
N THR I 58 -32.53 23.73 -16.54
CA THR I 58 -32.03 24.06 -17.87
C THR I 58 -30.62 24.61 -17.78
N PHE I 59 -29.81 24.31 -18.81
CA PHE I 59 -28.43 24.76 -18.83
C PHE I 59 -28.02 25.03 -20.27
N ILE I 60 -27.07 25.95 -20.43
CA ILE I 60 -26.37 26.15 -21.69
C ILE I 60 -24.88 26.23 -21.39
N CYS I 61 -24.08 25.56 -22.20
CA CYS I 61 -22.64 25.49 -21.97
C CYS I 61 -21.91 25.86 -23.25
N ARG I 62 -20.74 26.48 -23.08
CA ARG I 62 -19.91 26.90 -24.19
C ARG I 62 -18.53 26.28 -24.04
N PHE I 63 -18.02 25.72 -25.12
CA PHE I 63 -16.72 25.09 -25.14
C PHE I 63 -15.89 25.66 -26.27
N ASN I 64 -14.62 25.92 -25.98
CA ASN I 64 -13.65 26.36 -26.98
C ASN I 64 -12.89 25.09 -27.37
N VAL I 65 -13.31 24.47 -28.48
CA VAL I 65 -12.73 23.20 -28.89
C VAL I 65 -11.28 23.36 -29.33
N ALA I 66 -10.84 24.60 -29.58
CA ALA I 66 -9.49 24.85 -30.01
C ALA I 66 -8.47 24.58 -28.90
N ILE I 67 -8.92 24.40 -27.66
CA ILE I 67 -7.99 24.06 -26.59
C ILE I 67 -7.65 22.58 -26.62
N LEU I 68 -8.48 21.78 -27.29
CA LEU I 68 -8.33 20.34 -27.48
C LEU I 68 -7.24 20.02 -28.49
N ASP I 69 -6.52 21.05 -28.92
CA ASP I 69 -5.44 20.92 -29.88
C ASP I 69 -4.15 20.72 -29.10
N ASP I 70 -4.00 19.49 -28.60
CA ASP I 70 -2.84 19.05 -27.84
C ASP I 70 -1.58 18.96 -28.70
N GLY I 71 -1.66 19.22 -30.00
CA GLY I 71 -0.58 18.92 -30.91
C GLY I 71 -0.46 17.46 -31.27
N TYR I 72 -1.19 16.58 -30.58
CA TYR I 72 -1.18 15.15 -30.83
C TYR I 72 -2.62 14.72 -31.09
N TYR I 73 -2.87 14.16 -32.27
CA TYR I 73 -4.21 13.77 -32.70
C TYR I 73 -4.23 12.25 -32.86
N LEU I 74 -4.97 11.57 -31.99
CA LEU I 74 -5.13 10.13 -32.01
C LEU I 74 -6.42 9.72 -32.72
N PRO I 75 -6.46 8.49 -33.22
CA PRO I 75 -7.73 7.94 -33.71
C PRO I 75 -8.70 7.70 -32.55
N MET I 76 -9.99 7.67 -32.90
CA MET I 76 -11.06 7.50 -31.92
C MET I 76 -11.00 8.57 -30.83
N ASP I 77 -10.55 9.76 -31.19
CA ASP I 77 -10.48 10.88 -30.26
C ASP I 77 -11.82 11.60 -30.23
N LYS I 78 -12.81 10.91 -29.70
CA LYS I 78 -14.20 11.37 -29.64
C LYS I 78 -14.53 11.79 -28.22
N TYR I 79 -15.19 12.93 -28.07
CA TYR I 79 -15.40 13.55 -26.77
C TYR I 79 -16.88 13.57 -26.42
N LEU I 80 -17.20 13.05 -25.24
CA LEU I 80 -18.55 13.04 -24.69
C LEU I 80 -18.84 14.32 -23.91
N PHE I 81 -20.11 14.71 -23.92
CA PHE I 81 -20.59 15.80 -23.08
C PHE I 81 -21.14 15.20 -21.78
N VAL I 82 -20.49 15.52 -20.66
CA VAL I 82 -20.73 14.83 -19.40
C VAL I 82 -20.87 15.85 -18.28
N TYR I 83 -21.72 15.52 -17.32
CA TYR I 83 -21.88 16.28 -16.08
C TYR I 83 -21.33 15.44 -14.94
N HIS I 84 -20.48 16.03 -14.10
CA HIS I 84 -19.82 15.30 -13.03
C HIS I 84 -19.90 16.11 -11.73
N ASP I 85 -20.74 15.65 -10.81
CA ASP I 85 -20.75 16.17 -9.45
C ASP I 85 -19.80 15.34 -8.59
N GLN I 86 -20.35 14.36 -7.88
CA GLN I 86 -19.56 13.29 -7.29
C GLN I 86 -19.74 11.97 -8.03
N LEU I 87 -20.67 11.90 -8.98
CA LEU I 87 -20.91 10.73 -9.81
C LEU I 87 -20.82 11.14 -11.27
N GLU I 88 -20.89 10.16 -12.16
CA GLU I 88 -20.72 10.39 -13.59
C GLU I 88 -22.06 10.23 -14.30
N TYR I 89 -22.48 11.27 -15.03
CA TYR I 89 -23.71 11.24 -15.82
C TYR I 89 -23.39 11.71 -17.24
N ILE I 90 -23.63 10.84 -18.22
CA ILE I 90 -23.34 11.16 -19.62
C ILE I 90 -24.60 11.74 -20.27
N GLY I 91 -24.43 12.84 -21.00
CA GLY I 91 -25.57 13.48 -21.65
C GLY I 91 -26.10 12.66 -22.83
N GLN I 92 -27.42 12.64 -22.95
CA GLN I 92 -28.12 11.94 -24.02
C GLN I 92 -28.77 12.93 -24.97
N LEU I 93 -28.75 12.62 -26.27
CA LEU I 93 -29.29 13.52 -27.28
C LEU I 93 -30.82 13.45 -27.32
N ASN I 94 -31.45 14.62 -27.40
CA ASN I 94 -32.91 14.70 -27.48
C ASN I 94 -33.38 14.28 -28.87
N PRO I 95 -34.34 13.35 -28.98
CA PRO I 95 -34.84 12.96 -30.31
C PRO I 95 -35.44 14.11 -31.10
N ASN I 96 -35.77 15.22 -30.45
CA ASN I 96 -36.27 16.38 -31.18
C ASN I 96 -35.22 16.90 -32.16
N ILE I 97 -33.93 16.75 -31.82
CA ILE I 97 -32.87 17.20 -32.70
C ILE I 97 -32.84 16.36 -33.99
N ILE I 98 -32.93 15.04 -33.86
CA ILE I 98 -32.92 14.21 -35.05
C ILE I 98 -34.20 14.39 -35.85
N ASP I 99 -35.33 14.65 -35.18
CA ASP I 99 -36.56 14.92 -35.93
C ASP I 99 -36.46 16.24 -36.67
N GLN I 100 -35.79 17.23 -36.08
CA GLN I 100 -35.54 18.49 -36.76
C GLN I 100 -34.63 18.31 -37.97
N ALA I 101 -33.56 17.52 -37.81
CA ALA I 101 -32.67 17.24 -38.93
C ALA I 101 -33.32 16.34 -39.97
N TYR I 102 -34.42 15.68 -39.63
CA TYR I 102 -35.12 14.81 -40.58
C TYR I 102 -35.91 15.59 -41.62
N ALA I 103 -35.95 16.92 -41.52
CA ALA I 103 -36.61 17.76 -42.52
C ALA I 103 -35.64 18.01 -43.67
N ALA I 104 -35.35 16.93 -44.40
CA ALA I 104 -34.40 16.94 -45.50
C ALA I 104 -35.13 16.72 -46.82
N LEU I 105 -34.37 16.63 -47.90
CA LEU I 105 -34.93 16.38 -49.21
C LEU I 105 -35.14 14.88 -49.41
N ASN I 106 -35.85 14.54 -50.50
CA ASN I 106 -36.17 13.14 -50.76
C ASN I 106 -34.94 12.35 -51.20
N GLU I 107 -34.00 12.99 -51.92
CA GLU I 107 -32.73 12.34 -52.19
C GLU I 107 -32.02 12.00 -50.89
N GLU I 108 -32.05 12.91 -49.93
CA GLU I 108 -31.38 12.70 -48.65
C GLU I 108 -32.12 11.67 -47.80
N GLN I 109 -33.45 11.60 -47.92
CA GLN I 109 -34.18 10.52 -47.25
C GLN I 109 -33.87 9.16 -47.87
N ILE I 110 -33.72 9.12 -49.20
CA ILE I 110 -33.24 7.90 -49.85
C ILE I 110 -31.89 7.49 -49.28
N GLU I 111 -30.98 8.45 -49.17
CA GLU I 111 -29.67 8.16 -48.58
C GLU I 111 -29.81 7.66 -47.14
N GLU I 112 -30.78 8.19 -46.40
CA GLU I 112 -30.93 7.82 -45.00
C GLU I 112 -31.46 6.38 -44.86
N TYR I 113 -32.56 6.07 -45.55
CA TYR I 113 -33.19 4.76 -45.37
C TYR I 113 -32.59 3.67 -46.23
N ASN I 114 -31.67 3.99 -47.14
CA ASN I 114 -30.96 2.95 -47.87
C ASN I 114 -30.00 2.17 -46.97
N GLU I 115 -29.92 2.52 -45.70
CA GLU I 115 -29.04 1.83 -44.78
C GLU I 115 -29.84 1.01 -43.77
N ASN I 120 -28.21 2.83 -36.08
CA ASN I 120 -27.20 3.65 -35.45
C ASN I 120 -26.20 4.19 -36.48
N GLY I 121 -26.64 4.21 -37.74
CA GLY I 121 -25.84 4.69 -38.84
C GLY I 121 -26.63 5.77 -39.56
N LYS I 122 -27.95 5.58 -39.59
CA LYS I 122 -28.85 6.60 -40.10
C LYS I 122 -28.82 7.86 -39.25
N VAL I 123 -28.80 7.69 -37.92
CA VAL I 123 -28.81 8.84 -37.02
C VAL I 123 -27.50 9.61 -37.14
N ASN I 124 -26.38 8.92 -37.36
CA ASN I 124 -25.11 9.62 -37.57
C ASN I 124 -25.15 10.41 -38.88
N TYR I 125 -25.78 9.85 -39.91
CA TYR I 125 -25.94 10.57 -41.17
C TYR I 125 -26.79 11.83 -40.98
N LEU I 126 -27.88 11.71 -40.22
CA LEU I 126 -28.73 12.87 -39.95
C LEU I 126 -27.98 13.92 -39.14
N LEU I 127 -27.16 13.49 -38.18
CA LEU I 127 -26.43 14.43 -37.32
C LEU I 127 -25.29 15.11 -38.07
N ALA I 128 -24.69 14.43 -39.04
CA ALA I 128 -23.58 15.02 -39.79
C ALA I 128 -23.97 16.30 -40.52
N TYR I 129 -25.27 16.52 -40.74
CA TYR I 129 -25.73 17.73 -41.41
C TYR I 129 -25.46 19.00 -40.62
N ASP I 130 -25.07 18.89 -39.35
CA ASP I 130 -24.75 20.05 -38.52
C ASP I 130 -23.29 20.09 -38.12
N ALA I 131 -22.43 19.46 -38.92
CA ALA I 131 -21.00 19.45 -38.65
C ALA I 131 -20.39 20.80 -39.00
N LYS I 132 -19.24 21.09 -38.39
CA LYS I 132 -18.54 22.35 -38.58
C LYS I 132 -17.13 22.06 -39.08
N VAL I 133 -16.72 22.81 -40.11
CA VAL I 133 -15.39 22.67 -40.72
C VAL I 133 -14.78 24.06 -40.84
N PHE I 134 -13.51 24.18 -40.44
CA PHE I 134 -12.78 25.43 -40.58
C PHE I 134 -11.28 25.12 -40.61
N ARG I 135 -10.48 26.13 -40.94
CA ARG I 135 -9.04 26.00 -41.04
C ARG I 135 -8.36 26.90 -40.00
N LYS I 136 -7.18 26.45 -39.56
CA LYS I 136 -6.36 27.19 -38.62
C LYS I 136 -5.02 27.50 -39.27
N GLY I 137 -4.65 28.78 -39.29
CA GLY I 137 -3.40 29.21 -39.87
C GLY I 137 -2.42 29.74 -38.83
N GLY I 138 -1.36 30.37 -39.32
CA GLY I 138 -0.37 30.94 -38.46
C GLY I 138 0.71 29.97 -38.01
N VAL I 139 0.35 28.69 -37.91
CA VAL I 139 1.28 27.66 -37.45
C VAL I 139 2.18 27.25 -38.61
N SER I 140 3.08 26.29 -38.35
CA SER I 140 4.01 25.84 -39.38
C SER I 140 3.27 25.23 -40.57
N GLN I 141 2.22 24.45 -40.30
CA GLN I 141 1.44 23.81 -41.36
C GLN I 141 -0.03 24.02 -41.05
N HIS I 142 -0.78 24.51 -42.04
CA HIS I 142 -2.19 24.80 -41.88
C HIS I 142 -3.02 23.52 -41.96
N THR I 143 -3.90 23.34 -40.98
CA THR I 143 -4.71 22.13 -40.85
C THR I 143 -6.19 22.47 -40.89
N VAL I 144 -6.99 21.50 -41.36
CA VAL I 144 -8.43 21.64 -41.46
C VAL I 144 -9.06 20.92 -40.28
N TYR I 145 -9.86 21.64 -39.51
CA TYR I 145 -10.57 21.07 -38.37
C TYR I 145 -11.99 20.72 -38.80
N THR I 146 -12.36 19.45 -38.62
CA THR I 146 -13.71 18.97 -38.89
C THR I 146 -14.28 18.39 -37.61
N ILE I 147 -15.36 18.99 -37.11
CA ILE I 147 -16.01 18.57 -35.88
C ILE I 147 -17.37 18.00 -36.28
N THR I 148 -17.58 16.71 -35.98
CA THR I 148 -18.76 15.99 -36.43
C THR I 148 -19.52 15.42 -35.24
N PRO I 149 -20.75 15.87 -34.99
CA PRO I 149 -21.57 15.21 -33.97
C PRO I 149 -22.13 13.90 -34.48
N GLU I 150 -22.05 12.87 -33.63
CA GLU I 150 -22.52 11.55 -34.02
C GLU I 150 -22.70 10.69 -32.77
N ILE I 151 -23.42 9.59 -32.94
CA ILE I 151 -23.55 8.57 -31.89
C ILE I 151 -22.56 7.47 -32.22
N ALA I 152 -21.63 7.21 -31.30
CA ALA I 152 -20.60 6.20 -31.50
C ALA I 152 -21.22 4.82 -31.29
N SER I 153 -21.31 4.05 -32.37
CA SER I 153 -21.94 2.72 -32.30
C SER I 153 -21.15 1.77 -31.41
N ASP I 154 -19.89 2.08 -31.11
CA ASP I 154 -19.09 1.22 -30.27
C ASP I 154 -19.49 1.31 -28.80
N VAL I 155 -20.22 2.36 -28.41
CA VAL I 155 -20.63 2.55 -27.03
C VAL I 155 -22.10 2.95 -27.01
N ASN I 156 -22.64 3.27 -28.19
CA ASN I 156 -24.04 3.69 -28.36
C ASN I 156 -24.34 4.94 -27.53
N GLU I 157 -23.48 5.95 -27.66
CA GLU I 157 -23.68 7.22 -26.99
C GLU I 157 -23.33 8.36 -27.94
N PHE I 158 -23.98 9.51 -27.73
CA PHE I 158 -23.68 10.68 -28.53
C PHE I 158 -22.30 11.24 -28.19
N VAL I 159 -21.54 11.58 -29.23
CA VAL I 159 -20.17 12.03 -29.05
C VAL I 159 -19.84 13.08 -30.12
N PHE I 160 -18.86 13.93 -29.82
CA PHE I 160 -18.25 14.82 -30.82
C PHE I 160 -16.90 14.25 -31.24
N ASP I 161 -16.81 13.78 -32.48
CA ASP I 161 -15.55 13.33 -33.04
C ASP I 161 -14.82 14.52 -33.66
N ILE I 162 -13.57 14.72 -33.27
CA ILE I 162 -12.74 15.75 -33.87
C ILE I 162 -11.75 15.11 -34.82
N GLU I 163 -11.52 15.74 -35.96
CA GLU I 163 -10.62 15.23 -36.98
C GLU I 163 -9.79 16.38 -37.53
N ILE I 164 -8.48 16.27 -37.41
CA ILE I 164 -7.53 17.29 -37.84
C ILE I 164 -6.76 16.73 -39.02
N THR I 165 -6.95 17.31 -40.20
CA THR I 165 -6.33 16.84 -41.43
C THR I 165 -5.67 17.99 -42.15
N LEU I 166 -4.87 17.64 -43.17
CA LEU I 166 -4.25 18.61 -44.07
C LEU I 166 -5.14 18.85 -45.28
N PRO I 167 -5.06 20.03 -45.90
CA PRO I 167 -5.89 20.29 -47.09
C PRO I 167 -5.73 19.27 -48.20
N GLN I 168 -4.51 18.77 -48.45
CA GLN I 168 -4.31 17.75 -49.47
C GLN I 168 -5.25 16.56 -49.24
N GLU I 169 -5.14 15.91 -48.08
CA GLU I 169 -5.95 14.74 -47.77
C GLU I 169 -7.42 15.13 -47.54
N MET J 1 25.67 18.74 3.62
CA MET J 1 25.33 17.36 3.28
C MET J 1 25.44 17.13 1.77
N THR J 2 25.79 15.90 1.40
CA THR J 2 26.00 15.55 0.00
C THR J 2 25.64 14.08 -0.19
N LYS J 3 25.86 13.59 -1.41
CA LYS J 3 25.60 12.19 -1.70
C LYS J 3 26.59 11.29 -0.98
N THR J 4 26.15 10.06 -0.68
CA THR J 4 27.01 9.10 0.00
C THR J 4 28.21 8.77 -0.86
N LYS J 5 29.40 8.94 -0.31
CA LYS J 5 30.63 8.67 -1.04
C LYS J 5 30.83 7.17 -1.19
N GLN J 6 31.02 6.73 -2.43
CA GLN J 6 31.28 5.32 -2.71
C GLN J 6 32.60 4.89 -2.07
N ALA J 7 32.55 4.03 -1.06
CA ALA J 7 33.74 3.65 -0.32
C ALA J 7 33.58 2.24 0.20
N ILE J 8 34.62 1.74 0.86
CA ILE J 8 34.66 0.40 1.43
C ILE J 8 35.08 0.52 2.89
N HIS J 9 34.33 -0.12 3.78
CA HIS J 9 34.57 -0.05 5.21
C HIS J 9 35.00 -1.41 5.74
N ILE J 10 35.98 -1.40 6.64
CA ILE J 10 36.48 -2.62 7.27
C ILE J 10 35.83 -2.75 8.64
N ASP J 11 35.08 -3.83 8.84
CA ASP J 11 34.31 -4.05 10.05
C ASP J 11 34.98 -4.97 11.05
N ASN J 12 35.74 -5.97 10.59
CA ASN J 12 36.34 -6.93 11.50
C ASN J 12 37.65 -7.46 10.92
N ILE J 13 38.62 -7.69 11.81
CA ILE J 13 39.91 -8.27 11.44
C ILE J 13 40.26 -9.32 12.49
N TYR J 14 40.58 -10.52 12.03
CA TYR J 14 41.00 -11.60 12.92
C TYR J 14 41.89 -12.56 12.16
N TRP J 15 42.47 -13.51 12.87
CA TRP J 15 43.45 -14.42 12.31
C TRP J 15 43.08 -15.87 12.62
N GLU J 16 43.40 -16.75 11.67
CA GLU J 16 43.39 -18.19 11.88
C GLU J 16 44.77 -18.68 11.44
N ARG J 17 45.69 -18.83 12.38
CA ARG J 17 47.08 -19.16 12.07
C ARG J 17 47.69 -18.14 11.12
N VAL J 18 47.96 -18.55 9.88
CA VAL J 18 48.59 -17.67 8.92
C VAL J 18 47.57 -16.89 8.10
N GLN J 19 46.30 -17.26 8.15
CA GLN J 19 45.29 -16.64 7.33
C GLN J 19 44.76 -15.39 8.02
N LEU J 20 44.74 -14.28 7.29
CA LEU J 20 44.23 -13.01 7.77
C LEU J 20 42.81 -12.83 7.24
N TYR J 21 41.85 -12.68 8.14
CA TYR J 21 40.46 -12.50 7.76
C TYR J 21 40.09 -11.02 7.87
N ILE J 22 39.48 -10.48 6.82
CA ILE J 22 39.01 -9.11 6.79
C ILE J 22 37.54 -9.12 6.37
N GLU J 23 36.68 -8.66 7.26
CA GLU J 23 35.25 -8.57 7.01
C GLU J 23 34.85 -7.11 6.83
N GLY J 24 33.96 -6.85 5.89
CA GLY J 24 33.51 -5.51 5.67
C GLY J 24 32.25 -5.44 4.83
N HIS J 25 31.88 -4.21 4.46
CA HIS J 25 30.69 -3.95 3.68
C HIS J 25 30.99 -2.82 2.71
N SER J 26 30.07 -2.62 1.77
CA SER J 26 30.19 -1.56 0.77
C SER J 26 29.19 -0.45 1.08
N GLU J 27 29.61 0.80 0.86
CA GLU J 27 28.74 1.96 1.05
C GLU J 27 28.38 2.59 -0.29
N GLY J 28 28.30 1.77 -1.35
CA GLY J 28 27.90 2.24 -2.66
C GLY J 28 28.59 1.47 -3.77
N VAL J 29 29.56 0.64 -3.39
CA VAL J 29 30.36 -0.11 -4.36
C VAL J 29 29.70 -1.48 -4.51
N ASP J 30 28.81 -1.60 -5.49
CA ASP J 30 28.27 -2.90 -5.85
C ASP J 30 29.41 -3.82 -6.24
N LEU J 31 29.45 -5.00 -5.61
CA LEU J 31 30.62 -5.86 -5.72
C LEU J 31 30.86 -6.31 -7.15
N THR J 32 29.80 -6.79 -7.81
CA THR J 32 29.84 -7.16 -9.23
C THR J 32 30.94 -8.16 -9.52
N SER J 33 32.10 -7.68 -10.00
CA SER J 33 33.22 -8.54 -10.32
C SER J 33 33.79 -9.17 -9.06
N GLY J 34 34.41 -8.36 -8.20
CA GLY J 34 34.85 -8.83 -6.90
C GLY J 34 36.32 -9.22 -6.85
N GLN J 35 37.21 -8.26 -7.11
CA GLN J 35 38.65 -8.50 -7.07
C GLN J 35 39.22 -7.79 -5.85
N PHE J 36 39.03 -8.40 -4.68
CA PHE J 36 39.63 -7.88 -3.46
C PHE J 36 41.09 -8.28 -3.39
N VAL J 37 41.95 -7.34 -2.99
CA VAL J 37 43.38 -7.59 -2.98
C VAL J 37 44.03 -6.81 -1.84
N LEU J 38 45.20 -7.28 -1.41
CA LEU J 38 46.06 -6.54 -0.50
C LEU J 38 47.22 -5.93 -1.30
N ARG J 39 47.40 -4.62 -1.19
CA ARG J 39 48.41 -3.90 -1.93
C ARG J 39 49.18 -2.98 -1.00
N ASN J 40 50.50 -2.89 -1.21
CA ASN J 40 51.33 -2.02 -0.40
C ASN J 40 51.59 -0.70 -1.12
N LEU J 41 52.17 0.25 -0.39
CA LEU J 41 52.29 1.63 -0.85
C LEU J 41 53.08 1.77 -2.14
N THR J 42 54.01 0.86 -2.43
CA THR J 42 54.82 0.99 -3.64
C THR J 42 54.17 0.41 -4.89
N GLU J 43 53.03 -0.25 -4.77
CA GLU J 43 52.29 -0.84 -5.90
C GLU J 43 53.12 -1.80 -6.74
N THR J 44 54.23 -2.32 -6.22
CA THR J 44 55.05 -3.27 -6.96
C THR J 44 54.97 -4.69 -6.42
N LYS J 45 54.43 -4.88 -5.21
CA LYS J 45 54.17 -6.20 -4.65
C LYS J 45 52.73 -6.22 -4.20
N THR J 46 51.99 -7.23 -4.63
CA THR J 46 50.56 -7.31 -4.41
C THR J 46 50.19 -8.68 -3.87
N LEU J 47 49.26 -8.73 -2.91
CA LEU J 47 48.86 -9.96 -2.27
C LEU J 47 47.39 -10.22 -2.57
N GLU J 48 47.12 -11.31 -3.29
CA GLU J 48 45.77 -11.68 -3.66
C GLU J 48 45.10 -12.43 -2.51
N ALA J 49 43.77 -12.37 -2.50
CA ALA J 49 43.02 -13.12 -1.51
C ALA J 49 43.08 -14.61 -1.85
N ASN J 50 43.31 -15.43 -0.83
CA ASN J 50 43.37 -16.87 -1.05
C ASN J 50 42.01 -17.54 -1.02
N GLU J 51 41.03 -16.92 -0.37
CA GLU J 51 39.65 -17.38 -0.40
C GLU J 51 38.76 -16.15 -0.25
N MET J 52 37.63 -16.13 -0.96
CA MET J 52 36.77 -14.96 -0.95
C MET J 52 35.31 -15.38 -0.88
N LYS J 53 34.54 -14.64 -0.07
CA LYS J 53 33.12 -14.87 0.13
C LYS J 53 32.40 -13.54 0.04
N ILE J 54 31.29 -13.52 -0.72
CA ILE J 54 30.55 -12.29 -1.00
C ILE J 54 29.05 -12.56 -0.82
N ASP J 55 28.35 -11.59 -0.23
CA ASP J 55 26.91 -11.68 0.00
C ASP J 55 26.19 -10.40 -0.40
N THR J 58 27.98 -7.47 1.42
CA THR J 58 28.92 -7.82 2.49
C THR J 58 29.97 -8.79 1.97
N PHE J 59 31.17 -8.73 2.54
CA PHE J 59 32.27 -9.56 2.08
C PHE J 59 33.16 -9.96 3.26
N ILE J 60 33.79 -11.12 3.13
CA ILE J 60 34.87 -11.56 4.01
C ILE J 60 36.00 -12.08 3.12
N CYS J 61 37.23 -11.72 3.47
CA CYS J 61 38.39 -12.04 2.66
C CYS J 61 39.45 -12.75 3.48
N ARG J 62 40.19 -13.63 2.82
CA ARG J 62 41.24 -14.42 3.44
C ARG J 62 42.56 -14.15 2.72
N PHE J 63 43.60 -13.88 3.49
CA PHE J 63 44.92 -13.59 2.94
C PHE J 63 45.96 -14.46 3.61
N ASN J 64 46.89 -15.01 2.82
CA ASN J 64 48.01 -15.78 3.33
C ASN J 64 49.25 -14.88 3.31
N VAL J 65 49.54 -14.25 4.45
CA VAL J 65 50.65 -13.31 4.52
C VAL J 65 51.99 -14.01 4.51
N ALA J 66 52.03 -15.33 4.74
CA ALA J 66 53.30 -16.05 4.80
C ALA J 66 53.98 -16.17 3.46
N ILE J 67 53.30 -15.80 2.37
CA ILE J 67 53.93 -15.84 1.04
C ILE J 67 54.81 -14.63 0.80
N LEU J 68 54.81 -13.66 1.72
CA LEU J 68 55.60 -12.45 1.57
C LEU J 68 57.10 -12.72 1.60
N ASP J 69 57.51 -13.93 1.99
CA ASP J 69 58.91 -14.32 2.00
C ASP J 69 59.31 -14.98 0.69
N ASP J 70 58.71 -14.56 -0.43
CA ASP J 70 59.12 -15.01 -1.76
C ASP J 70 60.59 -14.70 -2.04
N GLY J 71 61.24 -13.92 -1.19
CA GLY J 71 62.61 -13.53 -1.40
C GLY J 71 62.76 -12.03 -1.34
N TYR J 72 62.01 -11.32 -2.18
CA TYR J 72 62.18 -9.88 -2.37
C TYR J 72 61.18 -9.17 -1.48
N TYR J 73 61.52 -9.09 -0.19
CA TYR J 73 60.65 -8.53 0.84
C TYR J 73 61.39 -7.42 1.59
N LEU J 74 60.62 -6.42 2.01
CA LEU J 74 61.21 -5.35 2.81
C LEU J 74 61.03 -5.64 4.30
N PRO J 75 62.06 -5.40 5.12
CA PRO J 75 61.96 -5.67 6.56
C PRO J 75 60.89 -4.85 7.26
N MET J 76 60.42 -3.76 6.66
CA MET J 76 59.38 -2.93 7.26
C MET J 76 58.53 -2.39 6.11
N ASP J 77 57.35 -2.97 5.92
CA ASP J 77 56.54 -2.72 4.73
C ASP J 77 55.07 -2.62 5.12
N LYS J 78 54.41 -1.56 4.65
CA LYS J 78 53.02 -1.27 4.98
C LYS J 78 52.10 -1.61 3.80
N TYR J 79 51.02 -2.34 4.08
CA TYR J 79 50.12 -2.85 3.05
C TYR J 79 48.70 -2.32 3.28
N LEU J 80 48.11 -1.75 2.22
CA LEU J 80 46.72 -1.30 2.24
C LEU J 80 45.77 -2.42 1.82
N PHE J 81 44.56 -2.39 2.39
CA PHE J 81 43.48 -3.26 1.95
C PHE J 81 42.59 -2.48 0.98
N VAL J 82 42.56 -2.92 -0.27
CA VAL J 82 41.93 -2.16 -1.35
C VAL J 82 41.09 -3.10 -2.21
N TYR J 83 40.01 -2.56 -2.77
CA TYR J 83 39.18 -3.27 -3.73
C TYR J 83 39.38 -2.63 -5.10
N HIS J 84 39.65 -3.45 -6.11
CA HIS J 84 40.02 -2.97 -7.44
C HIS J 84 39.06 -3.54 -8.48
N ASP J 85 38.14 -2.69 -8.96
CA ASP J 85 37.25 -3.00 -10.07
C ASP J 85 37.27 -1.78 -10.99
N GLN J 86 38.34 -1.69 -11.80
CA GLN J 86 38.63 -0.52 -12.63
C GLN J 86 38.85 0.72 -11.77
N LEU J 87 37.88 1.06 -10.93
CA LEU J 87 38.04 2.11 -9.94
C LEU J 87 38.63 1.52 -8.67
N GLU J 88 39.44 2.32 -7.97
CA GLU J 88 40.13 1.88 -6.77
C GLU J 88 39.45 2.48 -5.53
N TYR J 89 39.10 1.61 -4.59
CA TYR J 89 38.50 2.02 -3.32
C TYR J 89 39.36 1.49 -2.19
N ILE J 90 39.91 2.38 -1.37
CA ILE J 90 40.75 1.99 -0.26
C ILE J 90 39.87 1.79 0.96
N GLY J 91 40.04 0.66 1.63
CA GLY J 91 39.22 0.38 2.79
C GLY J 91 39.56 1.28 3.96
N GLN J 92 38.52 1.77 4.63
CA GLN J 92 38.66 2.59 5.82
C GLN J 92 38.14 1.80 7.01
N LEU J 93 38.84 1.90 8.13
CA LEU J 93 38.48 1.11 9.29
C LEU J 93 37.26 1.71 9.99
N ASN J 94 36.33 0.85 10.37
CA ASN J 94 35.14 1.29 11.06
C ASN J 94 35.49 1.69 12.49
N PRO J 95 35.09 2.87 12.96
CA PRO J 95 35.40 3.27 14.34
C PRO J 95 34.85 2.32 15.40
N ASN J 96 33.94 1.40 15.02
CA ASN J 96 33.45 0.43 15.98
C ASN J 96 34.58 -0.45 16.51
N ILE J 97 35.60 -0.73 15.68
CA ILE J 97 36.76 -1.48 16.15
C ILE J 97 37.51 -0.68 17.22
N ILE J 98 37.64 0.63 17.00
CA ILE J 98 38.28 1.50 17.98
C ILE J 98 37.45 1.56 19.24
N ASP J 99 36.13 1.47 19.12
CA ASP J 99 35.26 1.46 20.29
C ASP J 99 35.44 0.19 21.10
N GLN J 100 35.65 -0.94 20.44
CA GLN J 100 35.93 -2.20 21.12
C GLN J 100 37.27 -2.14 21.84
N ASN J 120 47.01 10.47 15.93
CA ASN J 120 47.23 9.20 15.26
C ASN J 120 47.93 8.17 16.14
N GLY J 121 48.70 8.65 17.13
CA GLY J 121 49.47 7.72 17.95
C GLY J 121 48.70 7.04 19.06
N LYS J 122 47.72 7.73 19.66
CA LYS J 122 46.88 7.08 20.67
C LYS J 122 46.05 5.97 20.03
N VAL J 123 45.43 6.26 18.88
CA VAL J 123 44.62 5.25 18.20
C VAL J 123 45.54 4.17 17.65
N ASN J 124 46.76 4.52 17.25
CA ASN J 124 47.71 3.51 16.78
C ASN J 124 48.11 2.57 17.90
N TYR J 125 48.27 3.08 19.12
CA TYR J 125 48.54 2.21 20.26
C TYR J 125 47.36 1.29 20.55
N LEU J 126 46.14 1.84 20.49
CA LEU J 126 44.97 1.02 20.76
C LEU J 126 44.83 -0.07 19.70
N LEU J 127 45.15 0.23 18.45
CA LEU J 127 45.09 -0.79 17.41
C LEU J 127 46.27 -1.76 17.50
N ALA J 128 47.43 -1.27 17.91
CA ALA J 128 48.61 -2.09 18.08
C ALA J 128 48.39 -3.15 19.15
N TYR J 129 47.42 -2.92 20.05
CA TYR J 129 47.07 -3.96 21.00
C TYR J 129 46.53 -5.22 20.32
N ASP J 130 46.28 -5.18 19.01
CA ASP J 130 45.78 -6.32 18.25
C ASP J 130 46.80 -6.83 17.22
N ALA J 131 48.08 -6.64 17.49
CA ALA J 131 49.12 -7.09 16.57
C ALA J 131 49.28 -8.61 16.64
N LYS J 132 49.83 -9.17 15.55
CA LYS J 132 50.05 -10.59 15.41
C LYS J 132 51.53 -10.86 15.13
N VAL J 133 52.09 -11.84 15.84
CA VAL J 133 53.49 -12.23 15.67
C VAL J 133 53.56 -13.76 15.58
N PHE J 134 54.33 -14.26 14.62
CA PHE J 134 54.54 -15.70 14.50
C PHE J 134 55.84 -15.93 13.74
N ARG J 135 56.26 -17.19 13.73
CA ARG J 135 57.51 -17.61 13.08
C ARG J 135 57.21 -18.62 11.98
N LYS J 136 57.83 -18.43 10.83
CA LYS J 136 57.65 -19.31 9.68
C LYS J 136 58.76 -20.35 9.65
N GLY J 137 58.38 -21.59 9.37
CA GLY J 137 59.31 -22.70 9.35
C GLY J 137 59.79 -23.06 7.95
N GLY J 138 60.21 -24.30 7.80
CA GLY J 138 60.72 -24.81 6.55
C GLY J 138 62.21 -25.04 6.59
N VAL J 139 62.75 -25.41 5.43
CA VAL J 139 64.20 -25.64 5.32
C VAL J 139 64.96 -24.33 5.31
N SER J 140 64.37 -23.27 4.75
CA SER J 140 65.02 -21.98 4.67
C SER J 140 65.19 -21.37 6.06
N GLN J 141 65.84 -20.20 6.09
CA GLN J 141 66.03 -19.50 7.35
C GLN J 141 64.67 -19.14 7.94
N HIS J 142 64.50 -19.46 9.23
CA HIS J 142 63.25 -19.20 9.92
C HIS J 142 63.15 -17.70 10.17
N THR J 143 62.01 -17.12 9.83
CA THR J 143 61.80 -15.70 9.91
C THR J 143 60.64 -15.40 10.84
N VAL J 144 60.71 -14.25 11.48
CA VAL J 144 59.68 -13.79 12.41
C VAL J 144 58.80 -12.79 11.67
N TYR J 145 57.50 -13.09 11.62
CA TYR J 145 56.52 -12.21 11.01
C TYR J 145 55.88 -11.37 12.10
N THR J 146 55.97 -10.06 11.97
CA THR J 146 55.31 -9.12 12.87
C THR J 146 54.36 -8.27 12.05
N ILE J 147 53.07 -8.43 12.29
CA ILE J 147 52.02 -7.71 11.58
C ILE J 147 51.31 -6.83 12.58
N THR J 148 51.37 -5.51 12.35
CA THR J 148 50.82 -4.55 13.29
C THR J 148 49.78 -3.69 12.58
N PRO J 149 48.51 -3.74 12.99
CA PRO J 149 47.52 -2.82 12.41
C PRO J 149 47.74 -1.41 12.96
N GLU J 150 47.68 -0.44 12.07
CA GLU J 150 47.93 0.94 12.45
C GLU J 150 47.39 1.88 11.38
N ILE J 151 47.27 3.14 11.76
CA ILE J 151 46.92 4.22 10.83
C ILE J 151 48.23 4.88 10.43
N ALA J 152 48.54 4.88 9.14
CA ALA J 152 49.78 5.47 8.66
C ALA J 152 49.63 6.99 8.69
N SER J 153 50.35 7.63 9.61
CA SER J 153 50.24 9.07 9.79
C SER J 153 50.74 9.85 8.58
N ASP J 154 51.57 9.24 7.73
CA ASP J 154 52.08 9.94 6.56
C ASP J 154 51.07 10.04 5.42
N VAL J 155 50.00 9.25 5.45
CA VAL J 155 49.03 9.25 4.36
C VAL J 155 47.60 9.25 4.90
N ASN J 156 47.45 9.06 6.20
CA ASN J 156 46.13 9.04 6.86
C ASN J 156 45.21 7.98 6.29
N GLU J 157 45.73 6.75 6.18
CA GLU J 157 44.96 5.60 5.72
C GLU J 157 45.29 4.41 6.61
N PHE J 158 44.31 3.51 6.77
CA PHE J 158 44.56 2.31 7.54
C PHE J 158 45.47 1.37 6.77
N VAL J 159 46.45 0.79 7.47
CA VAL J 159 47.47 -0.03 6.82
C VAL J 159 47.86 -1.17 7.76
N PHE J 160 48.37 -2.25 7.17
CA PHE J 160 49.01 -3.34 7.91
C PHE J 160 50.52 -3.17 7.81
N ASP J 161 51.17 -2.86 8.93
CA ASP J 161 52.62 -2.74 9.00
C ASP J 161 53.20 -4.13 9.25
N ILE J 162 53.76 -4.75 8.21
CA ILE J 162 54.38 -6.06 8.35
C ILE J 162 55.87 -5.87 8.60
N GLU J 163 56.48 -6.86 9.24
CA GLU J 163 57.91 -6.83 9.53
C GLU J 163 58.44 -8.25 9.53
N ILE J 164 59.37 -8.54 8.64
CA ILE J 164 59.98 -9.86 8.52
C ILE J 164 61.44 -9.73 8.90
N THR J 165 61.82 -10.31 10.03
CA THR J 165 63.17 -10.23 10.56
C THR J 165 63.66 -11.62 10.92
N LEU J 166 64.94 -11.72 11.22
CA LEU J 166 65.42 -12.99 11.72
C LEU J 166 65.31 -13.03 13.24
N PRO J 167 65.14 -14.22 13.83
CA PRO J 167 65.08 -14.30 15.29
C PRO J 167 66.30 -13.71 15.96
N GLN J 168 67.49 -14.13 15.54
CA GLN J 168 68.77 -13.61 16.03
C GLN J 168 68.78 -12.08 16.18
#